data_5VFB
#
_entry.id   5VFB
#
_cell.length_a   63.385
_cell.length_b   111.712
_cell.length_c   96.954
_cell.angle_alpha   90.00
_cell.angle_beta   100.42
_cell.angle_gamma   90.00
#
_symmetry.space_group_name_H-M   'P 1 21 1'
#
loop_
_entity.id
_entity.type
_entity.pdbx_description
1 polymer 'Malate synthase G'
2 non-polymer 'NICKEL (II) ION'
3 non-polymer 'CHLORIDE ION'
4 non-polymer 'GLYCOLIC ACID'
5 non-polymer 'SODIUM ION'
6 water water
#
_entity_poly.entity_id   1
_entity_poly.type   'polypeptide(L)'
_entity_poly.pdbx_seq_one_letter_code
;SNAMTERVQVGGLQVAKVLFDFVNNEAIPGTGVSADTFWTGAEAVINDLAPKNKALLAKRDELQAKIDGWHQARAGQAHD
AVAYKAFLEEIGYLLPEAEDFQAGTQNVDDEIARMAGPQLVVPVMNARFALNASNARWGSLYDALYGTDVISEEGGAEKG
KGYNKVRGDKVIAFARAFLDEAAPLESGSHVDATSYSVKNGALVVALKNGSETGLKNAGQFLAFQGDAAKPQAVLLKHNG
LHFEIQIDPSSPVGQTDAAGVKDVLMEAALTTIMDCEDSVAAVDADDKVVIYRNWLGLMKGDLAEEVSKGGSTFTRTMNP
DRVYTRADGSELTLHGRSLLFVRNVGHLMTNDAILDKDGNEVPEGIQDGLFTSLIAIHDLNGNTSRKNSRTGSVYIVKPK
MHGPEEAAFTNELFGRVEDVLGLPRNTLKVGIMDEERRTTVNLKACIKAAKDRVVFINTGFLDRTGDEIHTSMEAGAVVR
KGAMKSEKWIGAYENNNVDVGLATGLQGKAQIGKGMWAMPDLMAAMLEQKIGHPLAGANTAWVPSPTAATLHALHYHKVD
VFARQAELAKRTPASVDDILTIPLAPNTNWTAEEIKNEVDNNAQGILGYVVRWIDQGVGCSKVPDINDVGLMEDRATLRI
SSQLLANWLRHGVISQEQVVESLKRMAVVVDRQNASDPSYRPMAPNFDDNVAFQAALELVVEGTRQPNGYTEPVLHRRRR
EFKAKNGL
;
_entity_poly.pdbx_strand_id   A,B
#
# COMPACT_ATOMS: atom_id res chain seq x y z
N THR A 5 10.88 6.43 37.62
CA THR A 5 10.30 6.06 36.29
C THR A 5 11.43 5.42 35.45
N GLU A 6 11.48 4.09 35.52
CA GLU A 6 12.53 3.31 34.90
C GLU A 6 12.42 3.30 33.38
N ARG A 7 13.57 3.36 32.73
CA ARG A 7 13.63 3.27 31.27
C ARG A 7 14.55 2.15 30.85
N VAL A 8 14.33 1.69 29.63
CA VAL A 8 15.10 0.65 29.01
C VAL A 8 15.73 1.28 27.78
N GLN A 9 17.05 1.16 27.67
CA GLN A 9 17.77 1.69 26.53
C GLN A 9 17.68 0.69 25.39
N VAL A 10 17.17 1.17 24.26
N VAL A 10 17.13 1.08 24.25
CA VAL A 10 16.99 0.35 23.08
CA VAL A 10 17.13 0.18 23.08
C VAL A 10 17.60 1.16 21.95
C VAL A 10 17.57 1.04 21.93
N GLY A 11 18.82 0.85 21.53
CA GLY A 11 19.46 1.67 20.50
C GLY A 11 19.62 3.04 21.15
N GLY A 12 19.15 4.08 20.48
CA GLY A 12 19.19 5.42 21.03
C GLY A 12 17.88 5.80 21.75
N LEU A 13 16.91 4.88 21.77
CA LEU A 13 15.63 5.18 22.44
C LEU A 13 15.71 4.86 23.93
N GLN A 14 15.01 5.66 24.74
CA GLN A 14 14.93 5.46 26.18
C GLN A 14 13.44 5.21 26.43
N VAL A 15 13.09 3.93 26.49
CA VAL A 15 11.67 3.54 26.56
C VAL A 15 11.20 3.33 27.99
N ALA A 16 10.09 3.95 28.36
CA ALA A 16 9.50 3.74 29.68
C ALA A 16 9.34 2.24 29.86
N LYS A 17 9.74 1.71 31.01
N LYS A 17 9.75 1.74 31.03
CA LYS A 17 9.72 0.26 31.18
CA LYS A 17 9.72 0.30 31.33
C LYS A 17 8.33 -0.34 31.01
C LYS A 17 8.35 -0.34 31.09
N VAL A 18 7.29 0.34 31.52
CA VAL A 18 5.93 -0.22 31.39
C VAL A 18 5.57 -0.43 29.92
N LEU A 19 6.00 0.49 29.05
CA LEU A 19 5.74 0.37 27.62
C LEU A 19 6.65 -0.70 26.97
N PHE A 20 7.93 -0.69 27.35
CA PHE A 20 8.87 -1.67 26.81
C PHE A 20 8.38 -3.10 27.08
N ASP A 21 8.01 -3.36 28.33
CA ASP A 21 7.52 -4.67 28.72
C ASP A 21 6.23 -5.03 28.00
N PHE A 22 5.31 -4.07 27.89
CA PHE A 22 4.06 -4.31 27.17
C PHE A 22 4.34 -4.70 25.73
N VAL A 23 5.19 -3.95 25.04
CA VAL A 23 5.49 -4.24 23.64
C VAL A 23 6.15 -5.60 23.45
N ASN A 24 7.21 -5.83 24.21
CA ASN A 24 7.95 -7.05 24.04
C ASN A 24 7.25 -8.30 24.54
N ASN A 25 6.47 -8.19 25.61
CA ASN A 25 5.83 -9.38 26.18
C ASN A 25 4.39 -9.60 25.82
N GLU A 26 3.70 -8.55 25.39
CA GLU A 26 2.27 -8.65 25.04
C GLU A 26 1.98 -8.38 23.58
N ALA A 27 2.48 -7.27 23.05
CA ALA A 27 2.16 -6.94 21.65
C ALA A 27 2.90 -7.77 20.61
N ILE A 28 4.19 -7.96 20.78
N ILE A 28 4.21 -7.92 20.80
CA ILE A 28 4.97 -8.66 19.76
CA ILE A 28 5.09 -8.63 19.87
C ILE A 28 4.72 -10.18 19.63
C ILE A 28 4.83 -10.14 19.65
N PRO A 29 4.68 -10.93 20.75
CA PRO A 29 4.52 -12.38 20.58
C PRO A 29 3.28 -12.79 19.79
N GLY A 30 3.49 -13.56 18.73
CA GLY A 30 2.41 -13.97 17.85
C GLY A 30 2.32 -13.17 16.56
N THR A 31 3.07 -12.07 16.44
CA THR A 31 3.07 -11.26 15.22
C THR A 31 4.09 -11.71 14.19
N GLY A 32 5.08 -12.50 14.60
CA GLY A 32 6.14 -12.89 13.69
C GLY A 32 7.19 -11.79 13.50
N VAL A 33 7.00 -10.63 14.16
CA VAL A 33 7.97 -9.54 14.04
C VAL A 33 8.96 -9.67 15.17
N SER A 34 10.24 -9.58 14.83
CA SER A 34 11.32 -9.61 15.79
C SER A 34 11.37 -8.32 16.61
N ALA A 35 11.57 -8.42 17.93
CA ALA A 35 11.69 -7.24 18.77
C ALA A 35 12.86 -6.38 18.31
N ASP A 36 13.99 -6.99 18.00
CA ASP A 36 15.15 -6.21 17.51
C ASP A 36 14.79 -5.45 16.24
N THR A 37 14.15 -6.14 15.31
CA THR A 37 13.75 -5.50 14.05
C THR A 37 12.77 -4.37 14.30
N PHE A 38 11.80 -4.62 15.16
CA PHE A 38 10.81 -3.62 15.48
C PHE A 38 11.44 -2.35 16.04
N TRP A 39 12.27 -2.49 17.09
CA TRP A 39 12.82 -1.33 17.74
C TRP A 39 13.83 -0.58 16.89
N THR A 40 14.65 -1.28 16.12
CA THR A 40 15.60 -0.62 15.22
C THR A 40 14.82 0.20 14.19
N GLY A 41 13.79 -0.42 13.61
CA GLY A 41 12.93 0.25 12.63
C GLY A 41 12.19 1.40 13.23
N ALA A 42 11.61 1.22 14.41
CA ALA A 42 10.88 2.28 15.07
C ALA A 42 11.78 3.49 15.30
N GLU A 43 13.01 3.26 15.75
CA GLU A 43 13.92 4.37 16.00
C GLU A 43 14.25 5.12 14.72
N ALA A 44 14.48 4.40 13.63
CA ALA A 44 14.75 5.07 12.36
C ALA A 44 13.57 5.94 11.93
N VAL A 45 12.33 5.45 12.10
CA VAL A 45 11.15 6.24 11.75
C VAL A 45 11.09 7.49 12.61
N ILE A 46 11.28 7.33 13.92
CA ILE A 46 11.27 8.47 14.84
C ILE A 46 12.34 9.49 14.46
N ASN A 47 13.56 9.03 14.25
CA ASN A 47 14.66 9.96 13.96
C ASN A 47 14.45 10.69 12.65
N ASP A 48 13.91 10.00 11.66
CA ASP A 48 13.69 10.63 10.36
C ASP A 48 12.48 11.56 10.33
N LEU A 49 11.41 11.18 11.01
CA LEU A 49 10.18 11.96 10.90
C LEU A 49 9.94 12.97 11.99
N ALA A 50 10.60 12.84 13.14
CA ALA A 50 10.40 13.83 14.20
C ALA A 50 10.68 15.29 13.78
N PRO A 51 11.80 15.55 13.07
N PRO A 51 11.79 15.54 13.07
CA PRO A 51 12.02 16.94 12.66
CA PRO A 51 12.02 16.93 12.66
C PRO A 51 10.98 17.46 11.65
C PRO A 51 10.99 17.46 11.67
N LYS A 52 10.48 16.59 10.79
CA LYS A 52 9.46 16.97 9.82
C LYS A 52 8.16 17.30 10.55
N ASN A 53 7.85 16.51 11.57
CA ASN A 53 6.68 16.76 12.40
C ASN A 53 6.80 18.15 13.06
N LYS A 54 7.94 18.48 13.66
N LYS A 54 7.96 18.46 13.63
CA LYS A 54 8.10 19.81 14.28
CA LYS A 54 8.21 19.78 14.25
C LYS A 54 7.98 20.93 13.24
C LYS A 54 7.96 20.89 13.24
N ALA A 55 8.51 20.73 12.05
CA ALA A 55 8.39 21.74 11.00
C ALA A 55 6.95 21.98 10.57
N LEU A 56 6.15 20.93 10.50
CA LEU A 56 4.73 21.08 10.14
C LEU A 56 3.98 21.86 11.21
N LEU A 57 4.27 21.58 12.47
CA LEU A 57 3.63 22.28 13.56
C LEU A 57 4.03 23.75 13.60
N ALA A 58 5.28 24.04 13.30
CA ALA A 58 5.73 25.42 13.27
C ALA A 58 5.02 26.18 12.15
N LYS A 59 4.73 25.51 11.04
N LYS A 59 4.75 25.50 11.04
CA LYS A 59 4.08 26.17 9.90
CA LYS A 59 4.08 26.13 9.91
C LYS A 59 2.65 26.54 10.27
C LYS A 59 2.66 26.53 10.27
N ARG A 60 1.98 25.70 11.07
CA ARG A 60 0.64 26.05 11.54
C ARG A 60 0.71 27.37 12.31
N ASP A 61 1.68 27.47 13.21
CA ASP A 61 1.83 28.66 14.03
C ASP A 61 2.13 29.88 13.19
N GLU A 62 2.98 29.74 12.19
N GLU A 62 2.99 29.74 12.18
CA GLU A 62 3.33 30.88 11.34
CA GLU A 62 3.36 30.88 11.33
C GLU A 62 2.14 31.37 10.55
C GLU A 62 2.18 31.37 10.50
N LEU A 63 1.37 30.46 9.99
CA LEU A 63 0.19 30.86 9.21
C LEU A 63 -0.82 31.55 10.11
N GLN A 64 -1.01 31.04 11.33
CA GLN A 64 -1.97 31.64 12.24
C GLN A 64 -1.52 33.04 12.64
N ALA A 65 -0.22 33.20 12.90
CA ALA A 65 0.29 34.55 13.24
C ALA A 65 0.08 35.53 12.07
N LYS A 66 0.27 35.05 10.84
N LYS A 66 0.27 35.08 10.83
CA LYS A 66 0.04 35.87 9.67
CA LYS A 66 0.04 35.97 9.69
C LYS A 66 -1.42 36.35 9.60
C LYS A 66 -1.44 36.38 9.61
N ILE A 67 -2.34 35.42 9.83
CA ILE A 67 -3.77 35.74 9.82
C ILE A 67 -4.12 36.71 10.95
N ASP A 68 -3.63 36.44 12.16
CA ASP A 68 -3.88 37.33 13.29
C ASP A 68 -3.45 38.77 12.92
N GLY A 69 -2.26 38.91 12.34
CA GLY A 69 -1.73 40.21 11.97
C GLY A 69 -2.54 40.92 10.90
N TRP A 70 -3.06 40.15 9.95
CA TRP A 70 -3.90 40.68 8.88
C TRP A 70 -5.16 41.32 9.47
N HIS A 71 -5.83 40.60 10.38
CA HIS A 71 -7.01 41.17 11.03
C HIS A 71 -6.68 42.37 11.92
N GLN A 72 -5.58 42.29 12.66
CA GLN A 72 -5.21 43.38 13.56
C GLN A 72 -4.98 44.67 12.79
N ALA A 73 -4.38 44.58 11.61
CA ALA A 73 -4.13 45.77 10.79
C ALA A 73 -5.39 46.37 10.20
N ARG A 74 -6.50 45.66 10.34
CA ARG A 74 -7.80 46.10 9.79
C ARG A 74 -8.86 46.21 10.88
N ALA A 75 -8.43 46.39 12.13
CA ALA A 75 -9.39 46.52 13.24
C ALA A 75 -10.32 47.70 12.99
N GLY A 76 -11.60 47.49 13.23
CA GLY A 76 -12.60 48.56 13.02
C GLY A 76 -13.11 48.68 11.59
N GLN A 77 -12.46 47.99 10.65
CA GLN A 77 -12.86 48.00 9.26
C GLN A 77 -13.71 46.77 9.00
N ALA A 78 -14.72 46.91 8.15
CA ALA A 78 -15.57 45.77 7.80
C ALA A 78 -14.69 44.77 7.07
N HIS A 79 -14.94 43.49 7.31
CA HIS A 79 -14.16 42.43 6.68
C HIS A 79 -14.23 42.49 5.15
N ASP A 80 -13.06 42.56 4.52
CA ASP A 80 -12.92 42.61 3.06
C ASP A 80 -12.63 41.20 2.57
N ALA A 81 -13.69 40.50 2.15
CA ALA A 81 -13.58 39.12 1.71
C ALA A 81 -12.63 38.94 0.52
N VAL A 82 -12.64 39.88 -0.42
CA VAL A 82 -11.76 39.76 -1.60
C VAL A 82 -10.28 39.87 -1.21
N ALA A 83 -9.94 40.86 -0.40
CA ALA A 83 -8.56 41.01 0.04
C ALA A 83 -8.14 39.80 0.89
N TYR A 84 -9.04 39.35 1.74
CA TYR A 84 -8.74 38.21 2.59
C TYR A 84 -8.43 36.94 1.81
N LYS A 85 -9.25 36.64 0.81
CA LYS A 85 -9.01 35.44 0.02
C LYS A 85 -7.66 35.54 -0.71
N ALA A 86 -7.36 36.71 -1.29
CA ALA A 86 -6.07 36.88 -1.97
C ALA A 86 -4.89 36.68 -1.00
N PHE A 87 -5.07 37.14 0.23
N PHE A 87 -5.08 37.16 0.23
CA PHE A 87 -4.05 36.98 1.27
CA PHE A 87 -4.09 37.00 1.29
C PHE A 87 -3.84 35.49 1.62
C PHE A 87 -3.86 35.53 1.65
N LEU A 88 -4.94 34.76 1.81
CA LEU A 88 -4.80 33.33 2.10
C LEU A 88 -4.07 32.59 0.95
N GLU A 89 -4.31 33.04 -0.29
CA GLU A 89 -3.60 32.44 -1.41
C GLU A 89 -2.13 32.83 -1.40
N GLU A 90 -1.86 34.11 -1.14
CA GLU A 90 -0.47 34.61 -1.11
C GLU A 90 0.40 33.86 -0.11
N ILE A 91 -0.13 33.63 1.09
CA ILE A 91 0.64 32.98 2.15
C ILE A 91 0.72 31.45 2.05
N GLY A 92 0.02 30.84 1.08
CA GLY A 92 0.07 29.39 0.92
C GLY A 92 -0.93 28.64 1.80
N TYR A 93 -1.92 29.33 2.33
CA TYR A 93 -2.94 28.69 3.15
C TYR A 93 -3.98 28.03 2.23
N LEU A 94 -4.49 28.81 1.28
CA LEU A 94 -5.45 28.35 0.28
C LEU A 94 -4.65 28.06 -0.99
N LEU A 95 -4.52 26.78 -1.34
CA LEU A 95 -3.76 26.36 -2.50
C LEU A 95 -4.63 26.09 -3.71
N PRO A 96 -4.03 26.13 -4.91
CA PRO A 96 -4.83 25.79 -6.07
C PRO A 96 -5.47 24.41 -5.96
N GLU A 97 -6.67 24.29 -6.49
CA GLU A 97 -7.40 23.05 -6.45
C GLU A 97 -6.62 21.96 -7.18
N ALA A 98 -6.52 20.78 -6.58
CA ALA A 98 -5.82 19.66 -7.18
C ALA A 98 -6.48 19.25 -8.49
N GLU A 99 -5.67 18.70 -9.38
CA GLU A 99 -6.17 18.18 -10.65
C GLU A 99 -7.06 16.95 -10.38
N ASP A 100 -8.04 16.74 -11.26
CA ASP A 100 -8.97 15.62 -11.15
C ASP A 100 -8.23 14.29 -11.05
N PHE A 101 -8.76 13.39 -10.23
CA PHE A 101 -8.20 12.06 -10.05
C PHE A 101 -9.29 11.18 -9.46
N GLN A 102 -9.04 9.88 -9.47
CA GLN A 102 -9.92 8.89 -8.83
C GLN A 102 -9.08 8.11 -7.84
N ALA A 103 -9.53 8.02 -6.57
CA ALA A 103 -8.80 7.31 -5.53
C ALA A 103 -8.58 5.89 -5.95
N GLY A 104 -7.46 5.33 -5.49
CA GLY A 104 -7.09 3.97 -5.87
C GLY A 104 -7.14 2.88 -4.83
N THR A 105 -7.65 3.20 -3.65
CA THR A 105 -7.65 2.24 -2.55
C THR A 105 -8.32 0.94 -2.91
N GLN A 106 -7.66 -0.16 -2.58
N GLN A 106 -7.68 -0.16 -2.52
CA GLN A 106 -8.18 -1.50 -2.78
CA GLN A 106 -8.21 -1.49 -2.75
C GLN A 106 -8.11 -2.29 -1.49
C GLN A 106 -8.12 -2.30 -1.48
N ASN A 107 -8.68 -3.51 -1.51
CA ASN A 107 -8.67 -4.42 -0.34
C ASN A 107 -9.39 -3.82 0.86
N VAL A 108 -10.55 -3.24 0.59
CA VAL A 108 -11.35 -2.60 1.62
C VAL A 108 -12.53 -3.49 1.96
N ASP A 109 -12.77 -3.66 3.25
CA ASP A 109 -13.89 -4.49 3.72
C ASP A 109 -15.25 -3.93 3.28
N ASP A 110 -16.20 -4.84 3.12
CA ASP A 110 -17.55 -4.49 2.67
C ASP A 110 -18.23 -3.44 3.51
N GLU A 111 -18.01 -3.50 4.83
CA GLU A 111 -18.69 -2.59 5.74
C GLU A 111 -18.36 -1.13 5.46
N ILE A 112 -17.18 -0.89 4.90
CA ILE A 112 -16.73 0.46 4.56
C ILE A 112 -17.04 0.82 3.13
N ALA A 113 -16.69 -0.09 2.22
CA ALA A 113 -16.72 0.21 0.79
C ALA A 113 -18.06 0.02 0.11
N ARG A 114 -18.92 -0.86 0.63
CA ARG A 114 -20.14 -1.25 -0.08
C ARG A 114 -21.41 -1.15 0.69
N MET A 115 -21.34 -0.75 1.95
CA MET A 115 -22.54 -0.64 2.80
C MET A 115 -22.70 0.76 3.34
N ALA A 116 -23.93 1.11 3.66
CA ALA A 116 -24.25 2.39 4.28
C ALA A 116 -24.91 2.08 5.63
N GLY A 117 -24.39 2.65 6.69
CA GLY A 117 -25.00 2.43 8.01
C GLY A 117 -24.21 3.15 9.09
N PRO A 118 -24.67 3.08 10.35
CA PRO A 118 -24.04 3.80 11.46
C PRO A 118 -22.60 3.43 11.76
N GLN A 119 -21.85 4.41 12.29
CA GLN A 119 -20.47 4.23 12.72
C GLN A 119 -20.42 4.69 14.16
N LEU A 120 -20.08 3.77 15.05
CA LEU A 120 -20.02 4.03 16.49
C LEU A 120 -18.61 4.45 16.87
N VAL A 121 -18.49 5.43 17.77
CA VAL A 121 -17.18 5.88 18.27
C VAL A 121 -17.20 5.72 19.77
N VAL A 122 -16.17 5.08 20.30
N VAL A 122 -16.22 5.04 20.33
CA VAL A 122 -16.08 4.73 21.72
CA VAL A 122 -16.14 4.88 21.80
C VAL A 122 -14.65 4.87 22.25
C VAL A 122 -14.70 4.96 22.25
N PRO A 123 -14.48 5.33 23.52
CA PRO A 123 -13.13 5.39 24.08
C PRO A 123 -12.57 4.00 24.27
N VAL A 124 -11.43 3.71 23.65
CA VAL A 124 -10.88 2.35 23.75
C VAL A 124 -10.29 2.08 25.12
N MET A 125 -10.08 3.13 25.92
CA MET A 125 -9.53 3.00 27.27
C MET A 125 -10.54 2.33 28.20
N ASN A 126 -11.82 2.34 27.82
CA ASN A 126 -12.87 1.73 28.62
C ASN A 126 -13.21 0.39 27.97
N ALA A 127 -12.72 -0.68 28.59
CA ALA A 127 -12.91 -2.01 28.05
C ALA A 127 -14.37 -2.42 27.95
N ARG A 128 -15.19 -2.00 28.91
CA ARG A 128 -16.63 -2.32 28.87
C ARG A 128 -17.28 -1.68 27.65
N PHE A 129 -17.05 -0.38 27.46
CA PHE A 129 -17.63 0.29 26.32
C PHE A 129 -17.09 -0.28 25.00
N ALA A 130 -15.80 -0.61 24.97
CA ALA A 130 -15.21 -1.16 23.75
C ALA A 130 -15.85 -2.49 23.40
N LEU A 131 -16.05 -3.32 24.42
N LEU A 131 -16.05 -3.35 24.40
CA LEU A 131 -16.67 -4.61 24.22
CA LEU A 131 -16.70 -4.65 24.15
C LEU A 131 -18.09 -4.47 23.68
C LEU A 131 -18.12 -4.49 23.65
N ASN A 132 -18.88 -3.61 24.29
CA ASN A 132 -20.24 -3.39 23.85
C ASN A 132 -20.27 -2.85 22.41
N ALA A 133 -19.27 -2.03 22.06
CA ALA A 133 -19.19 -1.49 20.68
C ALA A 133 -18.84 -2.58 19.66
N SER A 134 -17.92 -3.45 20.02
CA SER A 134 -17.59 -4.59 19.16
C SER A 134 -18.86 -5.40 18.86
N ASN A 135 -19.67 -5.62 19.89
CA ASN A 135 -20.88 -6.40 19.75
C ASN A 135 -22.08 -5.66 19.18
N ALA A 136 -21.94 -4.36 18.97
CA ALA A 136 -23.03 -3.49 18.49
C ALA A 136 -23.39 -3.65 17.03
N ARG A 137 -22.67 -4.51 16.32
CA ARG A 137 -23.05 -4.84 14.92
C ARG A 137 -24.48 -5.34 14.82
N TRP A 138 -24.95 -6.02 15.87
CA TRP A 138 -26.33 -6.55 15.90
C TRP A 138 -26.98 -6.01 17.15
N GLY A 139 -28.10 -5.31 16.99
CA GLY A 139 -28.78 -4.69 18.13
C GLY A 139 -30.26 -5.00 18.14
N SER A 140 -30.78 -5.21 19.35
CA SER A 140 -32.19 -5.44 19.55
C SER A 140 -33.00 -4.17 19.31
N LEU A 141 -33.90 -4.19 18.32
CA LEU A 141 -34.77 -3.04 18.09
C LEU A 141 -35.76 -2.88 19.26
N TYR A 142 -36.26 -3.99 19.79
CA TYR A 142 -37.24 -3.87 20.88
C TYR A 142 -36.60 -3.23 22.09
N ASP A 143 -35.37 -3.58 22.41
N ASP A 143 -35.35 -3.58 22.40
CA ASP A 143 -34.73 -2.98 23.59
CA ASP A 143 -34.66 -2.99 23.55
C ASP A 143 -34.42 -1.50 23.35
C ASP A 143 -34.46 -1.51 23.34
N ALA A 144 -34.01 -1.15 22.13
CA ALA A 144 -33.75 0.24 21.81
C ALA A 144 -35.01 1.09 21.89
N LEU A 145 -36.14 0.53 21.49
CA LEU A 145 -37.42 1.26 21.55
C LEU A 145 -37.97 1.33 22.97
N TYR A 146 -38.00 0.19 23.65
CA TYR A 146 -38.57 0.15 24.99
C TYR A 146 -37.76 1.00 25.97
N GLY A 147 -36.44 0.99 25.82
CA GLY A 147 -35.58 1.66 26.75
C GLY A 147 -35.27 3.12 26.53
N THR A 148 -35.83 3.73 25.49
CA THR A 148 -35.52 5.12 25.18
C THR A 148 -36.79 5.91 25.03
N ASP A 149 -36.64 7.19 24.80
CA ASP A 149 -37.78 8.06 24.63
C ASP A 149 -38.41 8.01 23.22
N VAL A 150 -37.94 7.11 22.35
CA VAL A 150 -38.57 6.97 21.02
C VAL A 150 -40.04 6.61 21.20
N ILE A 151 -40.31 5.73 22.17
CA ILE A 151 -41.69 5.32 22.50
C ILE A 151 -42.10 6.18 23.70
N SER A 152 -43.14 6.97 23.51
CA SER A 152 -43.62 7.83 24.55
C SER A 152 -44.15 7.04 25.75
N GLU A 153 -44.02 7.61 26.94
CA GLU A 153 -44.59 7.00 28.13
C GLU A 153 -46.05 7.38 28.35
N GLU A 154 -46.61 8.25 27.50
CA GLU A 154 -48.01 8.65 27.65
C GLU A 154 -48.96 7.47 27.51
N GLY A 155 -50.13 7.61 28.10
CA GLY A 155 -51.15 6.58 28.00
C GLY A 155 -50.86 5.31 28.76
N GLY A 156 -50.19 5.45 29.90
CA GLY A 156 -49.87 4.29 30.71
C GLY A 156 -48.77 3.42 30.17
N ALA A 157 -47.88 4.03 29.39
CA ALA A 157 -46.79 3.29 28.76
C ALA A 157 -45.43 3.56 29.42
N GLU A 158 -45.43 3.79 30.73
N GLU A 158 -45.44 3.76 30.74
CA GLU A 158 -44.17 4.03 31.45
CA GLU A 158 -44.21 3.99 31.48
C GLU A 158 -43.32 2.75 31.42
C GLU A 158 -43.33 2.74 31.39
N LYS A 159 -42.00 2.91 31.50
CA LYS A 159 -41.11 1.75 31.43
C LYS A 159 -41.33 0.76 32.57
N GLY A 160 -41.42 1.29 33.78
CA GLY A 160 -41.65 0.47 34.98
C GLY A 160 -40.47 -0.38 35.41
N LYS A 161 -40.71 -1.22 36.41
CA LYS A 161 -39.69 -2.14 36.91
C LYS A 161 -39.65 -3.45 36.13
N GLY A 162 -40.86 -3.95 35.83
N GLY A 162 -40.81 -3.92 35.66
CA GLY A 162 -41.06 -5.17 35.06
CA GLY A 162 -40.89 -5.18 34.87
C GLY A 162 -41.73 -4.75 33.78
C GLY A 162 -41.17 -4.94 33.40
N TYR A 163 -41.86 -5.70 32.85
N TYR A 163 -42.12 -5.68 32.85
CA TYR A 163 -42.47 -5.44 31.56
CA TYR A 163 -42.52 -5.51 31.45
C TYR A 163 -43.84 -4.82 31.68
C TYR A 163 -43.91 -4.96 31.44
N ASN A 164 -44.04 -3.73 30.94
CA ASN A 164 -45.34 -3.06 30.87
C ASN A 164 -45.88 -3.38 29.48
N LYS A 165 -46.91 -4.21 29.43
CA LYS A 165 -47.51 -4.63 28.15
C LYS A 165 -48.01 -3.46 27.30
N VAL A 166 -48.51 -2.41 27.92
CA VAL A 166 -48.98 -1.25 27.15
C VAL A 166 -47.81 -0.65 26.37
N ARG A 167 -46.65 -0.51 27.01
CA ARG A 167 -45.46 -0.01 26.35
C ARG A 167 -44.95 -1.04 25.34
N GLY A 168 -44.93 -2.30 25.76
CA GLY A 168 -44.47 -3.36 24.87
C GLY A 168 -45.26 -3.46 23.57
N ASP A 169 -46.57 -3.27 23.65
CA ASP A 169 -47.40 -3.33 22.45
C ASP A 169 -47.09 -2.18 21.52
N LYS A 170 -46.72 -1.03 22.08
CA LYS A 170 -46.33 0.11 21.24
C LYS A 170 -45.03 -0.20 20.51
N VAL A 171 -44.11 -0.87 21.20
CA VAL A 171 -42.83 -1.30 20.64
C VAL A 171 -43.09 -2.25 19.47
N ILE A 172 -43.96 -3.24 19.72
CA ILE A 172 -44.34 -4.21 18.70
C ILE A 172 -44.92 -3.50 17.47
N ALA A 173 -45.83 -2.54 17.71
CA ALA A 173 -46.47 -1.83 16.62
C ALA A 173 -45.45 -1.05 15.80
N PHE A 174 -44.51 -0.38 16.49
CA PHE A 174 -43.47 0.38 15.79
C PHE A 174 -42.67 -0.57 14.89
N ALA A 175 -42.27 -1.72 15.45
CA ALA A 175 -41.45 -2.67 14.69
C ALA A 175 -42.24 -3.27 13.51
N ARG A 176 -43.54 -3.50 13.66
CA ARG A 176 -44.33 -3.98 12.52
C ARG A 176 -44.40 -2.96 11.40
N ALA A 177 -44.50 -1.69 11.77
CA ALA A 177 -44.52 -0.61 10.78
C ALA A 177 -43.18 -0.60 10.05
N PHE A 178 -42.09 -0.81 10.80
CA PHE A 178 -40.76 -0.90 10.19
C PHE A 178 -40.71 -2.06 9.18
N LEU A 179 -41.24 -3.21 9.56
CA LEU A 179 -41.22 -4.37 8.67
C LEU A 179 -42.03 -4.11 7.41
N ASP A 180 -43.15 -3.39 7.52
CA ASP A 180 -43.93 -3.04 6.32
C ASP A 180 -43.16 -2.10 5.37
N GLU A 181 -42.33 -1.23 5.94
N GLU A 181 -42.33 -1.22 5.93
CA GLU A 181 -41.51 -0.31 5.16
CA GLU A 181 -41.56 -0.29 5.10
C GLU A 181 -40.36 -1.02 4.48
C GLU A 181 -40.32 -0.96 4.49
N ALA A 182 -39.61 -1.78 5.28
CA ALA A 182 -38.38 -2.41 4.85
C ALA A 182 -38.51 -3.76 4.21
N ALA A 183 -39.61 -4.47 4.47
CA ALA A 183 -39.81 -5.79 3.88
C ALA A 183 -41.27 -5.89 3.44
N PRO A 184 -41.68 -5.01 2.52
CA PRO A 184 -43.09 -4.97 2.12
C PRO A 184 -43.57 -6.28 1.52
N LEU A 185 -44.78 -6.66 1.92
CA LEU A 185 -45.43 -7.86 1.43
C LEU A 185 -46.26 -7.53 0.20
N GLU A 186 -46.42 -8.53 -0.66
CA GLU A 186 -47.19 -8.37 -1.89
C GLU A 186 -48.65 -8.00 -1.63
N SER A 187 -49.24 -8.53 -0.57
N SER A 187 -49.29 -8.67 -0.67
CA SER A 187 -50.57 -8.13 -0.15
CA SER A 187 -50.70 -8.43 -0.40
C SER A 187 -50.60 -8.12 1.37
C SER A 187 -51.01 -8.61 1.08
N GLY A 188 -51.35 -7.20 1.95
N GLY A 188 -50.77 -7.55 1.86
CA GLY A 188 -51.44 -7.14 3.39
CA GLY A 188 -51.05 -7.58 3.28
C GLY A 188 -50.26 -6.51 4.10
C GLY A 188 -49.98 -6.87 4.08
N SER A 189 -50.21 -6.80 5.39
CA SER A 189 -49.25 -6.17 6.31
C SER A 189 -48.71 -7.16 7.35
N HIS A 190 -47.47 -6.94 7.76
CA HIS A 190 -46.87 -7.74 8.82
C HIS A 190 -47.65 -7.64 10.13
N VAL A 191 -48.40 -6.57 10.31
CA VAL A 191 -49.23 -6.43 11.50
C VAL A 191 -50.19 -7.61 11.65
N ASP A 192 -50.64 -8.14 10.50
CA ASP A 192 -51.60 -9.24 10.47
C ASP A 192 -51.00 -10.62 10.29
N ALA A 193 -49.68 -10.73 10.45
CA ALA A 193 -49.06 -12.04 10.33
C ALA A 193 -49.49 -13.01 11.43
N THR A 194 -49.70 -14.27 11.05
CA THR A 194 -49.94 -15.31 12.07
C THR A 194 -48.74 -16.29 12.10
N SER A 195 -47.94 -16.34 11.03
CA SER A 195 -46.73 -17.16 11.02
C SER A 195 -45.84 -16.79 9.86
N TYR A 196 -44.55 -17.02 10.08
CA TYR A 196 -43.52 -16.87 9.08
C TYR A 196 -42.96 -18.26 8.85
N SER A 197 -42.77 -18.65 7.60
CA SER A 197 -42.18 -19.94 7.25
C SER A 197 -41.45 -19.80 5.94
N VAL A 198 -40.66 -20.84 5.61
CA VAL A 198 -39.85 -20.87 4.38
C VAL A 198 -40.34 -22.04 3.56
N LYS A 199 -40.80 -21.77 2.34
CA LYS A 199 -41.31 -22.83 1.43
C LYS A 199 -40.87 -22.47 0.03
N ASN A 200 -40.41 -23.48 -0.71
CA ASN A 200 -39.98 -23.29 -2.10
C ASN A 200 -38.91 -22.20 -2.25
N GLY A 201 -38.06 -22.04 -1.24
CA GLY A 201 -36.99 -21.07 -1.27
C GLY A 201 -37.35 -19.63 -0.97
N ALA A 202 -38.59 -19.42 -0.52
CA ALA A 202 -39.08 -18.07 -0.24
C ALA A 202 -39.77 -17.97 1.11
N LEU A 203 -39.79 -16.75 1.62
CA LEU A 203 -40.52 -16.42 2.83
C LEU A 203 -42.01 -16.43 2.51
N VAL A 204 -42.79 -17.13 3.34
CA VAL A 204 -44.23 -17.15 3.26
C VAL A 204 -44.78 -16.60 4.58
N VAL A 205 -45.66 -15.63 4.47
CA VAL A 205 -46.32 -15.02 5.63
C VAL A 205 -47.79 -15.36 5.61
N ALA A 206 -48.24 -16.14 6.59
CA ALA A 206 -49.66 -16.43 6.74
C ALA A 206 -50.30 -15.23 7.40
N LEU A 207 -51.50 -14.86 6.95
CA LEU A 207 -52.19 -13.68 7.48
C LEU A 207 -53.43 -14.11 8.23
N LYS A 208 -53.88 -13.27 9.15
CA LYS A 208 -55.01 -13.64 9.99
C LYS A 208 -56.30 -13.85 9.21
N ASN A 209 -56.43 -13.28 8.01
CA ASN A 209 -57.67 -13.51 7.21
C ASN A 209 -57.69 -14.91 6.54
N GLY A 210 -56.67 -15.73 6.79
CA GLY A 210 -56.60 -17.08 6.23
C GLY A 210 -55.83 -17.19 4.92
N SER A 211 -55.39 -16.06 4.39
CA SER A 211 -54.60 -16.08 3.16
C SER A 211 -53.13 -16.14 3.53
N GLU A 212 -52.31 -16.24 2.49
N GLU A 212 -52.27 -16.30 2.51
CA GLU A 212 -50.87 -16.22 2.63
CA GLU A 212 -50.82 -16.28 2.69
C GLU A 212 -50.33 -15.21 1.64
C GLU A 212 -50.25 -15.39 1.60
N THR A 213 -49.14 -14.71 1.92
CA THR A 213 -48.49 -13.79 1.00
C THR A 213 -46.99 -13.94 1.14
N GLY A 214 -46.27 -13.21 0.33
CA GLY A 214 -44.82 -13.23 0.38
C GLY A 214 -44.31 -11.82 0.17
N LEU A 215 -43.00 -11.69 0.05
CA LEU A 215 -42.40 -10.39 -0.19
C LEU A 215 -42.64 -9.90 -1.62
N LYS A 216 -42.79 -8.58 -1.77
CA LYS A 216 -42.85 -7.96 -3.08
C LYS A 216 -41.57 -8.30 -3.83
N ASN A 217 -40.44 -8.29 -3.13
CA ASN A 217 -39.15 -8.71 -3.69
C ASN A 217 -38.65 -9.86 -2.87
N ALA A 218 -38.83 -11.08 -3.37
CA ALA A 218 -38.45 -12.28 -2.65
C ALA A 218 -36.97 -12.35 -2.37
N GLY A 219 -36.19 -11.60 -3.13
CA GLY A 219 -34.74 -11.55 -2.95
C GLY A 219 -34.32 -10.95 -1.63
N GLN A 220 -35.23 -10.28 -0.95
CA GLN A 220 -34.92 -9.70 0.37
C GLN A 220 -34.71 -10.80 1.41
N PHE A 221 -35.33 -11.97 1.20
CA PHE A 221 -35.17 -13.09 2.13
C PHE A 221 -33.90 -13.83 1.80
N LEU A 222 -33.08 -14.09 2.82
CA LEU A 222 -31.82 -14.76 2.62
C LEU A 222 -31.69 -16.13 3.25
N ALA A 223 -32.13 -16.29 4.47
CA ALA A 223 -31.87 -17.49 5.24
C ALA A 223 -32.67 -17.49 6.52
N PHE A 224 -32.54 -18.54 7.30
CA PHE A 224 -33.26 -18.67 8.55
C PHE A 224 -32.45 -19.45 9.56
N GLN A 225 -32.91 -19.45 10.80
CA GLN A 225 -32.33 -20.29 11.86
C GLN A 225 -33.43 -21.19 12.35
N GLY A 226 -33.07 -22.43 12.64
CA GLY A 226 -33.99 -23.42 13.14
C GLY A 226 -34.64 -24.24 12.05
N ASP A 227 -35.91 -24.52 12.21
CA ASP A 227 -36.68 -25.36 11.31
C ASP A 227 -37.41 -24.50 10.26
N ALA A 228 -37.26 -24.81 8.97
CA ALA A 228 -37.86 -24.03 7.89
C ALA A 228 -39.37 -23.79 8.01
N ALA A 229 -40.08 -24.75 8.61
CA ALA A 229 -41.52 -24.63 8.77
C ALA A 229 -41.93 -23.73 9.93
N LYS A 230 -41.00 -23.42 10.81
CA LYS A 230 -41.30 -22.59 12.01
C LYS A 230 -39.99 -21.98 12.47
N PRO A 231 -39.38 -21.14 11.64
CA PRO A 231 -38.05 -20.64 11.98
C PRO A 231 -37.98 -19.82 13.25
N GLN A 232 -36.86 -19.98 13.95
CA GLN A 232 -36.52 -19.20 15.14
C GLN A 232 -36.12 -17.79 14.70
N ALA A 233 -35.61 -17.66 13.48
CA ALA A 233 -35.23 -16.35 12.96
C ALA A 233 -35.33 -16.38 11.46
N VAL A 234 -35.79 -15.27 10.88
CA VAL A 234 -35.84 -15.07 9.45
C VAL A 234 -34.89 -13.93 9.14
N LEU A 235 -33.90 -14.16 8.28
CA LEU A 235 -32.93 -13.15 7.92
C LEU A 235 -33.31 -12.46 6.62
N LEU A 236 -33.46 -11.15 6.69
CA LEU A 236 -33.83 -10.30 5.56
C LEU A 236 -32.76 -9.24 5.33
N LYS A 237 -32.78 -8.65 4.13
N LYS A 237 -32.75 -8.67 4.13
CA LYS A 237 -31.85 -7.60 3.74
CA LYS A 237 -31.88 -7.56 3.82
C LYS A 237 -32.60 -6.50 3.00
C LYS A 237 -32.71 -6.49 3.13
N HIS A 238 -32.30 -5.23 3.32
CA HIS A 238 -32.95 -4.08 2.70
C HIS A 238 -31.92 -2.96 2.66
N ASN A 239 -31.74 -2.34 1.50
CA ASN A 239 -30.71 -1.30 1.35
C ASN A 239 -29.33 -1.79 1.82
N GLY A 240 -29.06 -3.06 1.56
CA GLY A 240 -27.80 -3.68 1.92
C GLY A 240 -27.62 -4.05 3.38
N LEU A 241 -28.56 -3.64 4.24
CA LEU A 241 -28.48 -3.91 5.68
C LEU A 241 -29.38 -5.06 6.07
N HIS A 242 -28.89 -5.92 6.94
CA HIS A 242 -29.66 -7.06 7.38
C HIS A 242 -30.48 -6.76 8.61
N PHE A 243 -31.49 -7.61 8.80
CA PHE A 243 -32.26 -7.62 10.03
C PHE A 243 -32.90 -8.98 10.16
N GLU A 244 -33.13 -9.42 11.39
CA GLU A 244 -33.82 -10.68 11.65
C GLU A 244 -35.16 -10.41 12.28
N ILE A 245 -36.15 -11.20 11.85
CA ILE A 245 -37.39 -11.27 12.60
C ILE A 245 -37.14 -12.47 13.51
N GLN A 246 -37.09 -12.26 14.81
CA GLN A 246 -36.84 -13.33 15.80
C GLN A 246 -38.17 -13.83 16.32
N ILE A 247 -38.31 -15.14 16.36
CA ILE A 247 -39.58 -15.77 16.69
C ILE A 247 -39.44 -16.81 17.77
N ASP A 248 -40.27 -16.69 18.80
CA ASP A 248 -40.34 -17.68 19.87
C ASP A 248 -41.68 -17.51 20.57
N PRO A 249 -42.67 -18.34 20.19
CA PRO A 249 -43.98 -18.20 20.82
C PRO A 249 -44.01 -18.50 22.31
N SER A 250 -42.95 -19.10 22.86
CA SER A 250 -42.89 -19.44 24.30
C SER A 250 -42.25 -18.33 25.13
N SER A 251 -41.61 -17.37 24.47
CA SER A 251 -40.95 -16.28 25.15
C SER A 251 -41.95 -15.29 25.74
N PRO A 252 -41.54 -14.52 26.76
CA PRO A 252 -42.48 -13.58 27.34
C PRO A 252 -43.12 -12.63 26.31
N VAL A 253 -42.33 -12.05 25.43
CA VAL A 253 -42.89 -11.16 24.40
C VAL A 253 -43.60 -11.95 23.31
N GLY A 254 -43.01 -13.08 22.90
CA GLY A 254 -43.62 -13.87 21.84
C GLY A 254 -45.00 -14.41 22.15
N GLN A 255 -45.24 -14.67 23.44
CA GLN A 255 -46.55 -15.15 23.91
C GLN A 255 -47.65 -14.10 23.71
N THR A 256 -47.24 -12.84 23.54
CA THR A 256 -48.20 -11.73 23.34
C THR A 256 -48.36 -11.33 21.88
N ASP A 257 -47.70 -12.05 20.97
CA ASP A 257 -47.67 -11.73 19.57
C ASP A 257 -48.32 -12.84 18.74
N ALA A 258 -49.22 -12.48 17.83
CA ALA A 258 -49.94 -13.48 17.02
C ALA A 258 -49.05 -14.40 16.19
N ALA A 259 -47.87 -13.92 15.77
CA ALA A 259 -46.95 -14.76 14.99
C ALA A 259 -45.78 -15.26 15.83
N GLY A 260 -45.85 -15.03 17.16
CA GLY A 260 -44.77 -15.41 18.06
C GLY A 260 -43.49 -14.58 17.96
N VAL A 261 -43.56 -13.42 17.29
CA VAL A 261 -42.38 -12.57 17.16
C VAL A 261 -41.95 -12.05 18.51
N LYS A 262 -40.67 -12.15 18.82
CA LYS A 262 -40.16 -11.64 20.08
C LYS A 262 -39.21 -10.44 19.94
N ASP A 263 -38.72 -10.15 18.73
CA ASP A 263 -37.81 -9.02 18.51
C ASP A 263 -37.49 -8.91 17.04
N VAL A 264 -36.91 -7.79 16.67
CA VAL A 264 -36.30 -7.57 15.37
C VAL A 264 -34.85 -7.22 15.70
N LEU A 265 -33.93 -8.01 15.18
CA LEU A 265 -32.50 -7.77 15.42
C LEU A 265 -31.96 -6.99 14.23
N MET A 266 -31.45 -5.80 14.48
CA MET A 266 -30.96 -4.92 13.43
C MET A 266 -29.47 -5.01 13.24
N GLU A 267 -29.04 -5.06 11.99
CA GLU A 267 -27.62 -4.87 11.70
C GLU A 267 -27.50 -3.37 11.92
N ALA A 268 -26.61 -3.00 12.82
CA ALA A 268 -26.55 -1.66 13.35
C ALA A 268 -25.19 -0.97 13.20
N ALA A 269 -24.29 -1.12 14.17
CA ALA A 269 -22.96 -0.49 14.06
C ALA A 269 -22.10 -1.31 13.11
N LEU A 270 -22.13 -0.98 11.83
CA LEU A 270 -21.34 -1.70 10.86
C LEU A 270 -19.86 -1.60 11.16
N THR A 271 -19.47 -0.39 11.58
CA THR A 271 -18.10 -0.09 11.91
C THR A 271 -18.07 0.66 13.23
N THR A 272 -16.95 0.50 13.92
CA THR A 272 -16.70 1.17 15.18
C THR A 272 -15.29 1.76 15.14
N ILE A 273 -15.19 3.00 15.59
CA ILE A 273 -13.90 3.66 15.76
C ILE A 273 -13.52 3.53 17.25
N MET A 274 -12.49 2.72 17.50
CA MET A 274 -11.92 2.53 18.85
C MET A 274 -11.00 3.72 19.04
N ASP A 275 -11.42 4.65 19.89
CA ASP A 275 -10.77 5.95 19.96
C ASP A 275 -9.63 6.03 20.93
N CYS A 276 -8.47 6.49 20.46
CA CYS A 276 -7.31 6.80 21.31
C CYS A 276 -7.14 8.31 21.43
N GLU A 277 -8.06 9.07 20.83
CA GLU A 277 -7.90 10.52 20.75
C GLU A 277 -8.86 11.30 21.66
N ASP A 278 -9.85 11.98 21.09
CA ASP A 278 -10.60 12.96 21.87
C ASP A 278 -11.48 12.49 22.98
N SER A 279 -11.79 11.20 23.02
CA SER A 279 -12.64 10.68 24.08
C SER A 279 -11.87 9.98 25.21
N VAL A 280 -10.53 9.97 25.16
CA VAL A 280 -9.75 9.35 26.22
C VAL A 280 -8.75 10.33 26.81
N ALA A 281 -8.33 10.08 28.05
CA ALA A 281 -7.31 10.87 28.73
C ALA A 281 -6.11 9.95 28.95
N ALA A 282 -5.03 10.17 28.20
CA ALA A 282 -3.82 9.33 28.33
C ALA A 282 -2.62 10.22 28.16
N VAL A 283 -1.90 10.43 29.27
CA VAL A 283 -0.84 11.44 29.30
C VAL A 283 0.55 10.93 29.56
N ASP A 284 0.71 9.63 29.73
CA ASP A 284 2.00 9.02 30.05
C ASP A 284 2.00 7.57 29.61
N ALA A 285 3.13 6.91 29.79
CA ALA A 285 3.28 5.53 29.35
C ALA A 285 2.28 4.59 30.02
N ASP A 286 2.02 4.84 31.31
CA ASP A 286 1.05 3.99 32.02
C ASP A 286 -0.31 4.05 31.32
N ASP A 287 -0.79 5.25 31.03
CA ASP A 287 -2.10 5.40 30.38
C ASP A 287 -2.10 4.82 28.97
N LYS A 288 -1.03 5.05 28.22
CA LYS A 288 -0.93 4.58 26.84
C LYS A 288 -0.94 3.07 26.77
N VAL A 289 -0.30 2.41 27.74
CA VAL A 289 -0.32 0.94 27.77
C VAL A 289 -1.74 0.42 27.99
N VAL A 290 -2.55 1.10 28.81
CA VAL A 290 -3.94 0.66 28.99
C VAL A 290 -4.67 0.72 27.63
N ILE A 291 -4.46 1.83 26.90
N ILE A 291 -4.47 1.81 26.89
CA ILE A 291 -5.02 2.05 25.56
CA ILE A 291 -5.10 1.94 25.58
C ILE A 291 -4.61 0.90 24.62
C ILE A 291 -4.62 0.89 24.58
N TYR A 292 -3.31 0.70 24.50
CA TYR A 292 -2.77 -0.31 23.60
C TYR A 292 -3.18 -1.72 23.99
N ARG A 293 -3.27 -2.00 25.30
CA ARG A 293 -3.65 -3.33 25.74
C ARG A 293 -5.09 -3.67 25.36
N ASN A 294 -5.98 -2.68 25.43
CA ASN A 294 -7.37 -2.92 25.03
C ASN A 294 -7.47 -3.14 23.52
N TRP A 295 -6.72 -2.36 22.74
CA TRP A 295 -6.67 -2.59 21.30
C TRP A 295 -6.14 -4.02 21.02
N LEU A 296 -5.11 -4.43 21.75
CA LEU A 296 -4.56 -5.78 21.63
C LEU A 296 -5.62 -6.85 21.94
N GLY A 297 -6.40 -6.65 22.98
CA GLY A 297 -7.46 -7.62 23.32
C GLY A 297 -8.48 -7.73 22.19
N LEU A 298 -8.82 -6.59 21.58
CA LEU A 298 -9.74 -6.60 20.45
C LEU A 298 -9.14 -7.31 19.25
N MET A 299 -7.86 -7.06 18.97
CA MET A 299 -7.19 -7.69 17.84
C MET A 299 -6.91 -9.18 18.01
N LYS A 300 -6.90 -9.68 19.24
N LYS A 300 -6.91 -9.67 19.25
CA LYS A 300 -6.70 -11.13 19.49
CA LYS A 300 -6.71 -11.10 19.53
C LYS A 300 -8.04 -11.82 19.82
C LYS A 300 -8.04 -11.82 19.74
N GLY A 301 -9.12 -11.05 19.88
CA GLY A 301 -10.45 -11.61 20.13
C GLY A 301 -10.71 -11.99 21.57
N ASP A 302 -9.81 -11.63 22.49
CA ASP A 302 -9.98 -12.04 23.91
C ASP A 302 -10.40 -10.95 24.90
N LEU A 303 -10.73 -9.77 24.42
CA LEU A 303 -11.23 -8.73 25.31
C LEU A 303 -12.51 -9.23 25.99
N ALA A 304 -12.59 -9.05 27.32
CA ALA A 304 -13.76 -9.55 28.07
C ALA A 304 -13.90 -8.88 29.43
N GLU A 305 -15.10 -8.89 30.00
CA GLU A 305 -15.33 -8.39 31.37
C GLU A 305 -16.26 -9.33 32.09
N GLU A 306 -16.19 -9.32 33.42
N GLU A 306 -16.21 -9.32 33.42
CA GLU A 306 -16.97 -10.20 34.29
CA GLU A 306 -17.06 -10.22 34.22
C GLU A 306 -18.00 -9.42 35.12
C GLU A 306 -17.97 -9.49 35.18
N VAL A 307 -19.23 -9.94 35.22
CA VAL A 307 -20.26 -9.34 36.06
C VAL A 307 -21.05 -10.45 36.75
N SER A 308 -21.70 -10.11 37.85
CA SER A 308 -22.57 -11.06 38.55
C SER A 308 -23.99 -10.50 38.55
N LYS A 309 -24.97 -11.40 38.44
CA LYS A 309 -26.38 -11.02 38.41
C LYS A 309 -27.22 -12.21 38.85
N GLY A 310 -28.15 -11.97 39.78
CA GLY A 310 -29.07 -13.03 40.25
C GLY A 310 -28.43 -14.31 40.79
N GLY A 311 -27.28 -14.14 41.46
CA GLY A 311 -26.53 -15.26 42.07
C GLY A 311 -25.57 -16.02 41.18
N SER A 312 -25.35 -15.51 39.98
CA SER A 312 -24.47 -16.15 39.00
C SER A 312 -23.48 -15.15 38.41
N THR A 313 -22.33 -15.66 37.96
CA THR A 313 -21.26 -14.89 37.36
C THR A 313 -21.22 -15.13 35.87
N PHE A 314 -21.14 -14.04 35.09
CA PHE A 314 -21.13 -14.09 33.63
C PHE A 314 -19.93 -13.39 33.05
N THR A 315 -19.33 -14.02 32.05
CA THR A 315 -18.20 -13.45 31.35
C THR A 315 -18.75 -12.89 30.02
N ARG A 316 -18.66 -11.57 29.84
N ARG A 316 -18.62 -11.58 29.83
CA ARG A 316 -19.09 -10.95 28.60
CA ARG A 316 -19.07 -10.91 28.62
C ARG A 316 -17.90 -10.93 27.66
C ARG A 316 -17.91 -10.88 27.64
N THR A 317 -18.09 -11.48 26.47
CA THR A 317 -17.04 -11.61 25.46
C THR A 317 -17.41 -10.99 24.10
N MET A 318 -16.45 -11.02 23.17
CA MET A 318 -16.68 -10.58 21.78
C MET A 318 -17.50 -11.69 21.11
N ASN A 319 -18.66 -11.32 20.60
CA ASN A 319 -19.58 -12.30 20.02
C ASN A 319 -19.03 -12.98 18.77
N PRO A 320 -19.40 -14.26 18.57
CA PRO A 320 -18.97 -14.96 17.38
C PRO A 320 -19.81 -14.55 16.15
N ASP A 321 -19.36 -14.99 14.99
CA ASP A 321 -20.11 -14.80 13.74
C ASP A 321 -21.47 -15.54 13.83
N ARG A 322 -22.43 -15.05 13.06
CA ARG A 322 -23.78 -15.57 13.04
C ARG A 322 -23.98 -16.52 11.87
N VAL A 323 -24.58 -17.67 12.15
CA VAL A 323 -24.74 -18.73 11.14
C VAL A 323 -26.20 -18.98 10.88
N TYR A 324 -26.52 -19.08 9.59
CA TYR A 324 -27.89 -19.28 9.13
C TYR A 324 -27.92 -20.40 8.12
N THR A 325 -29.11 -20.94 7.94
CA THR A 325 -29.37 -22.00 6.96
C THR A 325 -30.15 -21.40 5.81
N ARG A 326 -29.69 -21.65 4.59
CA ARG A 326 -30.45 -21.21 3.42
C ARG A 326 -31.49 -22.28 3.15
N ALA A 327 -32.46 -21.93 2.31
CA ALA A 327 -33.52 -22.87 1.94
C ALA A 327 -32.99 -24.18 1.31
N ASP A 328 -31.88 -24.10 0.58
CA ASP A 328 -31.28 -25.29 -0.04
C ASP A 328 -30.42 -26.11 0.94
N GLY A 329 -30.40 -25.69 2.22
CA GLY A 329 -29.66 -26.40 3.24
C GLY A 329 -28.23 -25.93 3.47
N SER A 330 -27.72 -25.07 2.58
CA SER A 330 -26.36 -24.56 2.72
C SER A 330 -26.31 -23.53 3.84
N GLU A 331 -25.09 -23.19 4.26
CA GLU A 331 -24.89 -22.23 5.34
C GLU A 331 -24.47 -20.84 4.87
N LEU A 332 -25.00 -19.82 5.54
CA LEU A 332 -24.64 -18.42 5.31
C LEU A 332 -24.09 -17.92 6.64
N THR A 333 -22.90 -17.33 6.60
CA THR A 333 -22.30 -16.79 7.81
C THR A 333 -22.14 -15.29 7.66
N LEU A 334 -22.64 -14.55 8.66
CA LEU A 334 -22.50 -13.09 8.71
C LEU A 334 -21.54 -12.69 9.82
N HIS A 335 -20.83 -11.59 9.61
CA HIS A 335 -19.88 -11.10 10.61
C HIS A 335 -20.66 -10.74 11.87
N GLY A 336 -20.19 -11.22 13.03
CA GLY A 336 -20.91 -11.00 14.27
C GLY A 336 -20.60 -9.73 15.02
N ARG A 337 -19.59 -9.00 14.57
CA ARG A 337 -19.07 -7.84 15.29
C ARG A 337 -18.89 -6.67 14.36
N SER A 338 -18.69 -5.50 14.96
N SER A 338 -18.74 -5.49 14.94
N SER A 338 -18.72 -5.50 14.95
CA SER A 338 -18.47 -4.27 14.23
CA SER A 338 -18.52 -4.31 14.13
CA SER A 338 -18.48 -4.31 14.17
C SER A 338 -17.05 -4.27 13.65
C SER A 338 -17.08 -4.37 13.59
C SER A 338 -17.07 -4.37 13.60
N LEU A 339 -16.90 -3.83 12.40
CA LEU A 339 -15.56 -3.77 11.79
C LEU A 339 -14.86 -2.61 12.51
N LEU A 340 -13.65 -2.88 13.00
CA LEU A 340 -12.96 -1.93 13.82
C LEU A 340 -11.90 -1.09 13.13
N PHE A 341 -12.00 0.21 13.38
CA PHE A 341 -10.98 1.20 13.06
C PHE A 341 -10.34 1.54 14.41
N VAL A 342 -9.14 2.12 14.39
CA VAL A 342 -8.54 2.69 15.58
C VAL A 342 -8.26 4.16 15.24
N ARG A 343 -8.70 5.10 16.07
CA ARG A 343 -8.37 6.52 15.86
C ARG A 343 -7.10 6.84 16.63
N ASN A 344 -6.00 6.96 15.89
CA ASN A 344 -4.74 7.38 16.49
C ASN A 344 -4.82 8.87 16.82
N VAL A 345 -3.92 9.36 17.66
CA VAL A 345 -3.86 10.80 17.84
C VAL A 345 -3.23 11.42 16.58
N GLY A 346 -3.42 12.73 16.43
CA GLY A 346 -2.90 13.49 15.32
C GLY A 346 -1.48 13.97 15.54
N HIS A 347 -1.06 14.94 14.74
CA HIS A 347 0.34 15.34 14.70
C HIS A 347 0.84 16.24 15.82
N LEU A 348 -0.02 16.75 16.68
CA LEU A 348 0.44 17.76 17.65
C LEU A 348 1.31 17.29 18.82
N MET A 349 0.81 16.34 19.60
CA MET A 349 1.44 16.06 20.88
C MET A 349 2.60 15.13 20.85
N THR A 350 3.50 15.36 21.79
CA THR A 350 4.58 14.42 22.05
C THR A 350 4.29 13.86 23.46
N ASN A 351 4.96 12.78 23.80
CA ASN A 351 4.92 12.33 25.19
C ASN A 351 6.27 11.76 25.56
N ASP A 352 6.43 11.47 26.84
CA ASP A 352 7.69 10.96 27.36
C ASP A 352 7.69 9.46 27.53
N ALA A 353 6.75 8.76 26.91
CA ALA A 353 6.76 7.30 26.99
C ALA A 353 8.04 6.75 26.33
N ILE A 354 8.56 7.50 25.36
CA ILE A 354 9.84 7.22 24.73
C ILE A 354 10.56 8.56 24.60
N LEU A 355 11.86 8.57 24.98
CA LEU A 355 12.73 9.70 24.72
C LEU A 355 13.71 9.23 23.64
N ASP A 356 14.05 10.12 22.72
CA ASP A 356 14.96 9.80 21.61
C ASP A 356 16.41 9.97 22.01
N LYS A 357 17.31 9.85 21.03
CA LYS A 357 18.75 9.91 21.32
C LYS A 357 19.23 11.24 21.85
N ASP A 358 18.42 12.29 21.68
CA ASP A 358 18.76 13.62 22.22
C ASP A 358 18.05 13.84 23.55
N GLY A 359 17.31 12.84 24.03
CA GLY A 359 16.55 13.01 25.25
C GLY A 359 15.24 13.76 25.07
N ASN A 360 14.78 13.88 23.83
CA ASN A 360 13.50 14.55 23.56
C ASN A 360 12.32 13.60 23.52
N GLU A 361 11.16 14.15 23.88
CA GLU A 361 9.91 13.44 23.78
C GLU A 361 9.66 13.06 22.33
N VAL A 362 8.98 11.95 22.13
CA VAL A 362 8.69 11.43 20.80
C VAL A 362 7.23 11.72 20.45
N PRO A 363 6.97 12.21 19.23
CA PRO A 363 5.59 12.46 18.80
C PRO A 363 4.66 11.27 19.06
N GLU A 364 3.51 11.57 19.65
CA GLU A 364 2.58 10.54 20.03
C GLU A 364 1.92 9.89 18.83
N GLY A 365 1.66 10.66 17.78
CA GLY A 365 1.06 10.09 16.56
C GLY A 365 1.98 9.07 15.90
N ILE A 366 3.28 9.34 15.90
CA ILE A 366 4.24 8.38 15.36
C ILE A 366 4.19 7.10 16.19
N GLN A 367 4.19 7.25 17.52
CA GLN A 367 4.10 6.09 18.41
C GLN A 367 2.82 5.30 18.18
N ASP A 368 1.68 6.00 18.13
CA ASP A 368 0.42 5.30 17.89
C ASP A 368 0.44 4.54 16.57
N GLY A 369 0.99 5.15 15.51
CA GLY A 369 1.06 4.47 14.21
C GLY A 369 1.85 3.19 14.31
N LEU A 370 3.01 3.25 14.95
CA LEU A 370 3.84 2.07 15.13
C LEU A 370 3.15 0.99 15.97
N PHE A 371 2.65 1.37 17.15
CA PHE A 371 2.11 0.39 18.09
C PHE A 371 0.76 -0.16 17.72
N THR A 372 -0.15 0.69 17.22
CA THR A 372 -1.46 0.15 16.85
C THR A 372 -1.39 -0.72 15.62
N SER A 373 -0.44 -0.44 14.71
CA SER A 373 -0.25 -1.26 13.50
C SER A 373 0.41 -2.58 13.86
N LEU A 374 1.41 -2.54 14.74
CA LEU A 374 2.04 -3.79 15.20
C LEU A 374 0.99 -4.70 15.80
N ILE A 375 0.16 -4.14 16.68
CA ILE A 375 -0.86 -4.91 17.36
C ILE A 375 -1.86 -5.51 16.37
N ALA A 376 -2.20 -4.77 15.33
CA ALA A 376 -3.13 -5.25 14.31
C ALA A 376 -2.62 -6.45 13.51
N ILE A 377 -1.32 -6.72 13.56
CA ILE A 377 -0.78 -7.89 12.86
C ILE A 377 -1.45 -9.16 13.39
N HIS A 378 -1.85 -9.18 14.66
CA HIS A 378 -2.55 -10.37 15.20
C HIS A 378 -3.81 -10.67 14.38
N ASP A 379 -4.47 -9.64 13.87
CA ASP A 379 -5.62 -9.86 13.02
C ASP A 379 -5.17 -10.31 11.63
N LEU A 380 -4.20 -9.62 11.06
CA LEU A 380 -3.75 -9.91 9.70
C LEU A 380 -3.22 -11.31 9.51
N ASN A 381 -2.53 -11.84 10.52
CA ASN A 381 -1.92 -13.16 10.36
C ASN A 381 -2.73 -14.30 10.98
N GLY A 382 -3.95 -14.01 11.41
CA GLY A 382 -4.82 -15.05 11.96
C GLY A 382 -4.58 -15.46 13.40
N ASN A 383 -3.71 -14.74 14.11
CA ASN A 383 -3.42 -15.02 15.53
C ASN A 383 -4.49 -14.34 16.37
N THR A 384 -5.73 -14.72 16.12
CA THR A 384 -6.89 -14.16 16.79
C THR A 384 -8.03 -15.18 16.78
N SER A 385 -8.91 -15.08 17.77
CA SER A 385 -10.11 -15.90 17.81
C SER A 385 -11.30 -15.17 17.18
N ARG A 386 -11.14 -13.89 16.84
CA ARG A 386 -12.24 -13.08 16.28
C ARG A 386 -11.64 -12.19 15.20
N LYS A 387 -11.89 -12.53 13.96
N LYS A 387 -11.83 -12.55 13.94
CA LYS A 387 -11.33 -11.78 12.86
CA LYS A 387 -11.27 -11.79 12.82
C LYS A 387 -11.93 -10.40 12.76
C LYS A 387 -11.94 -10.43 12.65
N ASN A 388 -11.13 -9.43 12.33
CA ASN A 388 -11.62 -8.07 12.08
C ASN A 388 -11.72 -7.89 10.56
N SER A 389 -10.61 -7.60 9.91
CA SER A 389 -10.62 -7.45 8.46
C SER A 389 -10.58 -8.79 7.74
N ARG A 390 -11.35 -8.91 6.67
N ARG A 390 -11.38 -8.90 6.67
CA ARG A 390 -11.28 -10.11 5.85
CA ARG A 390 -11.36 -10.08 5.80
C ARG A 390 -10.55 -9.81 4.51
C ARG A 390 -10.74 -9.71 4.44
N THR A 391 -9.96 -8.63 4.41
CA THR A 391 -9.30 -8.19 3.20
C THR A 391 -7.81 -7.83 3.39
N GLY A 392 -7.25 -8.07 4.58
CA GLY A 392 -5.85 -7.77 4.82
C GLY A 392 -5.52 -6.33 5.06
N SER A 393 -6.47 -5.60 5.61
CA SER A 393 -6.26 -4.17 5.87
C SER A 393 -6.36 -3.82 7.34
N VAL A 394 -5.73 -2.70 7.69
CA VAL A 394 -5.80 -2.10 9.01
C VAL A 394 -6.38 -0.73 8.76
N TYR A 395 -7.32 -0.28 9.60
CA TYR A 395 -8.03 0.98 9.38
C TYR A 395 -7.75 1.98 10.47
N ILE A 396 -6.96 2.99 10.15
CA ILE A 396 -6.56 3.99 11.13
C ILE A 396 -7.17 5.34 10.81
N VAL A 397 -7.88 5.91 11.77
CA VAL A 397 -8.41 7.25 11.58
C VAL A 397 -7.32 8.24 12.02
N LYS A 398 -7.04 9.22 11.15
CA LYS A 398 -6.03 10.24 11.45
C LYS A 398 -6.72 11.58 11.58
N PRO A 399 -6.80 12.09 12.80
CA PRO A 399 -7.50 13.33 13.06
C PRO A 399 -6.63 14.58 13.00
N LYS A 400 -7.34 15.71 12.97
CA LYS A 400 -6.77 17.02 13.15
C LYS A 400 -5.66 17.39 12.20
N MET A 401 -5.69 16.91 10.97
CA MET A 401 -4.67 17.33 10.00
C MET A 401 -5.04 18.68 9.40
N HIS A 402 -4.02 19.47 9.09
CA HIS A 402 -4.16 20.78 8.47
C HIS A 402 -3.48 20.83 7.10
N GLY A 403 -4.26 20.56 6.07
CA GLY A 403 -3.77 20.69 4.70
C GLY A 403 -3.06 19.50 4.12
N PRO A 404 -2.71 19.63 2.85
CA PRO A 404 -2.18 18.48 2.11
C PRO A 404 -0.78 18.03 2.46
N GLU A 405 0.09 18.90 2.95
CA GLU A 405 1.43 18.44 3.34
C GLU A 405 1.32 17.57 4.58
N GLU A 406 0.35 17.89 5.43
CA GLU A 406 0.14 17.06 6.59
C GLU A 406 -0.47 15.70 6.23
N ALA A 407 -1.34 15.67 5.24
CA ALA A 407 -1.85 14.38 4.74
C ALA A 407 -0.70 13.58 4.12
N ALA A 408 0.18 14.26 3.39
CA ALA A 408 1.35 13.58 2.82
C ALA A 408 2.24 12.99 3.91
N PHE A 409 2.37 13.72 5.02
CA PHE A 409 3.18 13.23 6.13
C PHE A 409 2.57 11.94 6.68
N THR A 410 1.24 11.91 6.82
CA THR A 410 0.58 10.70 7.29
C THR A 410 0.83 9.54 6.33
N ASN A 411 0.68 9.81 5.02
CA ASN A 411 0.93 8.79 4.01
C ASN A 411 2.38 8.27 4.13
N GLU A 412 3.32 9.17 4.33
CA GLU A 412 4.74 8.80 4.49
C GLU A 412 4.96 7.97 5.75
N LEU A 413 4.41 8.44 6.88
CA LEU A 413 4.49 7.69 8.13
C LEU A 413 3.96 6.27 7.97
N PHE A 414 2.78 6.14 7.36
CA PHE A 414 2.18 4.81 7.26
C PHE A 414 3.06 3.90 6.39
N GLY A 415 3.66 4.42 5.32
CA GLY A 415 4.55 3.60 4.52
C GLY A 415 5.78 3.19 5.31
N ARG A 416 6.31 4.11 6.10
CA ARG A 416 7.48 3.78 6.94
C ARG A 416 7.14 2.72 7.98
N VAL A 417 5.95 2.79 8.55
CA VAL A 417 5.52 1.79 9.53
C VAL A 417 5.39 0.42 8.85
N GLU A 418 4.78 0.39 7.67
CA GLU A 418 4.67 -0.87 6.91
C GLU A 418 6.04 -1.48 6.69
N ASP A 419 7.01 -0.67 6.32
CA ASP A 419 8.38 -1.18 6.08
C ASP A 419 8.99 -1.77 7.36
N VAL A 420 8.78 -1.12 8.49
CA VAL A 420 9.29 -1.68 9.76
C VAL A 420 8.69 -3.06 10.05
N LEU A 421 7.38 -3.19 9.80
CA LEU A 421 6.62 -4.38 10.14
C LEU A 421 6.56 -5.48 9.09
N GLY A 422 7.19 -5.24 7.95
CA GLY A 422 7.16 -6.21 6.87
C GLY A 422 5.79 -6.34 6.20
N LEU A 423 5.00 -5.27 6.21
CA LEU A 423 3.68 -5.30 5.62
C LEU A 423 3.72 -4.74 4.21
N PRO A 424 2.95 -5.34 3.28
N PRO A 424 2.95 -5.34 3.28
CA PRO A 424 2.98 -4.79 1.93
CA PRO A 424 2.93 -4.80 1.93
C PRO A 424 2.39 -3.38 1.88
C PRO A 424 2.38 -3.37 1.89
N ARG A 425 2.87 -2.60 0.92
CA ARG A 425 2.42 -1.26 0.74
C ARG A 425 0.89 -1.15 0.70
N ASN A 426 0.39 -0.17 1.45
CA ASN A 426 -1.02 0.19 1.55
C ASN A 426 -1.88 -0.71 2.43
N THR A 427 -1.25 -1.61 3.19
CA THR A 427 -1.97 -2.38 4.17
C THR A 427 -2.65 -1.41 5.16
N LEU A 428 -1.95 -0.35 5.55
CA LEU A 428 -2.49 0.63 6.51
C LEU A 428 -3.34 1.66 5.80
N LYS A 429 -4.64 1.57 6.00
CA LYS A 429 -5.60 2.48 5.40
C LYS A 429 -5.88 3.65 6.34
N VAL A 430 -6.32 4.76 5.76
CA VAL A 430 -6.55 5.96 6.54
C VAL A 430 -7.94 6.55 6.39
N GLY A 431 -8.57 6.78 7.53
CA GLY A 431 -9.82 7.52 7.58
C GLY A 431 -9.43 8.97 7.83
N ILE A 432 -9.69 9.84 6.87
CA ILE A 432 -9.31 11.22 6.96
C ILE A 432 -10.39 12.06 7.60
N MET A 433 -10.10 12.64 8.76
CA MET A 433 -11.03 13.62 9.31
C MET A 433 -10.87 14.95 8.58
N ASP A 434 -11.99 15.51 8.13
CA ASP A 434 -12.05 16.86 7.54
C ASP A 434 -12.59 17.67 8.69
N GLU A 435 -11.68 18.18 9.51
CA GLU A 435 -12.09 18.85 10.74
C GLU A 435 -11.23 20.05 11.09
N GLU A 436 -10.47 20.54 10.12
CA GLU A 436 -9.64 21.72 10.27
C GLU A 436 -9.81 22.54 8.98
N ARG A 437 -9.87 23.86 9.10
CA ARG A 437 -10.15 24.72 7.96
C ARG A 437 -9.16 24.56 6.80
N ARG A 438 -7.88 24.40 7.11
N ARG A 438 -7.86 24.42 7.09
CA ARG A 438 -6.87 24.28 6.04
CA ARG A 438 -6.87 24.25 6.01
C ARG A 438 -6.95 22.93 5.31
C ARG A 438 -7.07 22.96 5.24
N THR A 439 -7.64 21.94 5.89
CA THR A 439 -7.97 20.72 5.20
C THR A 439 -9.26 20.95 4.36
N THR A 440 -10.29 21.52 4.97
CA THR A 440 -11.52 21.77 4.22
C THR A 440 -11.30 22.50 2.91
N VAL A 441 -10.56 23.59 2.94
CA VAL A 441 -10.40 24.42 1.74
C VAL A 441 -9.44 23.84 0.71
N ASN A 442 -8.74 22.78 1.09
CA ASN A 442 -7.79 22.09 0.20
C ASN A 442 -8.10 20.59 0.17
N LEU A 443 -9.37 20.24 0.39
CA LEU A 443 -9.74 18.84 0.62
C LEU A 443 -9.35 17.87 -0.44
N LYS A 444 -9.58 18.24 -1.69
CA LYS A 444 -9.24 17.35 -2.81
C LYS A 444 -7.77 16.96 -2.80
N ALA A 445 -6.89 17.95 -2.52
CA ALA A 445 -5.45 17.70 -2.48
C ALA A 445 -5.09 16.83 -1.27
N CYS A 446 -5.83 16.98 -0.17
CA CYS A 446 -5.57 16.16 1.02
C CYS A 446 -5.86 14.70 0.73
N ILE A 447 -6.98 14.42 0.07
CA ILE A 447 -7.32 13.05 -0.31
C ILE A 447 -6.28 12.52 -1.29
N LYS A 448 -5.87 13.35 -2.25
CA LYS A 448 -4.89 12.93 -3.25
C LYS A 448 -3.57 12.49 -2.60
N ALA A 449 -3.17 13.17 -1.53
CA ALA A 449 -1.92 12.82 -0.84
C ALA A 449 -1.92 11.42 -0.25
N ALA A 450 -3.12 10.85 -0.05
CA ALA A 450 -3.26 9.50 0.51
C ALA A 450 -4.17 8.67 -0.40
N LYS A 451 -4.03 8.89 -1.71
CA LYS A 451 -4.97 8.33 -2.67
C LYS A 451 -5.10 6.82 -2.73
N ASP A 452 -4.10 6.08 -2.27
CA ASP A 452 -4.17 4.61 -2.28
C ASP A 452 -4.46 4.04 -0.92
N ARG A 453 -4.64 4.92 0.06
CA ARG A 453 -4.94 4.50 1.45
C ARG A 453 -6.29 4.96 1.96
N VAL A 454 -6.88 5.95 1.33
CA VAL A 454 -8.08 6.56 1.87
C VAL A 454 -9.27 5.61 1.92
N VAL A 455 -9.85 5.49 3.11
CA VAL A 455 -11.06 4.65 3.33
C VAL A 455 -12.24 5.47 3.85
N PHE A 456 -12.01 6.71 4.26
CA PHE A 456 -13.12 7.63 4.49
C PHE A 456 -12.66 9.06 4.55
N ILE A 457 -13.63 9.94 4.32
CA ILE A 457 -13.51 11.34 4.69
C ILE A 457 -14.71 11.57 5.61
N ASN A 458 -14.53 12.39 6.63
CA ASN A 458 -15.61 12.61 7.60
C ASN A 458 -15.59 14.03 8.09
N THR A 459 -16.75 14.67 8.12
CA THR A 459 -16.84 16.03 8.64
C THR A 459 -16.91 16.03 10.19
N GLY A 460 -15.75 16.20 10.84
CA GLY A 460 -15.69 16.33 12.30
C GLY A 460 -16.05 17.77 12.61
N PHE A 461 -17.36 18.05 12.61
CA PHE A 461 -17.84 19.43 12.67
C PHE A 461 -17.54 20.15 13.98
N LEU A 462 -17.31 19.41 15.04
CA LEU A 462 -17.03 20.02 16.34
C LEU A 462 -15.62 20.61 16.33
N ASP A 463 -14.61 19.77 16.04
CA ASP A 463 -13.27 20.30 15.89
C ASP A 463 -13.26 21.40 14.83
N ARG A 464 -14.01 21.21 13.75
CA ARG A 464 -13.96 22.18 12.69
C ARG A 464 -14.44 23.54 13.13
N THR A 465 -15.46 23.56 14.02
CA THR A 465 -15.98 24.80 14.57
C THR A 465 -14.94 25.43 15.51
N GLY A 466 -14.26 24.59 16.29
CA GLY A 466 -13.18 25.11 17.14
C GLY A 466 -12.10 25.76 16.29
N ASP A 467 -11.74 25.12 15.17
CA ASP A 467 -10.70 25.70 14.30
C ASP A 467 -11.22 27.00 13.66
N GLU A 468 -12.51 27.01 13.31
CA GLU A 468 -13.10 28.21 12.70
C GLU A 468 -12.93 29.40 13.64
N ILE A 469 -13.21 29.18 14.91
CA ILE A 469 -13.12 30.28 15.89
C ILE A 469 -11.69 30.70 16.13
N HIS A 470 -10.79 29.72 16.31
CA HIS A 470 -9.42 30.10 16.56
C HIS A 470 -8.80 30.86 15.38
N THR A 471 -9.07 30.38 14.18
CA THR A 471 -8.45 30.96 13.00
C THR A 471 -8.80 32.42 12.86
N SER A 472 -10.07 32.74 13.12
CA SER A 472 -10.55 34.12 12.98
C SER A 472 -10.66 34.83 14.33
N MET A 473 -9.90 34.37 15.31
CA MET A 473 -9.94 34.94 16.66
C MET A 473 -9.83 36.44 16.67
N GLU A 474 -8.92 36.99 15.87
CA GLU A 474 -8.67 38.44 15.87
C GLU A 474 -9.61 39.26 14.99
N ALA A 475 -10.48 38.60 14.23
CA ALA A 475 -11.38 39.32 13.31
C ALA A 475 -12.50 40.10 13.98
N GLY A 476 -13.00 39.60 15.10
CA GLY A 476 -14.11 40.21 15.82
C GLY A 476 -14.84 39.14 16.58
N ALA A 477 -15.91 39.54 17.25
CA ALA A 477 -16.69 38.59 18.03
C ALA A 477 -17.49 37.66 17.13
N VAL A 478 -17.41 36.36 17.40
CA VAL A 478 -18.18 35.38 16.63
C VAL A 478 -19.59 35.23 17.20
N VAL A 479 -20.47 34.62 16.41
CA VAL A 479 -21.84 34.33 16.84
C VAL A 479 -21.84 33.34 18.01
N ARG A 480 -22.96 33.31 18.72
CA ARG A 480 -23.15 32.37 19.81
C ARG A 480 -23.02 30.92 19.33
N LYS A 481 -22.66 30.04 20.25
CA LYS A 481 -22.40 28.64 19.92
C LYS A 481 -23.54 27.97 19.19
N GLY A 482 -24.76 28.17 19.68
CA GLY A 482 -25.97 27.58 19.11
C GLY A 482 -26.37 28.20 17.79
N ALA A 483 -25.82 29.37 17.46
CA ALA A 483 -26.11 29.99 16.18
C ALA A 483 -25.19 29.52 15.07
N MET A 484 -24.09 28.82 15.42
N MET A 484 -24.10 28.85 15.43
CA MET A 484 -23.13 28.34 14.40
CA MET A 484 -23.12 28.42 14.46
C MET A 484 -23.74 27.41 13.36
C MET A 484 -23.70 27.50 13.39
N LYS A 485 -24.60 26.50 13.81
N LYS A 485 -24.76 26.76 13.73
CA LYS A 485 -25.21 25.49 12.94
CA LYS A 485 -25.40 25.84 12.80
C LYS A 485 -25.92 26.05 11.70
C LYS A 485 -26.12 26.54 11.67
N SER A 486 -26.31 27.33 11.77
N SER A 486 -26.46 27.81 11.84
CA SER A 486 -27.00 28.01 10.65
CA SER A 486 -27.15 28.50 10.80
C SER A 486 -26.15 29.04 9.86
C SER A 486 -26.21 29.40 10.04
N GLU A 487 -24.89 29.26 10.26
CA GLU A 487 -23.96 30.12 9.57
C GLU A 487 -23.67 29.55 8.21
N LYS A 488 -23.33 30.43 7.28
CA LYS A 488 -23.08 30.05 5.92
C LYS A 488 -21.94 29.06 5.74
N TRP A 489 -20.89 29.23 6.52
CA TRP A 489 -19.71 28.39 6.33
C TRP A 489 -19.94 26.92 6.58
N ILE A 490 -20.78 26.59 7.56
CA ILE A 490 -20.89 25.19 7.99
C ILE A 490 -21.67 24.35 7.01
N GLY A 491 -22.72 24.89 6.41
CA GLY A 491 -23.47 24.11 5.43
C GLY A 491 -22.63 23.89 4.19
N ALA A 492 -21.81 24.90 3.83
CA ALA A 492 -20.92 24.79 2.68
C ALA A 492 -19.83 23.75 2.94
N TYR A 493 -19.30 23.74 4.15
CA TYR A 493 -18.32 22.74 4.58
C TYR A 493 -18.87 21.33 4.48
N GLU A 494 -20.11 21.14 4.96
CA GLU A 494 -20.73 19.82 4.91
C GLU A 494 -20.96 19.37 3.47
N ASN A 495 -21.55 20.23 2.67
CA ASN A 495 -21.85 19.88 1.28
C ASN A 495 -20.57 19.66 0.47
N ASN A 496 -19.57 20.50 0.71
CA ASN A 496 -18.29 20.38 0.02
C ASN A 496 -17.65 19.03 0.24
N ASN A 497 -17.74 18.52 1.48
CA ASN A 497 -17.12 17.24 1.79
C ASN A 497 -17.75 16.13 0.94
N VAL A 498 -19.09 16.12 0.86
CA VAL A 498 -19.79 15.13 0.05
C VAL A 498 -19.44 15.32 -1.43
N ASP A 499 -19.48 16.55 -1.91
CA ASP A 499 -19.17 16.82 -3.32
C ASP A 499 -17.78 16.34 -3.70
N VAL A 500 -16.78 16.63 -2.86
CA VAL A 500 -15.43 16.23 -3.16
C VAL A 500 -15.31 14.71 -3.09
N GLY A 501 -15.94 14.07 -2.11
CA GLY A 501 -15.90 12.60 -2.03
C GLY A 501 -16.46 11.95 -3.28
N LEU A 502 -17.57 12.49 -3.79
CA LEU A 502 -18.19 11.93 -4.99
C LEU A 502 -17.38 12.19 -6.24
N ALA A 503 -16.62 13.28 -6.27
CA ALA A 503 -15.84 13.64 -7.45
C ALA A 503 -14.47 12.96 -7.49
N THR A 504 -13.98 12.48 -6.35
CA THR A 504 -12.65 11.87 -6.25
C THR A 504 -12.70 10.35 -6.23
N GLY A 505 -13.84 9.75 -6.56
CA GLY A 505 -13.89 8.30 -6.70
C GLY A 505 -13.93 7.50 -5.43
N LEU A 506 -14.40 8.10 -4.33
CA LEU A 506 -14.53 7.33 -3.11
C LEU A 506 -15.64 6.28 -3.19
N GLN A 507 -16.60 6.45 -4.09
CA GLN A 507 -17.67 5.46 -4.22
C GLN A 507 -17.13 4.08 -4.53
N GLY A 508 -17.52 3.11 -3.71
CA GLY A 508 -17.08 1.74 -3.84
C GLY A 508 -15.76 1.40 -3.17
N LYS A 509 -15.12 2.40 -2.55
N LYS A 509 -15.12 2.38 -2.53
CA LYS A 509 -13.81 2.25 -1.92
CA LYS A 509 -13.82 2.18 -1.88
C LYS A 509 -13.75 2.80 -0.49
C LYS A 509 -13.73 2.80 -0.48
N ALA A 510 -14.57 3.80 -0.21
CA ALA A 510 -14.46 4.53 1.05
C ALA A 510 -15.77 5.13 1.46
N GLN A 511 -15.86 5.47 2.73
CA GLN A 511 -17.04 6.14 3.25
C GLN A 511 -16.95 7.66 3.12
N ILE A 512 -18.09 8.28 2.88
CA ILE A 512 -18.28 9.73 3.02
C ILE A 512 -19.10 9.80 4.32
N GLY A 513 -18.52 10.34 5.38
CA GLY A 513 -19.19 10.31 6.67
C GLY A 513 -19.46 11.66 7.29
N LYS A 514 -20.43 11.65 8.21
CA LYS A 514 -20.80 12.83 8.95
C LYS A 514 -20.72 12.60 10.45
N GLY A 515 -20.94 13.68 11.17
CA GLY A 515 -20.60 13.76 12.58
C GLY A 515 -21.52 13.19 13.61
N MET A 516 -21.12 13.46 14.84
CA MET A 516 -21.72 12.86 16.03
C MET A 516 -22.99 13.44 16.55
N TRP A 517 -23.92 12.57 16.92
CA TRP A 517 -25.13 12.99 17.68
C TRP A 517 -24.67 13.08 19.14
N ALA A 518 -24.77 14.28 19.72
CA ALA A 518 -24.18 14.53 21.02
C ALA A 518 -25.13 14.55 22.23
N MET A 519 -26.36 14.06 22.06
N MET A 519 -26.34 14.03 22.06
CA MET A 519 -27.35 14.04 23.15
CA MET A 519 -27.36 13.99 23.15
C MET A 519 -27.79 12.58 23.33
C MET A 519 -27.78 12.54 23.31
N PRO A 520 -26.99 11.80 24.09
N PRO A 520 -27.00 11.76 24.08
CA PRO A 520 -27.23 10.36 24.21
CA PRO A 520 -27.26 10.32 24.14
C PRO A 520 -28.60 9.87 24.66
C PRO A 520 -28.62 9.87 24.63
N ASP A 521 -29.33 10.71 25.40
CA ASP A 521 -30.65 10.33 25.90
C ASP A 521 -31.80 10.95 25.12
N LEU A 522 -31.51 11.74 24.08
CA LEU A 522 -32.56 12.33 23.25
C LEU A 522 -32.63 11.51 21.96
N MET A 523 -33.19 10.32 22.09
CA MET A 523 -33.28 9.39 20.97
C MET A 523 -34.46 9.69 20.05
N ALA A 524 -35.59 10.15 20.59
CA ALA A 524 -36.68 10.61 19.72
C ALA A 524 -36.17 11.74 18.82
N ALA A 525 -35.39 12.66 19.39
CA ALA A 525 -34.86 13.78 18.60
C ALA A 525 -33.86 13.27 17.57
N MET A 526 -33.02 12.31 17.96
CA MET A 526 -32.07 11.76 17.00
C MET A 526 -32.83 11.11 15.85
N LEU A 527 -33.82 10.28 16.19
N LEU A 527 -33.95 10.45 16.13
CA LEU A 527 -34.57 9.55 15.17
CA LEU A 527 -34.70 9.86 15.00
C LEU A 527 -35.22 10.51 14.18
C LEU A 527 -35.34 10.95 14.13
N GLU A 528 -35.64 11.66 14.69
N GLU A 528 -35.84 12.03 14.72
CA GLU A 528 -36.27 12.68 13.84
CA GLU A 528 -36.42 13.08 13.91
C GLU A 528 -35.25 13.46 12.99
C GLU A 528 -35.37 13.77 13.05
N GLN A 529 -34.18 13.95 13.61
CA GLN A 529 -33.19 14.79 12.95
C GLN A 529 -32.06 14.17 12.15
N LYS A 530 -31.54 13.05 12.63
CA LYS A 530 -30.32 12.49 12.03
C LYS A 530 -30.54 11.83 10.67
N ILE A 531 -31.80 11.75 10.24
CA ILE A 531 -32.10 11.33 8.89
C ILE A 531 -31.42 12.27 7.88
N GLY A 532 -31.12 13.49 8.31
CA GLY A 532 -30.44 14.44 7.44
C GLY A 532 -29.10 13.94 6.94
N HIS A 533 -28.40 13.15 7.73
CA HIS A 533 -27.09 12.62 7.31
C HIS A 533 -27.14 11.69 6.11
N PRO A 534 -27.93 10.62 6.15
CA PRO A 534 -28.06 9.80 4.92
C PRO A 534 -28.71 10.58 3.76
N LEU A 535 -29.66 11.47 4.07
CA LEU A 535 -30.26 12.28 3.01
C LEU A 535 -29.22 13.14 2.29
N ALA A 536 -28.18 13.53 3.01
CA ALA A 536 -27.12 14.33 2.45
C ALA A 536 -26.11 13.53 1.66
N GLY A 537 -26.31 12.22 1.53
CA GLY A 537 -25.41 11.40 0.75
C GLY A 537 -24.27 10.79 1.53
N ALA A 538 -24.32 10.84 2.85
CA ALA A 538 -23.27 10.21 3.66
C ALA A 538 -23.52 8.74 3.85
N ASN A 539 -22.52 7.92 3.52
CA ASN A 539 -22.53 6.48 3.74
C ASN A 539 -22.61 6.10 5.22
N THR A 540 -22.16 7.00 6.08
CA THR A 540 -22.16 6.72 7.49
C THR A 540 -22.18 8.02 8.26
N ALA A 541 -22.55 7.92 9.54
CA ALA A 541 -22.51 9.07 10.44
C ALA A 541 -22.35 8.53 11.85
N TRP A 542 -21.86 9.39 12.72
CA TRP A 542 -21.44 8.94 14.06
C TRP A 542 -22.54 8.93 15.10
N VAL A 543 -22.53 7.87 15.90
CA VAL A 543 -23.45 7.70 17.00
C VAL A 543 -22.66 7.45 18.29
N PRO A 544 -23.27 7.81 19.44
CA PRO A 544 -22.58 7.73 20.71
C PRO A 544 -22.72 6.42 21.49
N SER A 545 -23.59 5.52 21.06
CA SER A 545 -23.82 4.28 21.83
C SER A 545 -24.37 3.18 20.95
N PRO A 546 -24.30 1.93 21.41
CA PRO A 546 -24.92 0.83 20.69
C PRO A 546 -26.43 1.09 20.46
N THR A 547 -27.13 1.60 21.46
CA THR A 547 -28.55 1.86 21.32
C THR A 547 -28.80 2.87 20.20
N ALA A 548 -28.01 3.95 20.17
CA ALA A 548 -28.14 4.94 19.13
C ALA A 548 -27.80 4.34 17.76
N ALA A 549 -26.87 3.40 17.70
CA ALA A 549 -26.56 2.73 16.44
C ALA A 549 -27.80 1.94 15.92
N THR A 550 -28.45 1.20 16.83
CA THR A 550 -29.64 0.44 16.45
C THR A 550 -30.70 1.36 15.89
N LEU A 551 -30.93 2.49 16.54
CA LEU A 551 -31.97 3.42 16.12
C LEU A 551 -31.57 4.18 14.85
N HIS A 552 -30.32 4.63 14.75
CA HIS A 552 -29.87 5.31 13.54
C HIS A 552 -29.90 4.38 12.33
N ALA A 553 -29.76 3.06 12.55
CA ALA A 553 -29.86 2.13 11.43
C ALA A 553 -31.21 2.29 10.73
N LEU A 554 -32.26 2.63 11.47
CA LEU A 554 -33.58 2.82 10.84
C LEU A 554 -33.53 3.85 9.72
N HIS A 555 -32.68 4.87 9.87
CA HIS A 555 -32.57 5.91 8.83
C HIS A 555 -32.06 5.39 7.48
N TYR A 556 -31.23 4.37 7.51
CA TYR A 556 -30.66 3.78 6.29
C TYR A 556 -31.66 2.87 5.59
N HIS A 557 -32.76 2.55 6.27
CA HIS A 557 -33.89 1.86 5.65
C HIS A 557 -34.84 2.88 5.05
N LYS A 558 -34.98 4.03 5.69
N LYS A 558 -34.98 4.04 5.68
CA LYS A 558 -35.84 5.08 5.17
CA LYS A 558 -35.87 5.09 5.15
C LYS A 558 -35.23 5.73 3.93
C LYS A 558 -35.24 5.84 3.98
N VAL A 559 -33.91 5.87 3.94
CA VAL A 559 -33.19 6.54 2.88
C VAL A 559 -32.23 5.59 2.20
N ASP A 560 -32.26 5.56 0.86
CA ASP A 560 -31.34 4.77 0.08
C ASP A 560 -30.15 5.67 -0.22
N VAL A 561 -29.10 5.54 0.60
CA VAL A 561 -27.94 6.41 0.46
C VAL A 561 -27.27 6.33 -0.90
N PHE A 562 -27.14 5.12 -1.47
CA PHE A 562 -26.49 5.03 -2.79
C PHE A 562 -27.32 5.73 -3.84
N ALA A 563 -28.65 5.64 -3.73
CA ALA A 563 -29.51 6.38 -4.67
C ALA A 563 -29.33 7.89 -4.47
N ARG A 564 -29.22 8.35 -3.21
CA ARG A 564 -28.98 9.77 -2.94
C ARG A 564 -27.68 10.23 -3.52
N GLN A 565 -26.63 9.41 -3.39
CA GLN A 565 -25.32 9.79 -3.94
C GLN A 565 -25.40 9.98 -5.44
N ALA A 566 -26.17 9.12 -6.11
CA ALA A 566 -26.37 9.24 -7.55
C ALA A 566 -27.14 10.51 -7.86
N GLU A 567 -28.16 10.81 -7.04
CA GLU A 567 -28.98 12.01 -7.23
C GLU A 567 -28.20 13.29 -7.00
N LEU A 568 -27.12 13.21 -6.21
CA LEU A 568 -26.29 14.39 -5.89
C LEU A 568 -25.11 14.60 -6.83
N ALA A 569 -24.98 13.74 -7.84
CA ALA A 569 -23.85 13.81 -8.76
C ALA A 569 -23.64 15.18 -9.42
N LYS A 570 -24.71 15.89 -9.73
CA LYS A 570 -24.58 17.20 -10.42
C LYS A 570 -25.23 18.37 -9.70
N ARG A 571 -25.27 18.37 -8.38
CA ARG A 571 -25.95 19.49 -7.76
C ARG A 571 -25.14 20.78 -7.79
N THR A 572 -25.83 21.89 -7.54
CA THR A 572 -25.24 23.22 -7.50
C THR A 572 -24.01 23.16 -6.57
N PRO A 573 -22.80 23.43 -7.13
CA PRO A 573 -21.54 23.37 -6.39
C PRO A 573 -21.45 24.22 -5.10
N ALA A 574 -20.71 23.70 -4.11
CA ALA A 574 -20.46 24.41 -2.84
C ALA A 574 -19.31 25.38 -3.10
N SER A 575 -19.50 26.65 -2.79
CA SER A 575 -18.45 27.63 -3.10
C SER A 575 -17.50 27.87 -1.96
N VAL A 576 -16.21 27.96 -2.30
CA VAL A 576 -15.19 28.21 -1.28
C VAL A 576 -15.47 29.57 -0.64
N ASP A 577 -16.11 30.49 -1.38
CA ASP A 577 -16.44 31.81 -0.81
C ASP A 577 -17.44 31.70 0.37
N ASP A 578 -18.38 30.75 0.30
N ASP A 578 -18.34 30.72 0.30
CA ASP A 578 -19.28 30.50 1.43
CA ASP A 578 -19.27 30.49 1.39
C ASP A 578 -18.46 29.92 2.60
C ASP A 578 -18.49 29.90 2.58
N ILE A 579 -17.54 28.99 2.30
CA ILE A 579 -16.73 28.38 3.35
C ILE A 579 -15.87 29.45 4.03
N LEU A 580 -15.37 30.42 3.26
CA LEU A 580 -14.55 31.51 3.80
C LEU A 580 -15.34 32.64 4.47
N THR A 581 -16.65 32.49 4.63
CA THR A 581 -17.46 33.52 5.26
C THR A 581 -17.31 33.35 6.75
N ILE A 582 -16.52 34.22 7.35
CA ILE A 582 -16.24 34.13 8.77
C ILE A 582 -17.51 34.39 9.56
N PRO A 583 -17.80 33.57 10.59
CA PRO A 583 -19.06 33.73 11.34
C PRO A 583 -19.02 34.85 12.38
N LEU A 584 -18.71 36.06 11.93
CA LEU A 584 -18.71 37.23 12.78
C LEU A 584 -20.14 37.63 13.09
N ALA A 585 -20.40 37.92 14.34
CA ALA A 585 -21.73 38.35 14.76
C ALA A 585 -22.06 39.70 14.11
N PRO A 586 -23.21 39.79 13.41
CA PRO A 586 -23.60 41.06 12.74
C PRO A 586 -24.45 41.99 13.60
N ASN A 587 -24.83 41.56 14.80
CA ASN A 587 -25.72 42.40 15.62
C ASN A 587 -24.93 43.44 16.35
N THR A 588 -25.55 44.60 16.53
CA THR A 588 -24.91 45.73 17.22
C THR A 588 -24.46 45.31 18.62
N ASN A 589 -25.31 44.55 19.31
CA ASN A 589 -25.06 44.07 20.67
C ASN A 589 -26.03 42.94 21.02
N TRP A 590 -25.63 42.10 21.97
CA TRP A 590 -26.52 41.10 22.54
C TRP A 590 -27.02 41.73 23.85
N THR A 591 -28.12 41.22 24.38
CA THR A 591 -28.62 41.71 25.66
C THR A 591 -27.81 41.09 26.78
N ALA A 592 -27.87 41.70 27.97
CA ALA A 592 -27.15 41.18 29.13
C ALA A 592 -27.57 39.76 29.43
N GLU A 593 -28.85 39.44 29.29
N GLU A 593 -28.85 39.46 29.27
CA GLU A 593 -29.29 38.08 29.57
CA GLU A 593 -29.36 38.11 29.50
C GLU A 593 -28.80 37.07 28.51
C GLU A 593 -28.77 37.11 28.53
N GLU A 594 -28.74 37.49 27.25
CA GLU A 594 -28.20 36.63 26.17
C GLU A 594 -26.71 36.33 26.43
N ILE A 595 -25.97 37.34 26.82
CA ILE A 595 -24.55 37.17 27.14
C ILE A 595 -24.40 36.26 28.34
N LYS A 596 -25.18 36.50 29.39
CA LYS A 596 -25.09 35.65 30.58
C LYS A 596 -25.38 34.18 30.28
N ASN A 597 -26.41 33.93 29.49
CA ASN A 597 -26.73 32.55 29.15
C ASN A 597 -25.61 31.90 28.34
N GLU A 598 -25.06 32.63 27.40
CA GLU A 598 -23.98 32.07 26.58
C GLU A 598 -22.78 31.78 27.46
N VAL A 599 -22.37 32.73 28.30
CA VAL A 599 -21.19 32.54 29.11
C VAL A 599 -21.39 31.41 30.13
N ASP A 600 -22.54 31.41 30.80
CA ASP A 600 -22.79 30.36 31.80
C ASP A 600 -22.90 28.98 31.18
N ASN A 601 -23.56 28.87 30.03
CA ASN A 601 -23.70 27.54 29.42
C ASN A 601 -22.33 27.00 28.98
N ASN A 602 -21.52 27.83 28.35
CA ASN A 602 -20.17 27.41 27.94
C ASN A 602 -19.35 27.07 29.17
N ALA A 603 -19.40 27.91 30.19
CA ALA A 603 -18.62 27.65 31.41
C ALA A 603 -19.00 26.33 32.08
N GLN A 604 -20.29 26.03 32.15
CA GLN A 604 -20.74 24.79 32.76
C GLN A 604 -20.25 23.58 31.99
N GLY A 605 -20.35 23.63 30.66
CA GLY A 605 -19.87 22.52 29.85
C GLY A 605 -18.36 22.33 30.00
N ILE A 606 -17.61 23.42 29.99
CA ILE A 606 -16.16 23.36 30.17
C ILE A 606 -15.79 22.72 31.49
N LEU A 607 -16.35 23.27 32.57
CA LEU A 607 -15.98 22.80 33.90
C LEU A 607 -16.43 21.39 34.18
N GLY A 608 -17.64 21.04 33.75
CA GLY A 608 -18.13 19.69 33.98
C GLY A 608 -17.26 18.64 33.31
N TYR A 609 -16.68 19.00 32.16
CA TYR A 609 -15.79 18.08 31.44
C TYR A 609 -14.39 18.06 32.01
N VAL A 610 -13.83 19.25 32.21
CA VAL A 610 -12.44 19.38 32.66
C VAL A 610 -12.24 18.80 34.05
N VAL A 611 -13.19 18.99 34.96
CA VAL A 611 -12.96 18.52 36.31
C VAL A 611 -12.81 17.00 36.33
N ARG A 612 -13.55 16.29 35.48
N ARG A 612 -13.56 16.29 35.48
CA ARG A 612 -13.43 14.84 35.44
CA ARG A 612 -13.47 14.83 35.40
C ARG A 612 -12.16 14.40 34.67
C ARG A 612 -12.23 14.34 34.58
N TRP A 613 -11.77 15.18 33.66
CA TRP A 613 -10.56 14.87 32.88
C TRP A 613 -9.33 14.93 33.81
N ILE A 614 -9.21 16.03 34.53
CA ILE A 614 -8.05 16.29 35.36
C ILE A 614 -7.99 15.43 36.60
N ASP A 615 -9.09 15.38 37.35
CA ASP A 615 -9.06 14.69 38.63
C ASP A 615 -9.23 13.21 38.50
N GLN A 616 -9.96 12.77 37.47
CA GLN A 616 -10.26 11.35 37.34
C GLN A 616 -9.77 10.68 36.05
N GLY A 617 -9.16 11.44 35.15
CA GLY A 617 -8.68 10.82 33.91
C GLY A 617 -9.77 10.31 32.99
N VAL A 618 -10.94 10.96 32.98
CA VAL A 618 -12.06 10.54 32.14
C VAL A 618 -12.13 11.49 30.96
N GLY A 619 -11.97 10.95 29.75
CA GLY A 619 -11.93 11.76 28.54
C GLY A 619 -13.23 12.03 27.82
N CYS A 620 -14.33 11.47 28.31
CA CYS A 620 -15.62 11.70 27.73
C CYS A 620 -16.65 11.59 28.83
N SER A 621 -17.41 12.67 29.02
CA SER A 621 -18.43 12.75 30.07
C SER A 621 -19.72 13.32 29.53
N LYS A 622 -20.83 12.89 30.12
CA LYS A 622 -22.15 13.42 29.84
C LYS A 622 -22.36 14.51 30.89
N VAL A 623 -22.46 15.75 30.43
CA VAL A 623 -22.57 16.89 31.31
C VAL A 623 -23.87 17.64 31.03
N PRO A 624 -24.73 17.78 32.06
CA PRO A 624 -25.99 18.51 31.87
C PRO A 624 -25.73 19.97 31.46
N ASP A 625 -26.47 20.48 30.48
CA ASP A 625 -26.29 21.87 30.04
C ASP A 625 -27.18 22.79 30.89
N ILE A 626 -27.22 24.06 30.51
CA ILE A 626 -28.00 25.08 31.23
C ILE A 626 -29.50 24.71 31.38
N ASN A 627 -30.03 23.85 30.48
CA ASN A 627 -31.44 23.37 30.54
C ASN A 627 -31.56 21.88 30.92
N ASP A 628 -30.54 21.35 31.59
N ASP A 628 -30.55 21.36 31.61
CA ASP A 628 -30.50 19.97 32.08
CA ASP A 628 -30.50 19.96 32.07
C ASP A 628 -30.46 18.86 31.01
C ASP A 628 -30.54 18.88 30.99
N VAL A 629 -30.08 19.22 29.78
CA VAL A 629 -29.96 18.24 28.72
C VAL A 629 -28.58 17.61 28.86
N GLY A 630 -28.51 16.28 28.86
CA GLY A 630 -27.26 15.55 28.99
C GLY A 630 -26.47 15.62 27.69
N LEU A 631 -25.39 16.40 27.69
CA LEU A 631 -24.56 16.57 26.48
C LEU A 631 -23.28 15.77 26.58
N MET A 632 -22.93 15.13 25.48
N MET A 632 -23.00 14.94 25.58
CA MET A 632 -21.67 14.42 25.34
CA MET A 632 -21.76 14.19 25.57
C MET A 632 -20.59 15.48 25.25
C MET A 632 -20.65 15.13 25.17
N GLU A 633 -19.57 15.37 26.10
N GLU A 633 -19.67 15.27 26.07
CA GLU A 633 -18.46 16.30 26.09
CA GLU A 633 -18.56 16.15 25.82
C GLU A 633 -17.17 15.53 25.87
C GLU A 633 -17.26 15.40 25.71
N ASP A 634 -16.39 15.96 24.87
CA ASP A 634 -15.05 15.41 24.59
C ASP A 634 -14.18 16.61 24.31
N ARG A 635 -12.94 16.39 23.87
CA ARG A 635 -12.06 17.54 23.68
C ARG A 635 -12.55 18.53 22.63
N ALA A 636 -13.25 18.03 21.62
CA ALA A 636 -13.71 18.93 20.56
C ALA A 636 -14.81 19.89 21.06
N THR A 637 -15.72 19.39 21.89
CA THR A 637 -16.75 20.26 22.44
C THR A 637 -16.10 21.29 23.37
N LEU A 638 -15.06 20.85 24.08
CA LEU A 638 -14.29 21.74 24.93
C LEU A 638 -13.57 22.82 24.12
N ARG A 639 -12.98 22.42 23.00
CA ARG A 639 -12.30 23.35 22.10
C ARG A 639 -13.25 24.47 21.66
N ILE A 640 -14.47 24.11 21.26
CA ILE A 640 -15.42 25.14 20.84
C ILE A 640 -15.74 26.10 21.98
N SER A 641 -16.13 25.55 23.11
CA SER A 641 -16.60 26.40 24.23
C SER A 641 -15.53 27.31 24.76
N SER A 642 -14.33 26.77 24.92
CA SER A 642 -13.24 27.59 25.42
C SER A 642 -12.84 28.66 24.43
N GLN A 643 -12.76 28.32 23.14
CA GLN A 643 -12.40 29.30 22.14
C GLN A 643 -13.45 30.39 21.99
N LEU A 644 -14.72 30.03 22.08
CA LEU A 644 -15.80 31.01 21.99
C LEU A 644 -15.66 32.03 23.13
N LEU A 645 -15.48 31.56 24.36
CA LEU A 645 -15.32 32.48 25.47
C LEU A 645 -14.04 33.31 25.31
N ALA A 646 -12.96 32.68 24.83
CA ALA A 646 -11.72 33.45 24.63
C ALA A 646 -11.94 34.56 23.60
N ASN A 647 -12.72 34.28 22.57
CA ASN A 647 -13.00 35.24 21.52
C ASN A 647 -13.85 36.41 22.06
N TRP A 648 -14.89 36.08 22.82
CA TRP A 648 -15.74 37.12 23.42
C TRP A 648 -14.95 38.01 24.38
N LEU A 649 -14.03 37.40 25.12
N LEU A 649 -14.02 37.42 25.13
CA LEU A 649 -13.16 38.13 26.03
CA LEU A 649 -13.14 38.21 26.00
C LEU A 649 -12.20 39.01 25.22
C LEU A 649 -12.25 39.08 25.15
N ARG A 650 -11.66 38.48 24.13
CA ARG A 650 -10.71 39.20 23.30
C ARG A 650 -11.29 40.48 22.72
N HIS A 651 -12.57 40.42 22.32
CA HIS A 651 -13.25 41.57 21.70
C HIS A 651 -14.14 42.38 22.63
N GLY A 652 -14.01 42.15 23.92
CA GLY A 652 -14.74 43.00 24.88
C GLY A 652 -16.22 42.78 25.00
N VAL A 653 -16.73 41.68 24.47
CA VAL A 653 -18.14 41.35 24.66
C VAL A 653 -18.38 41.10 26.15
N ILE A 654 -17.38 40.50 26.80
CA ILE A 654 -17.36 40.22 28.22
C ILE A 654 -16.01 40.63 28.75
N SER A 655 -15.96 40.98 30.02
CA SER A 655 -14.70 41.36 30.69
C SER A 655 -14.09 40.14 31.37
N GLN A 656 -12.82 40.26 31.74
CA GLN A 656 -12.20 39.16 32.44
C GLN A 656 -12.86 38.94 33.78
N GLU A 657 -13.29 40.02 34.44
CA GLU A 657 -13.97 39.88 35.71
C GLU A 657 -15.25 39.03 35.56
N GLN A 658 -16.02 39.26 34.49
N GLN A 658 -16.02 39.33 34.52
CA GLN A 658 -17.24 38.47 34.22
CA GLN A 658 -17.26 38.62 34.27
C GLN A 658 -16.91 37.01 33.94
C GLN A 658 -17.04 37.14 34.00
N VAL A 659 -15.88 36.79 33.13
N VAL A 659 -16.01 36.82 33.23
CA VAL A 659 -15.49 35.43 32.81
CA VAL A 659 -15.78 35.41 32.91
C VAL A 659 -15.16 34.67 34.08
C VAL A 659 -15.23 34.67 34.14
N VAL A 660 -14.37 35.28 34.95
CA VAL A 660 -13.92 34.62 36.18
C VAL A 660 -15.10 34.39 37.15
N GLU A 661 -15.97 35.38 37.28
CA GLU A 661 -17.14 35.25 38.17
C GLU A 661 -18.05 34.12 37.68
N SER A 662 -18.24 34.04 36.35
N SER A 662 -18.24 34.04 36.36
CA SER A 662 -19.10 32.99 35.77
CA SER A 662 -19.12 33.02 35.79
C SER A 662 -18.48 31.63 36.00
C SER A 662 -18.50 31.62 35.91
N LEU A 663 -17.18 31.52 35.76
CA LEU A 663 -16.52 30.22 35.95
C LEU A 663 -16.64 29.75 37.38
N LYS A 664 -16.48 30.68 38.32
CA LYS A 664 -16.59 30.31 39.74
C LYS A 664 -18.01 29.87 40.08
N ARG A 665 -19.00 30.63 39.62
N ARG A 665 -19.02 30.59 39.57
CA ARG A 665 -20.39 30.34 39.91
CA ARG A 665 -20.42 30.20 39.80
C ARG A 665 -20.79 29.02 39.26
C ARG A 665 -20.71 28.86 39.18
N MET A 666 -20.31 28.76 38.05
N MET A 666 -20.33 28.69 37.92
CA MET A 666 -20.69 27.50 37.41
CA MET A 666 -20.60 27.42 37.26
C MET A 666 -19.88 26.32 37.97
C MET A 666 -19.82 26.27 37.90
N ALA A 667 -18.69 26.58 38.51
CA ALA A 667 -17.90 25.52 39.19
C ALA A 667 -18.70 24.98 40.37
N VAL A 668 -19.39 25.89 41.06
CA VAL A 668 -20.25 25.50 42.16
C VAL A 668 -21.40 24.62 41.65
N VAL A 669 -22.00 25.00 40.52
CA VAL A 669 -23.09 24.21 39.91
C VAL A 669 -22.56 22.81 39.60
N VAL A 670 -21.38 22.72 39.03
CA VAL A 670 -20.78 21.43 38.73
C VAL A 670 -20.46 20.64 40.00
N ASP A 671 -19.97 21.33 41.03
CA ASP A 671 -19.71 20.69 42.32
C ASP A 671 -21.02 20.08 42.84
N ARG A 672 -22.13 20.81 42.74
CA ARG A 672 -23.40 20.25 43.20
C ARG A 672 -23.82 18.99 42.39
N GLN A 673 -23.64 19.05 41.09
N GLN A 673 -23.64 19.06 41.08
CA GLN A 673 -24.01 17.92 40.24
CA GLN A 673 -24.03 17.95 40.21
C GLN A 673 -23.23 16.66 40.52
C GLN A 673 -23.22 16.67 40.44
N ASN A 674 -21.97 16.82 40.91
CA ASN A 674 -21.08 15.69 41.17
C ASN A 674 -20.94 15.31 42.65
N ALA A 675 -21.63 16.04 43.54
CA ALA A 675 -21.47 15.79 44.99
C ALA A 675 -21.80 14.38 45.44
N SER A 676 -22.67 13.70 44.73
CA SER A 676 -23.06 12.32 45.10
C SER A 676 -22.04 11.27 44.68
N ASP A 677 -21.07 11.67 43.86
CA ASP A 677 -20.02 10.76 43.39
C ASP A 677 -18.90 10.74 44.42
N PRO A 678 -18.65 9.60 45.08
CA PRO A 678 -17.63 9.58 46.13
C PRO A 678 -16.21 9.86 45.67
N SER A 679 -15.96 9.70 44.37
CA SER A 679 -14.64 9.96 43.77
C SER A 679 -14.42 11.45 43.44
N TYR A 680 -15.44 12.28 43.64
CA TYR A 680 -15.37 13.71 43.30
C TYR A 680 -14.96 14.59 44.45
N ARG A 681 -14.12 15.59 44.19
CA ARG A 681 -13.79 16.58 45.19
C ARG A 681 -14.10 17.93 44.57
N PRO A 682 -14.72 18.84 45.34
CA PRO A 682 -15.13 20.13 44.82
C PRO A 682 -14.02 21.11 44.50
N MET A 683 -14.31 21.94 43.52
CA MET A 683 -13.45 23.03 43.08
C MET A 683 -13.58 24.26 43.98
N ALA A 684 -14.80 24.59 44.38
CA ALA A 684 -15.03 25.76 45.24
C ALA A 684 -14.79 25.43 46.72
N PRO A 685 -14.34 26.39 47.55
CA PRO A 685 -14.04 27.77 47.16
C PRO A 685 -12.55 28.02 46.87
N ASN A 686 -11.71 27.00 46.99
CA ASN A 686 -10.28 27.18 46.81
C ASN A 686 -9.85 27.01 45.36
N PHE A 687 -10.37 27.92 44.54
CA PHE A 687 -10.14 27.89 43.12
C PHE A 687 -8.67 28.00 42.74
N ASP A 688 -7.95 28.87 43.44
CA ASP A 688 -6.55 29.12 43.12
C ASP A 688 -5.67 27.88 43.24
N ASP A 689 -6.00 27.00 44.17
CA ASP A 689 -5.24 25.78 44.44
C ASP A 689 -5.75 24.55 43.70
N ASN A 690 -6.83 24.71 42.94
CA ASN A 690 -7.48 23.56 42.32
C ASN A 690 -6.98 23.36 40.90
N VAL A 691 -6.27 22.26 40.70
CA VAL A 691 -5.61 22.02 39.41
C VAL A 691 -6.61 22.02 38.25
N ALA A 692 -7.76 21.37 38.45
CA ALA A 692 -8.81 21.33 37.40
C ALA A 692 -9.36 22.72 37.07
N PHE A 693 -9.70 23.49 38.11
CA PHE A 693 -10.19 24.84 37.87
C PHE A 693 -9.13 25.66 37.12
N GLN A 694 -7.86 25.55 37.53
CA GLN A 694 -6.79 26.26 36.85
C GLN A 694 -6.69 25.86 35.37
N ALA A 695 -6.94 24.58 35.08
CA ALA A 695 -6.92 24.10 33.70
C ALA A 695 -8.03 24.78 32.88
N ALA A 696 -9.24 24.82 33.44
CA ALA A 696 -10.38 25.47 32.77
C ALA A 696 -10.14 26.96 32.59
N LEU A 697 -9.62 27.60 33.63
CA LEU A 697 -9.32 29.01 33.60
C LEU A 697 -8.32 29.31 32.50
N GLU A 698 -7.29 28.48 32.41
CA GLU A 698 -6.25 28.62 31.41
C GLU A 698 -6.80 28.49 29.95
N LEU A 699 -7.65 27.49 29.74
CA LEU A 699 -8.24 27.27 28.42
C LEU A 699 -9.11 28.44 27.95
N VAL A 700 -9.74 29.14 28.89
CA VAL A 700 -10.57 30.28 28.56
C VAL A 700 -9.77 31.58 28.48
N VAL A 701 -9.18 31.99 29.60
CA VAL A 701 -8.46 33.26 29.67
C VAL A 701 -7.23 33.27 28.80
N GLU A 702 -6.61 32.10 28.61
CA GLU A 702 -5.46 31.98 27.71
C GLU A 702 -5.80 31.19 26.47
N GLY A 703 -7.08 31.18 26.09
CA GLY A 703 -7.47 30.44 24.89
C GLY A 703 -6.80 30.95 23.64
N THR A 704 -6.48 32.24 23.61
CA THR A 704 -5.80 32.83 22.45
C THR A 704 -4.38 32.26 22.25
N ARG A 705 -3.79 31.74 23.33
N ARG A 705 -3.78 31.73 23.31
CA ARG A 705 -2.43 31.20 23.31
CA ARG A 705 -2.40 31.18 23.23
C ARG A 705 -2.33 29.69 23.06
C ARG A 705 -2.34 29.71 22.81
N GLN A 706 -3.47 29.01 22.87
CA GLN A 706 -3.44 27.58 22.57
C GLN A 706 -3.32 27.39 21.05
N PRO A 707 -2.39 26.55 20.59
CA PRO A 707 -2.15 26.39 19.16
C PRO A 707 -3.39 25.84 18.47
N ASN A 708 -3.94 26.60 17.52
CA ASN A 708 -5.19 26.25 16.82
C ASN A 708 -6.32 25.99 17.79
N GLY A 709 -6.21 26.53 19.02
CA GLY A 709 -7.22 26.32 20.02
C GLY A 709 -7.24 24.94 20.64
N TYR A 710 -6.22 24.13 20.38
CA TYR A 710 -6.19 22.77 20.92
C TYR A 710 -6.12 22.78 22.42
N THR A 711 -6.83 21.83 23.02
CA THR A 711 -6.92 21.70 24.46
C THR A 711 -5.91 20.73 25.07
N GLU A 712 -5.29 19.89 24.24
CA GLU A 712 -4.37 18.89 24.78
C GLU A 712 -3.15 19.43 25.52
N PRO A 713 -2.53 20.52 25.03
CA PRO A 713 -1.35 20.96 25.81
C PRO A 713 -1.70 21.27 27.26
N VAL A 714 -2.80 21.97 27.49
CA VAL A 714 -3.19 22.28 28.87
C VAL A 714 -3.69 21.05 29.60
N LEU A 715 -4.55 20.25 28.96
CA LEU A 715 -5.08 19.08 29.66
C LEU A 715 -4.00 18.09 30.02
N HIS A 716 -3.09 17.84 29.10
CA HIS A 716 -2.02 16.90 29.38
C HIS A 716 -1.13 17.38 30.52
N ARG A 717 -0.73 18.65 30.47
CA ARG A 717 0.13 19.17 31.52
C ARG A 717 -0.58 19.17 32.87
N ARG A 718 -1.84 19.62 32.88
CA ARG A 718 -2.57 19.72 34.14
C ARG A 718 -2.91 18.35 34.71
N ARG A 719 -3.15 17.36 33.86
CA ARG A 719 -3.41 16.01 34.36
C ARG A 719 -2.12 15.41 34.93
N ARG A 720 -0.99 15.68 34.27
CA ARG A 720 0.29 15.18 34.80
C ARG A 720 0.59 15.86 36.16
N GLU A 721 0.24 17.15 36.27
CA GLU A 721 0.41 17.89 37.53
C GLU A 721 -0.48 17.24 38.61
N PHE A 722 -1.74 16.98 38.28
CA PHE A 722 -2.64 16.36 39.25
C PHE A 722 -2.10 15.00 39.66
N LYS A 723 -1.63 14.19 38.72
CA LYS A 723 -1.10 12.88 39.08
C LYS A 723 0.11 13.04 40.03
N ALA A 724 0.99 13.99 39.71
CA ALA A 724 2.17 14.19 40.53
C ALA A 724 1.81 14.57 41.96
N LYS A 725 0.83 15.45 42.10
CA LYS A 725 0.39 15.97 43.41
C LYS A 725 -0.51 15.03 44.19
N ASN A 726 -0.98 13.97 43.57
CA ASN A 726 -1.91 13.06 44.22
C ASN A 726 -1.41 11.62 44.27
N GLY A 727 -0.11 11.44 44.05
CA GLY A 727 0.54 10.11 44.11
C GLY A 727 0.09 9.08 43.09
N LEU A 728 -0.26 9.52 41.87
CA LEU A 728 -0.74 8.62 40.81
C LEU A 728 0.33 8.41 39.75
N THR B 5 43.64 -21.20 -32.40
CA THR B 5 42.63 -20.48 -33.25
C THR B 5 43.08 -20.38 -34.71
N GLU B 6 42.09 -20.24 -35.58
CA GLU B 6 42.31 -20.20 -37.03
C GLU B 6 41.26 -19.28 -37.64
N ARG B 7 41.55 -18.74 -38.84
CA ARG B 7 40.58 -17.89 -39.55
C ARG B 7 40.21 -18.38 -40.92
N VAL B 8 38.99 -18.04 -41.34
CA VAL B 8 38.47 -18.39 -42.65
C VAL B 8 38.18 -17.09 -43.34
N GLN B 9 38.71 -16.91 -44.53
CA GLN B 9 38.47 -15.69 -45.32
C GLN B 9 37.12 -15.84 -46.01
N VAL B 10 36.23 -14.89 -45.78
CA VAL B 10 34.90 -14.88 -46.42
C VAL B 10 34.74 -13.45 -46.94
N GLY B 11 34.88 -13.24 -48.23
CA GLY B 11 34.90 -11.89 -48.77
C GLY B 11 36.09 -11.20 -48.13
N GLY B 12 35.85 -10.03 -47.58
CA GLY B 12 36.86 -9.28 -46.84
C GLY B 12 36.88 -9.62 -45.35
N LEU B 13 35.96 -10.45 -44.87
CA LEU B 13 35.93 -10.82 -43.45
C LEU B 13 36.91 -11.94 -43.16
N GLN B 14 37.49 -11.90 -41.96
CA GLN B 14 38.43 -12.93 -41.49
C GLN B 14 37.70 -13.49 -40.26
N VAL B 15 36.97 -14.57 -40.48
CA VAL B 15 36.11 -15.13 -39.46
C VAL B 15 36.76 -16.25 -38.68
N ALA B 16 36.72 -16.17 -37.36
CA ALA B 16 37.25 -17.25 -36.51
C ALA B 16 36.59 -18.55 -36.99
N LYS B 17 37.42 -19.59 -37.20
N LYS B 17 37.40 -19.59 -37.22
CA LYS B 17 36.92 -20.85 -37.72
CA LYS B 17 36.87 -20.84 -37.78
C LYS B 17 35.77 -21.44 -36.93
C LYS B 17 35.78 -21.48 -36.94
N VAL B 18 35.88 -21.40 -35.60
CA VAL B 18 34.86 -21.97 -34.74
C VAL B 18 33.48 -21.31 -35.02
N LEU B 19 33.50 -20.00 -35.27
CA LEU B 19 32.27 -19.26 -35.57
C LEU B 19 31.80 -19.54 -36.98
N PHE B 20 32.73 -19.51 -37.94
CA PHE B 20 32.36 -19.80 -39.33
C PHE B 20 31.69 -21.17 -39.47
N ASP B 21 32.30 -22.17 -38.86
CA ASP B 21 31.77 -23.55 -38.89
C ASP B 21 30.42 -23.65 -38.20
N PHE B 22 30.27 -22.96 -37.06
CA PHE B 22 29.00 -22.99 -36.35
C PHE B 22 27.91 -22.40 -37.22
N VAL B 23 28.17 -21.25 -37.82
CA VAL B 23 27.17 -20.58 -38.64
C VAL B 23 26.78 -21.43 -39.86
N ASN B 24 27.79 -21.87 -40.61
N ASN B 24 27.78 -21.89 -40.59
CA ASN B 24 27.50 -22.62 -41.83
CA ASN B 24 27.48 -22.63 -41.81
C ASN B 24 26.98 -24.03 -41.63
C ASN B 24 26.92 -24.02 -41.59
N ASN B 25 27.43 -24.72 -40.57
CA ASN B 25 27.03 -26.12 -40.33
C ASN B 25 25.93 -26.35 -39.33
N GLU B 26 25.69 -25.38 -38.45
CA GLU B 26 24.65 -25.53 -37.42
C GLU B 26 23.55 -24.51 -37.50
N ALA B 27 23.90 -23.23 -37.62
CA ALA B 27 22.89 -22.16 -37.63
C ALA B 27 22.11 -22.07 -38.95
N ILE B 28 22.80 -22.10 -40.07
CA ILE B 28 22.19 -21.92 -41.39
C ILE B 28 21.26 -23.02 -41.89
N PRO B 29 21.65 -24.29 -41.79
CA PRO B 29 20.79 -25.34 -42.36
C PRO B 29 19.38 -25.37 -41.76
N GLY B 30 18.38 -25.25 -42.62
CA GLY B 30 16.99 -25.22 -42.19
C GLY B 30 16.39 -23.82 -42.18
N THR B 31 17.22 -22.78 -42.32
CA THR B 31 16.71 -21.39 -42.35
C THR B 31 16.29 -20.96 -43.76
N GLY B 32 16.76 -21.67 -44.77
CA GLY B 32 16.47 -21.26 -46.16
C GLY B 32 17.37 -20.13 -46.66
N VAL B 33 18.30 -19.63 -45.81
CA VAL B 33 19.22 -18.57 -46.21
C VAL B 33 20.50 -19.26 -46.63
N SER B 34 21.09 -18.87 -47.75
CA SER B 34 22.36 -19.50 -48.13
C SER B 34 23.51 -18.83 -47.40
N ALA B 35 24.57 -19.59 -47.19
CA ALA B 35 25.76 -19.06 -46.55
C ALA B 35 26.32 -17.88 -47.33
N ASP B 36 26.37 -17.99 -48.65
N ASP B 36 26.37 -17.98 -48.65
CA ASP B 36 26.91 -16.91 -49.48
CA ASP B 36 26.92 -16.87 -49.43
C ASP B 36 26.11 -15.61 -49.30
C ASP B 36 26.10 -15.60 -49.25
N THR B 37 24.78 -15.73 -49.34
CA THR B 37 23.89 -14.58 -49.17
C THR B 37 24.10 -13.98 -47.78
N PHE B 38 24.17 -14.84 -46.78
CA PHE B 38 24.35 -14.36 -45.41
C PHE B 38 25.67 -13.60 -45.22
N TRP B 39 26.77 -14.24 -45.59
CA TRP B 39 28.07 -13.62 -45.36
C TRP B 39 28.32 -12.36 -46.18
N THR B 40 27.87 -12.35 -47.43
CA THR B 40 28.02 -11.16 -48.25
C THR B 40 27.21 -10.00 -47.64
N GLY B 41 25.98 -10.30 -47.21
CA GLY B 41 25.13 -9.29 -46.60
C GLY B 41 25.69 -8.81 -45.27
N ALA B 42 26.14 -9.77 -44.45
CA ALA B 42 26.75 -9.43 -43.16
C ALA B 42 27.95 -8.50 -43.32
N GLU B 43 28.81 -8.79 -44.29
CA GLU B 43 29.95 -7.94 -44.51
C GLU B 43 29.53 -6.51 -44.88
N ALA B 44 28.51 -6.38 -45.73
CA ALA B 44 28.06 -5.05 -46.12
C ALA B 44 27.50 -4.28 -44.94
N VAL B 45 26.78 -4.97 -44.04
CA VAL B 45 26.26 -4.31 -42.83
C VAL B 45 27.43 -3.85 -41.97
N ILE B 46 28.39 -4.74 -41.76
CA ILE B 46 29.56 -4.41 -40.95
C ILE B 46 30.32 -3.21 -41.54
N ASN B 47 30.64 -3.27 -42.82
CA ASN B 47 31.39 -2.19 -43.43
C ASN B 47 30.64 -0.84 -43.37
N ASP B 48 29.33 -0.86 -43.56
CA ASP B 48 28.57 0.39 -43.53
C ASP B 48 28.35 0.94 -42.14
N LEU B 49 28.08 0.08 -41.18
CA LEU B 49 27.70 0.54 -39.83
C LEU B 49 28.83 0.66 -38.82
N ALA B 50 29.93 -0.06 -39.04
CA ALA B 50 31.05 0.03 -38.09
C ALA B 50 31.56 1.46 -37.86
N PRO B 51 31.74 2.26 -38.93
CA PRO B 51 32.21 3.65 -38.69
C PRO B 51 31.17 4.49 -37.92
N LYS B 52 29.89 4.27 -38.18
N LYS B 52 29.89 4.28 -38.19
CA LYS B 52 28.84 4.99 -37.48
CA LYS B 52 28.84 5.00 -37.47
C LYS B 52 28.84 4.60 -35.99
C LYS B 52 28.86 4.61 -35.98
N ASN B 53 29.09 3.32 -35.72
CA ASN B 53 29.16 2.84 -34.34
C ASN B 53 30.32 3.55 -33.63
N LYS B 54 31.48 3.66 -34.27
N LYS B 54 31.46 3.66 -34.30
CA LYS B 54 32.61 4.34 -33.65
CA LYS B 54 32.64 4.30 -33.73
C LYS B 54 32.29 5.79 -33.38
C LYS B 54 32.37 5.79 -33.45
N ALA B 55 31.63 6.45 -34.33
CA ALA B 55 31.30 7.87 -34.15
C ALA B 55 30.36 8.08 -32.98
N LEU B 56 29.40 7.18 -32.79
CA LEU B 56 28.49 7.29 -31.64
C LEU B 56 29.24 7.12 -30.32
N LEU B 57 30.17 6.18 -30.27
CA LEU B 57 30.95 5.99 -29.07
C LEU B 57 31.85 7.17 -28.76
N ALA B 58 32.41 7.78 -29.79
CA ALA B 58 33.26 8.95 -29.60
C ALA B 58 32.44 10.10 -29.05
N LYS B 59 31.17 10.19 -29.44
CA LYS B 59 30.31 11.28 -28.97
C LYS B 59 30.04 11.12 -27.48
N ARG B 60 29.85 9.90 -27.03
CA ARG B 60 29.69 9.66 -25.59
C ARG B 60 30.88 10.25 -24.84
N ASP B 61 32.08 9.96 -25.33
CA ASP B 61 33.29 10.42 -24.66
C ASP B 61 33.40 11.93 -24.67
N GLU B 62 33.03 12.54 -25.79
N GLU B 62 33.05 12.56 -25.79
CA GLU B 62 33.11 14.00 -25.94
CA GLU B 62 33.14 14.02 -25.88
C GLU B 62 32.17 14.67 -24.93
C GLU B 62 32.18 14.68 -24.91
N LEU B 63 30.95 14.16 -24.82
CA LEU B 63 29.99 14.75 -23.90
C LEU B 63 30.47 14.58 -22.46
N GLN B 64 30.98 13.41 -22.12
CA GLN B 64 31.42 13.19 -20.76
C GLN B 64 32.60 14.11 -20.44
N ALA B 65 33.52 14.30 -21.37
CA ALA B 65 34.64 15.20 -21.10
C ALA B 65 34.14 16.64 -20.87
N LYS B 66 33.11 17.04 -21.60
N LYS B 66 33.12 17.05 -21.60
CA LYS B 66 32.52 18.38 -21.43
CA LYS B 66 32.55 18.39 -21.40
C LYS B 66 31.94 18.53 -20.02
C LYS B 66 31.96 18.53 -20.00
N ILE B 67 31.23 17.50 -19.58
CA ILE B 67 30.61 17.53 -18.24
C ILE B 67 31.71 17.53 -17.16
N ASP B 68 32.73 16.68 -17.34
CA ASP B 68 33.83 16.64 -16.39
C ASP B 68 34.44 18.06 -16.25
N GLY B 69 34.70 18.71 -17.37
CA GLY B 69 35.26 20.06 -17.37
C GLY B 69 34.40 21.09 -16.70
N TRP B 70 33.08 20.98 -16.91
CA TRP B 70 32.14 21.92 -16.32
C TRP B 70 32.26 21.85 -14.78
N HIS B 71 32.24 20.64 -14.25
CA HIS B 71 32.36 20.47 -12.79
C HIS B 71 33.73 20.92 -12.27
N GLN B 72 34.80 20.58 -13.00
CA GLN B 72 36.14 20.94 -12.57
C GLN B 72 36.31 22.43 -12.44
N ALA B 73 35.67 23.21 -13.32
CA ALA B 73 35.78 24.67 -13.29
C ALA B 73 34.98 25.27 -12.16
N ARG B 74 34.17 24.47 -11.49
CA ARG B 74 33.30 24.94 -10.41
C ARG B 74 33.55 24.23 -9.11
N ALA B 75 34.78 23.74 -8.94
CA ALA B 75 35.15 23.03 -7.72
C ALA B 75 35.03 24.01 -6.55
N GLY B 76 34.42 23.57 -5.46
CA GLY B 76 34.23 24.44 -4.30
C GLY B 76 32.96 25.30 -4.33
N GLN B 77 32.32 25.41 -5.50
CA GLN B 77 31.08 26.17 -5.64
C GLN B 77 29.92 25.21 -5.54
N ALA B 78 28.83 25.65 -4.93
CA ALA B 78 27.64 24.82 -4.85
C ALA B 78 27.11 24.63 -6.27
N HIS B 79 26.56 23.45 -6.53
CA HIS B 79 26.03 23.10 -7.85
C HIS B 79 24.89 24.04 -8.26
N ASP B 80 25.06 24.71 -9.40
CA ASP B 80 24.06 25.64 -9.93
C ASP B 80 23.20 24.88 -10.93
N ALA B 81 22.01 24.46 -10.49
CA ALA B 81 21.12 23.67 -11.33
C ALA B 81 20.66 24.36 -12.59
N VAL B 82 20.42 25.68 -12.52
CA VAL B 82 19.95 26.42 -13.69
C VAL B 82 21.03 26.46 -14.77
N ALA B 83 22.24 26.83 -14.36
CA ALA B 83 23.35 26.90 -15.28
C ALA B 83 23.68 25.51 -15.84
N TYR B 84 23.61 24.50 -14.98
CA TYR B 84 23.89 23.14 -15.41
C TYR B 84 22.91 22.67 -16.47
N LYS B 85 21.63 22.88 -16.26
CA LYS B 85 20.65 22.46 -17.25
C LYS B 85 20.87 23.19 -18.59
N ALA B 86 21.13 24.48 -18.51
CA ALA B 86 21.37 25.26 -19.73
C ALA B 86 22.58 24.71 -20.48
N PHE B 87 23.61 24.30 -19.73
N PHE B 87 23.59 24.31 -19.73
CA PHE B 87 24.83 23.72 -20.31
CA PHE B 87 24.80 23.74 -20.27
C PHE B 87 24.51 22.39 -21.01
C PHE B 87 24.54 22.40 -20.96
N LEU B 88 23.74 21.53 -20.34
CA LEU B 88 23.38 20.24 -20.98
C LEU B 88 22.60 20.46 -22.29
N GLU B 89 21.77 21.50 -22.32
N GLU B 89 21.78 21.51 -22.32
CA GLU B 89 21.03 21.85 -23.53
CA GLU B 89 21.02 21.83 -23.54
C GLU B 89 22.01 22.35 -24.58
C GLU B 89 21.93 22.44 -24.59
N GLU B 90 22.89 23.26 -24.18
CA GLU B 90 23.82 23.86 -25.14
C GLU B 90 24.69 22.80 -25.85
N ILE B 91 25.18 21.81 -25.10
CA ILE B 91 26.05 20.80 -25.69
C ILE B 91 25.31 19.66 -26.42
N GLY B 92 23.98 19.70 -26.42
CA GLY B 92 23.19 18.66 -27.11
C GLY B 92 23.03 17.36 -26.32
N TYR B 93 23.23 17.41 -25.02
CA TYR B 93 23.02 16.24 -24.16
C TYR B 93 21.52 16.13 -23.88
N LEU B 94 20.92 17.22 -23.42
CA LEU B 94 19.49 17.31 -23.14
C LEU B 94 18.86 17.96 -24.37
N LEU B 95 18.08 17.20 -25.11
CA LEU B 95 17.47 17.68 -26.35
C LEU B 95 16.05 18.11 -26.13
N PRO B 96 15.51 18.94 -27.05
CA PRO B 96 14.11 19.32 -26.92
C PRO B 96 13.22 18.07 -26.94
N GLU B 97 12.11 18.13 -26.21
N GLU B 97 12.12 18.10 -26.19
CA GLU B 97 11.18 17.00 -26.15
CA GLU B 97 11.20 16.96 -26.15
C GLU B 97 10.69 16.64 -27.56
C GLU B 97 10.69 16.64 -27.55
N ALA B 98 10.67 15.35 -27.87
CA ALA B 98 10.18 14.88 -29.15
C ALA B 98 8.72 15.27 -29.36
N GLU B 99 8.33 15.36 -30.62
CA GLU B 99 6.92 15.60 -30.94
C GLU B 99 6.07 14.37 -30.56
N ASP B 100 4.82 14.63 -30.23
CA ASP B 100 3.89 13.56 -29.86
C ASP B 100 3.78 12.49 -30.92
N PHE B 101 3.60 11.26 -30.47
CA PHE B 101 3.42 10.13 -31.37
C PHE B 101 2.84 8.98 -30.55
N GLN B 102 2.41 7.96 -31.27
CA GLN B 102 1.94 6.73 -30.67
C GLN B 102 2.69 5.59 -31.33
N ALA B 103 3.16 4.66 -30.53
CA ALA B 103 3.87 3.49 -31.05
C ALA B 103 3.00 2.78 -32.05
N GLY B 104 3.62 2.25 -33.10
CA GLY B 104 2.86 1.55 -34.15
C GLY B 104 3.19 0.07 -34.29
N THR B 105 3.84 -0.50 -33.29
CA THR B 105 4.27 -1.88 -33.33
C THR B 105 3.11 -2.84 -33.58
N GLN B 106 3.31 -3.76 -34.50
CA GLN B 106 2.30 -4.77 -34.84
C GLN B 106 2.87 -6.18 -34.62
N ASN B 107 1.99 -7.17 -34.67
CA ASN B 107 2.41 -8.57 -34.57
C ASN B 107 3.12 -8.90 -33.27
N VAL B 108 2.59 -8.37 -32.18
CA VAL B 108 3.15 -8.60 -30.87
C VAL B 108 2.40 -9.73 -30.14
N ASP B 109 3.14 -10.70 -29.62
CA ASP B 109 2.55 -11.80 -28.89
C ASP B 109 1.82 -11.32 -27.62
N ASP B 110 0.78 -12.05 -27.28
CA ASP B 110 -0.08 -11.72 -26.13
C ASP B 110 0.66 -11.60 -24.81
N GLU B 111 1.69 -12.41 -24.59
CA GLU B 111 2.42 -12.38 -23.34
C GLU B 111 3.06 -11.03 -23.04
N ILE B 112 3.38 -10.30 -24.11
CA ILE B 112 3.98 -8.96 -24.00
C ILE B 112 2.91 -7.90 -23.97
N ALA B 113 2.00 -7.94 -24.93
CA ALA B 113 1.02 -6.87 -25.13
C ALA B 113 -0.22 -6.91 -24.28
N ARG B 114 -0.66 -8.09 -23.87
CA ARG B 114 -1.97 -8.22 -23.23
C ARG B 114 -1.98 -8.84 -21.87
N MET B 115 -0.81 -9.13 -21.30
CA MET B 115 -0.72 -9.78 -20.00
C MET B 115 0.28 -9.08 -19.11
N ALA B 116 -0.02 -9.01 -17.83
CA ALA B 116 0.86 -8.44 -16.84
C ALA B 116 1.36 -9.57 -15.96
N GLY B 117 2.67 -9.69 -15.84
CA GLY B 117 3.25 -10.71 -14.99
C GLY B 117 4.75 -10.68 -15.03
N PRO B 118 5.39 -11.55 -14.28
CA PRO B 118 6.84 -11.56 -14.19
C PRO B 118 7.59 -11.79 -15.50
N GLN B 119 8.81 -11.23 -15.54
CA GLN B 119 9.75 -11.42 -16.66
C GLN B 119 11.05 -11.93 -16.07
N LEU B 120 11.45 -13.14 -16.47
CA LEU B 120 12.64 -13.77 -15.93
C LEU B 120 13.84 -13.48 -16.81
N VAL B 121 15.01 -13.25 -16.22
CA VAL B 121 16.24 -13.02 -17.00
C VAL B 121 17.26 -14.04 -16.55
N VAL B 122 17.88 -14.74 -17.52
N VAL B 122 17.86 -14.79 -17.48
CA VAL B 122 18.82 -15.82 -17.25
CA VAL B 122 18.89 -15.77 -17.12
C VAL B 122 19.99 -15.80 -18.23
C VAL B 122 20.00 -15.75 -18.15
N PRO B 123 21.21 -16.20 -17.78
CA PRO B 123 22.33 -16.27 -18.73
C PRO B 123 22.11 -17.42 -19.73
N VAL B 124 22.07 -17.08 -21.02
CA VAL B 124 21.81 -18.10 -22.01
C VAL B 124 23.00 -19.03 -22.18
N MET B 125 24.17 -18.64 -21.67
CA MET B 125 25.36 -19.49 -21.76
C MET B 125 25.23 -20.75 -20.90
N ASN B 126 24.32 -20.73 -19.93
CA ASN B 126 24.11 -21.87 -19.03
C ASN B 126 22.87 -22.59 -19.53
N ALA B 127 23.06 -23.72 -20.19
CA ALA B 127 21.95 -24.44 -20.78
C ALA B 127 20.92 -24.91 -19.74
N ARG B 128 21.38 -25.28 -18.55
CA ARG B 128 20.45 -25.70 -17.50
C ARG B 128 19.54 -24.55 -17.08
N PHE B 129 20.11 -23.38 -16.81
CA PHE B 129 19.27 -22.26 -16.42
C PHE B 129 18.36 -21.82 -17.57
N ALA B 130 18.85 -21.90 -18.79
CA ALA B 130 18.05 -21.53 -19.94
C ALA B 130 16.84 -22.44 -20.09
N LEU B 131 17.06 -23.75 -19.97
N LEU B 131 17.06 -23.75 -19.97
CA LEU B 131 15.97 -24.71 -20.12
CA LEU B 131 15.96 -24.72 -20.05
C LEU B 131 14.95 -24.53 -18.98
C LEU B 131 14.95 -24.45 -18.98
N ASN B 132 15.42 -24.34 -17.75
CA ASN B 132 14.53 -24.10 -16.62
C ASN B 132 13.72 -22.82 -16.87
N ALA B 133 14.36 -21.80 -17.43
CA ALA B 133 13.66 -20.54 -17.68
C ALA B 133 12.61 -20.69 -18.77
N SER B 134 12.88 -21.46 -19.82
CA SER B 134 11.87 -21.73 -20.85
C SER B 134 10.61 -22.33 -20.23
N ASN B 135 10.82 -23.23 -19.29
CA ASN B 135 9.72 -23.94 -18.65
C ASN B 135 9.07 -23.18 -17.49
N ALA B 136 9.63 -22.03 -17.11
CA ALA B 136 9.16 -21.24 -15.97
C ALA B 136 7.81 -20.56 -16.13
N ARG B 137 7.19 -20.70 -17.29
CA ARG B 137 5.86 -20.21 -17.56
C ARG B 137 4.88 -20.81 -16.57
N TRP B 138 5.13 -22.02 -16.10
CA TRP B 138 4.27 -22.68 -15.13
C TRP B 138 5.14 -23.10 -13.97
N GLY B 139 4.75 -22.74 -12.75
CA GLY B 139 5.55 -23.04 -11.57
C GLY B 139 4.72 -23.53 -10.41
N SER B 140 5.26 -24.48 -9.67
CA SER B 140 4.62 -25.01 -8.49
C SER B 140 4.61 -23.99 -7.35
N LEU B 141 3.41 -23.58 -6.92
CA LEU B 141 3.33 -22.69 -5.79
C LEU B 141 3.79 -23.39 -4.50
N TYR B 142 3.44 -24.67 -4.32
CA TYR B 142 3.84 -25.36 -3.11
C TYR B 142 5.34 -25.45 -3.02
N ASP B 143 6.02 -25.74 -4.13
CA ASP B 143 7.49 -25.84 -4.07
C ASP B 143 8.11 -24.48 -3.76
N ALA B 144 7.57 -23.42 -4.35
CA ALA B 144 8.09 -22.06 -4.12
C ALA B 144 7.90 -21.63 -2.67
N LEU B 145 6.82 -22.05 -2.06
CA LEU B 145 6.57 -21.70 -0.66
C LEU B 145 7.40 -22.57 0.28
N TYR B 146 7.40 -23.87 0.05
CA TYR B 146 8.12 -24.79 0.92
C TYR B 146 9.62 -24.53 0.89
N GLY B 147 10.14 -24.28 -0.30
CA GLY B 147 11.58 -24.13 -0.46
C GLY B 147 12.20 -22.77 -0.19
N THR B 148 11.40 -21.79 0.22
CA THR B 148 11.92 -20.43 0.48
C THR B 148 11.51 -19.91 1.83
N ASP B 149 12.00 -18.71 2.17
CA ASP B 149 11.68 -18.12 3.45
C ASP B 149 10.30 -17.44 3.53
N VAL B 150 9.46 -17.57 2.50
CA VAL B 150 8.10 -17.02 2.58
C VAL B 150 7.34 -17.64 3.77
N ILE B 151 7.51 -18.94 3.96
CA ILE B 151 6.92 -19.66 5.06
C ILE B 151 7.92 -19.70 6.21
N SER B 152 7.51 -19.16 7.35
CA SER B 152 8.35 -19.12 8.54
C SER B 152 8.65 -20.51 9.07
N GLU B 153 9.76 -20.60 9.80
CA GLU B 153 10.23 -21.85 10.39
C GLU B 153 9.74 -22.11 11.82
N GLU B 154 9.08 -21.15 12.44
CA GLU B 154 8.63 -21.31 13.82
C GLU B 154 7.69 -22.51 14.02
N GLY B 155 7.69 -23.06 15.22
CA GLY B 155 6.84 -24.19 15.56
C GLY B 155 7.25 -25.50 14.90
N GLY B 156 8.55 -25.65 14.66
CA GLY B 156 9.10 -26.86 14.03
C GLY B 156 8.78 -26.99 12.56
N ALA B 157 8.72 -25.85 11.88
CA ALA B 157 8.41 -25.82 10.44
C ALA B 157 9.64 -25.58 9.55
N GLU B 158 10.78 -26.17 9.91
CA GLU B 158 11.99 -26.01 9.10
C GLU B 158 11.91 -26.88 7.80
N LYS B 159 12.55 -26.43 6.71
CA LYS B 159 12.52 -27.15 5.41
C LYS B 159 13.03 -28.59 5.51
N GLY B 160 14.32 -28.69 5.79
CA GLY B 160 14.98 -29.97 5.93
C GLY B 160 15.18 -30.71 4.64
N LYS B 161 15.48 -32.00 4.77
CA LYS B 161 15.80 -32.89 3.64
C LYS B 161 14.61 -33.61 2.99
N GLY B 162 13.56 -33.85 3.76
CA GLY B 162 12.38 -34.56 3.28
C GLY B 162 11.14 -33.71 3.44
N TYR B 163 10.03 -34.33 3.78
CA TYR B 163 8.78 -33.62 3.94
C TYR B 163 8.47 -33.42 5.41
N ASN B 164 8.41 -32.18 5.83
CA ASN B 164 8.07 -31.79 7.17
C ASN B 164 6.58 -31.42 7.11
N LYS B 165 5.71 -32.28 7.62
CA LYS B 165 4.26 -32.01 7.54
C LYS B 165 3.85 -30.70 8.22
N VAL B 166 4.53 -30.29 9.29
CA VAL B 166 4.21 -29.00 9.95
C VAL B 166 4.41 -27.85 8.94
N ARG B 167 5.53 -27.87 8.23
CA ARG B 167 5.80 -26.84 7.22
C ARG B 167 4.82 -27.00 6.06
N GLY B 168 4.62 -28.25 5.65
CA GLY B 168 3.74 -28.58 4.55
C GLY B 168 2.32 -28.06 4.74
N ASP B 169 1.83 -28.16 5.96
CA ASP B 169 0.47 -27.69 6.26
C ASP B 169 0.41 -26.16 6.21
N LYS B 170 1.50 -25.47 6.56
CA LYS B 170 1.54 -24.00 6.44
C LYS B 170 1.51 -23.61 4.95
N VAL B 171 2.20 -24.38 4.12
CA VAL B 171 2.21 -24.17 2.67
C VAL B 171 0.78 -24.34 2.14
N ILE B 172 0.13 -25.43 2.52
CA ILE B 172 -1.23 -25.66 2.09
C ILE B 172 -2.14 -24.49 2.50
N ALA B 173 -2.02 -24.04 3.75
CA ALA B 173 -2.83 -22.95 4.26
C ALA B 173 -2.61 -21.65 3.47
N PHE B 174 -1.36 -21.36 3.13
CA PHE B 174 -1.06 -20.15 2.36
C PHE B 174 -1.75 -20.23 0.98
N ALA B 175 -1.65 -21.40 0.35
CA ALA B 175 -2.23 -21.58 -0.98
C ALA B 175 -3.77 -21.53 -0.91
N ARG B 176 -4.39 -22.04 0.15
CA ARG B 176 -5.83 -21.94 0.28
C ARG B 176 -6.26 -20.49 0.43
N ALA B 177 -5.47 -19.72 1.15
CA ALA B 177 -5.77 -18.30 1.32
C ALA B 177 -5.69 -17.59 -0.04
N PHE B 178 -4.68 -17.95 -0.84
CA PHE B 178 -4.56 -17.42 -2.19
C PHE B 178 -5.79 -17.76 -3.03
N LEU B 179 -6.26 -19.01 -2.97
CA LEU B 179 -7.43 -19.42 -3.75
C LEU B 179 -8.67 -18.63 -3.32
N ASP B 180 -8.80 -18.38 -2.02
CA ASP B 180 -9.94 -17.57 -1.54
C ASP B 180 -9.87 -16.14 -2.06
N GLU B 181 -8.67 -15.60 -2.21
CA GLU B 181 -8.51 -14.24 -2.72
C GLU B 181 -8.72 -14.13 -4.22
N ALA B 182 -8.09 -15.03 -4.96
CA ALA B 182 -8.10 -14.97 -6.42
C ALA B 182 -9.23 -15.70 -7.12
N ALA B 183 -9.87 -16.66 -6.44
CA ALA B 183 -10.98 -17.44 -7.00
C ALA B 183 -12.01 -17.69 -5.89
N PRO B 184 -12.58 -16.61 -5.33
CA PRO B 184 -13.49 -16.77 -4.22
C PRO B 184 -14.70 -17.61 -4.52
N LEU B 185 -15.16 -18.33 -3.51
CA LEU B 185 -16.35 -19.15 -3.65
C LEU B 185 -17.56 -18.28 -3.35
N GLU B 186 -18.72 -18.67 -3.87
N GLU B 186 -18.71 -18.67 -3.88
CA GLU B 186 -19.97 -17.91 -3.63
CA GLU B 186 -19.96 -17.94 -3.62
C GLU B 186 -20.36 -17.97 -2.15
C GLU B 186 -20.23 -17.93 -2.13
N SER B 187 -20.05 -19.09 -1.50
CA SER B 187 -20.26 -19.25 -0.08
C SER B 187 -19.11 -20.12 0.47
N GLY B 188 -18.53 -19.74 1.60
CA GLY B 188 -17.48 -20.53 2.22
C GLY B 188 -16.09 -20.27 1.70
N SER B 189 -15.18 -21.13 2.13
CA SER B 189 -13.76 -21.01 1.83
C SER B 189 -13.20 -22.29 1.23
N HIS B 190 -12.20 -22.13 0.37
CA HIS B 190 -11.48 -23.29 -0.19
C HIS B 190 -10.84 -24.13 0.93
N VAL B 191 -10.59 -23.53 2.09
CA VAL B 191 -10.03 -24.27 3.22
C VAL B 191 -10.92 -25.47 3.57
N ASP B 192 -12.22 -25.32 3.37
CA ASP B 192 -13.20 -26.36 3.73
C ASP B 192 -13.65 -27.25 2.58
N ALA B 193 -12.94 -27.21 1.46
CA ALA B 193 -13.32 -28.04 0.32
C ALA B 193 -13.09 -29.53 0.59
N THR B 194 -14.00 -30.37 0.10
CA THR B 194 -13.83 -31.81 0.18
C THR B 194 -13.70 -32.38 -1.22
N SER B 195 -14.15 -31.63 -2.23
CA SER B 195 -13.94 -32.05 -3.61
C SER B 195 -14.21 -30.93 -4.59
N TYR B 196 -13.53 -31.01 -5.73
CA TYR B 196 -13.73 -30.13 -6.85
C TYR B 196 -14.20 -31.01 -8.00
N SER B 197 -15.28 -30.62 -8.67
CA SER B 197 -15.78 -31.39 -9.81
C SER B 197 -16.46 -30.43 -10.78
N VAL B 198 -16.73 -30.93 -11.98
CA VAL B 198 -17.33 -30.15 -13.04
C VAL B 198 -18.64 -30.82 -13.41
N LYS B 199 -19.72 -30.10 -13.21
CA LYS B 199 -21.04 -30.63 -13.46
C LYS B 199 -21.88 -29.58 -14.15
N ASN B 200 -22.54 -29.99 -15.23
CA ASN B 200 -23.45 -29.11 -15.97
C ASN B 200 -22.75 -27.81 -16.39
N GLY B 201 -21.52 -27.96 -16.86
CA GLY B 201 -20.76 -26.82 -17.33
C GLY B 201 -20.19 -25.83 -16.31
N ALA B 202 -20.19 -26.19 -15.02
CA ALA B 202 -19.68 -25.30 -13.97
C ALA B 202 -18.88 -26.03 -12.91
N LEU B 203 -17.96 -25.30 -12.27
CA LEU B 203 -17.15 -25.85 -11.19
C LEU B 203 -18.02 -25.95 -9.94
N VAL B 204 -18.00 -27.12 -9.32
CA VAL B 204 -18.76 -27.38 -8.09
C VAL B 204 -17.75 -27.75 -7.01
N VAL B 205 -17.79 -27.01 -5.90
CA VAL B 205 -16.91 -27.26 -4.77
C VAL B 205 -17.75 -27.79 -3.60
N ALA B 206 -17.55 -29.05 -3.26
CA ALA B 206 -18.23 -29.65 -2.09
C ALA B 206 -17.48 -29.19 -0.85
N LEU B 207 -18.21 -28.85 0.21
CA LEU B 207 -17.63 -28.35 1.45
C LEU B 207 -17.85 -29.36 2.57
N LYS B 208 -17.03 -29.28 3.61
N LYS B 208 -17.02 -29.26 3.61
CA LYS B 208 -17.13 -30.25 4.71
CA LYS B 208 -17.09 -30.15 4.77
C LYS B 208 -18.47 -30.21 5.46
C LYS B 208 -18.46 -30.19 5.44
N ASN B 209 -19.18 -29.07 5.40
CA ASN B 209 -20.52 -29.00 6.04
C ASN B 209 -21.60 -29.80 5.29
N GLY B 210 -21.26 -30.35 4.11
CA GLY B 210 -22.19 -31.18 3.33
C GLY B 210 -22.87 -30.45 2.18
N SER B 211 -22.62 -29.15 2.06
CA SER B 211 -23.21 -28.39 0.97
C SER B 211 -22.23 -28.28 -0.18
N GLU B 212 -22.68 -27.61 -1.23
CA GLU B 212 -21.88 -27.37 -2.41
C GLU B 212 -21.99 -25.91 -2.74
N THR B 213 -20.95 -25.39 -3.38
CA THR B 213 -20.92 -24.00 -3.83
C THR B 213 -20.15 -23.92 -5.13
N GLY B 214 -20.45 -22.88 -5.89
CA GLY B 214 -19.71 -22.58 -7.09
C GLY B 214 -18.83 -21.38 -6.80
N LEU B 215 -18.15 -20.91 -7.82
CA LEU B 215 -17.35 -19.71 -7.69
C LEU B 215 -18.24 -18.46 -7.63
N LYS B 216 -17.77 -17.44 -6.93
CA LYS B 216 -18.46 -16.15 -6.87
C LYS B 216 -18.59 -15.61 -8.30
N ASN B 217 -17.51 -15.73 -9.07
N ASN B 217 -17.49 -15.68 -9.06
CA ASN B 217 -17.45 -15.31 -10.47
CA ASN B 217 -17.47 -15.30 -10.48
C ASN B 217 -17.19 -16.56 -11.30
C ASN B 217 -17.20 -16.57 -11.26
N ALA B 218 -18.28 -17.19 -11.74
CA ALA B 218 -18.20 -18.46 -12.47
C ALA B 218 -17.34 -18.46 -13.71
N GLY B 219 -17.21 -17.29 -14.34
CA GLY B 219 -16.37 -17.12 -15.52
C GLY B 219 -14.87 -17.36 -15.31
N GLN B 220 -14.44 -17.38 -14.05
CA GLN B 220 -13.04 -17.65 -13.76
C GLN B 220 -12.67 -19.11 -14.04
N PHE B 221 -13.65 -20.00 -14.00
CA PHE B 221 -13.42 -21.41 -14.31
C PHE B 221 -13.41 -21.58 -15.81
N LEU B 222 -12.30 -22.10 -16.33
CA LEU B 222 -12.17 -22.25 -17.78
C LEU B 222 -12.21 -23.66 -18.30
N ALA B 223 -11.58 -24.58 -17.58
CA ALA B 223 -11.38 -25.92 -18.11
C ALA B 223 -10.85 -26.84 -17.06
N PHE B 224 -10.68 -28.10 -17.45
CA PHE B 224 -10.16 -29.10 -16.52
C PHE B 224 -9.41 -30.18 -17.27
N GLN B 225 -8.72 -31.03 -16.50
CA GLN B 225 -8.06 -32.22 -17.05
C GLN B 225 -8.61 -33.44 -16.34
N GLY B 226 -8.72 -34.53 -17.09
CA GLY B 226 -9.22 -35.78 -16.57
C GLY B 226 -10.72 -35.91 -16.60
N ASP B 227 -11.25 -36.73 -15.71
CA ASP B 227 -12.67 -37.00 -15.60
C ASP B 227 -13.36 -35.81 -14.95
N ALA B 228 -14.43 -35.31 -15.57
CA ALA B 228 -15.20 -34.19 -15.02
C ALA B 228 -15.67 -34.42 -13.58
N ALA B 229 -15.97 -35.67 -13.22
CA ALA B 229 -16.44 -35.99 -11.87
C ALA B 229 -15.34 -35.97 -10.81
N LYS B 230 -14.10 -36.17 -11.24
CA LYS B 230 -12.96 -36.23 -10.33
C LYS B 230 -11.74 -35.76 -11.11
N PRO B 231 -11.73 -34.46 -11.44
CA PRO B 231 -10.65 -33.95 -12.27
C PRO B 231 -9.28 -33.98 -11.62
N GLN B 232 -8.27 -34.12 -12.46
CA GLN B 232 -6.86 -34.09 -12.02
C GLN B 232 -6.37 -32.63 -11.90
N ALA B 233 -7.05 -31.73 -12.61
CA ALA B 233 -6.73 -30.31 -12.58
C ALA B 233 -7.92 -29.48 -12.93
N VAL B 234 -8.03 -28.33 -12.24
CA VAL B 234 -9.07 -27.35 -12.48
C VAL B 234 -8.34 -26.08 -12.88
N LEU B 235 -8.63 -25.57 -14.07
CA LEU B 235 -7.97 -24.36 -14.61
C LEU B 235 -8.82 -23.13 -14.38
N LEU B 236 -8.22 -22.14 -13.70
CA LEU B 236 -8.83 -20.89 -13.34
C LEU B 236 -8.02 -19.75 -13.90
N LYS B 237 -8.65 -18.58 -13.99
N LYS B 237 -8.66 -18.58 -14.02
CA LYS B 237 -7.98 -17.38 -14.48
CA LYS B 237 -7.98 -17.36 -14.46
C LYS B 237 -8.39 -16.18 -13.65
C LYS B 237 -8.35 -16.23 -13.52
N HIS B 238 -7.42 -15.30 -13.36
CA HIS B 238 -7.68 -14.09 -12.55
C HIS B 238 -6.67 -13.03 -13.01
N ASN B 239 -7.13 -11.81 -13.28
CA ASN B 239 -6.28 -10.75 -13.81
C ASN B 239 -5.47 -11.21 -15.03
N GLY B 240 -6.10 -12.04 -15.85
CA GLY B 240 -5.49 -12.52 -17.07
C GLY B 240 -4.50 -13.65 -16.90
N LEU B 241 -4.18 -14.01 -15.67
CA LEU B 241 -3.21 -15.06 -15.38
C LEU B 241 -3.89 -16.32 -14.94
N HIS B 242 -3.42 -17.45 -15.43
CA HIS B 242 -3.99 -18.73 -15.08
C HIS B 242 -3.34 -19.37 -13.88
N PHE B 243 -4.09 -20.29 -13.29
CA PHE B 243 -3.55 -21.16 -12.24
C PHE B 243 -4.39 -22.42 -12.20
N GLU B 244 -3.74 -23.53 -11.87
CA GLU B 244 -4.41 -24.81 -11.76
C GLU B 244 -4.46 -25.27 -10.34
N ILE B 245 -5.60 -25.79 -9.92
CA ILE B 245 -5.68 -26.53 -8.67
C ILE B 245 -5.39 -27.96 -9.12
N GLN B 246 -4.30 -28.55 -8.66
CA GLN B 246 -3.92 -29.91 -9.06
C GLN B 246 -4.39 -30.86 -7.99
N ILE B 247 -5.09 -31.92 -8.42
CA ILE B 247 -5.71 -32.87 -7.53
C ILE B 247 -5.22 -34.30 -7.78
N ASP B 248 -4.78 -34.95 -6.71
CA ASP B 248 -4.37 -36.36 -6.75
C ASP B 248 -4.40 -36.89 -5.31
N PRO B 249 -5.51 -37.51 -4.91
CA PRO B 249 -5.58 -38.00 -3.53
C PRO B 249 -4.59 -39.15 -3.19
N SER B 250 -3.95 -39.74 -4.20
CA SER B 250 -2.96 -40.81 -3.95
C SER B 250 -1.55 -40.26 -3.79
N SER B 251 -1.36 -38.98 -4.10
CA SER B 251 -0.02 -38.38 -3.97
C SER B 251 0.32 -38.15 -2.50
N PRO B 252 1.62 -38.04 -2.18
CA PRO B 252 1.98 -37.84 -0.76
C PRO B 252 1.31 -36.62 -0.10
N VAL B 253 1.24 -35.50 -0.80
CA VAL B 253 0.62 -34.30 -0.24
C VAL B 253 -0.91 -34.42 -0.33
N GLY B 254 -1.40 -34.92 -1.46
CA GLY B 254 -2.85 -35.08 -1.67
C GLY B 254 -3.51 -35.99 -0.64
N GLN B 255 -2.74 -36.95 -0.12
CA GLN B 255 -3.25 -37.87 0.93
C GLN B 255 -3.57 -37.13 2.24
N THR B 256 -2.91 -36.00 2.46
CA THR B 256 -3.09 -35.19 3.66
C THR B 256 -4.12 -34.06 3.51
N ASP B 257 -4.76 -33.98 2.35
CA ASP B 257 -5.68 -32.91 2.04
C ASP B 257 -7.07 -33.47 1.83
N ALA B 258 -8.08 -32.84 2.44
CA ALA B 258 -9.46 -33.38 2.36
C ALA B 258 -10.05 -33.42 0.97
N ALA B 259 -9.56 -32.54 0.08
CA ALA B 259 -10.02 -32.50 -1.31
C ALA B 259 -9.02 -33.18 -2.27
N GLY B 260 -7.96 -33.77 -1.72
CA GLY B 260 -6.91 -34.41 -2.53
C GLY B 260 -6.02 -33.43 -3.28
N VAL B 261 -6.08 -32.14 -2.94
CA VAL B 261 -5.25 -31.16 -3.61
C VAL B 261 -3.78 -31.44 -3.33
N LYS B 262 -2.97 -31.48 -4.38
CA LYS B 262 -1.53 -31.70 -4.22
C LYS B 262 -0.68 -30.45 -4.54
N ASP B 263 -1.23 -29.47 -5.25
CA ASP B 263 -0.47 -28.26 -5.55
C ASP B 263 -1.37 -27.25 -6.24
N VAL B 264 -0.85 -26.03 -6.38
CA VAL B 264 -1.46 -24.99 -7.18
C VAL B 264 -0.36 -24.63 -8.19
N LEU B 265 -0.62 -24.83 -9.47
CA LEU B 265 0.36 -24.52 -10.51
C LEU B 265 0.07 -23.13 -11.03
N MET B 266 1.03 -22.23 -10.87
CA MET B 266 0.85 -20.85 -11.26
C MET B 266 1.42 -20.51 -12.62
N GLU B 267 0.66 -19.77 -13.42
CA GLU B 267 1.24 -19.14 -14.63
C GLU B 267 2.17 -18.05 -14.02
N ALA B 268 3.45 -18.12 -14.39
CA ALA B 268 4.50 -17.37 -13.71
C ALA B 268 5.36 -16.52 -14.65
N ALA B 269 6.44 -17.06 -15.20
CA ALA B 269 7.29 -16.28 -16.10
C ALA B 269 6.65 -16.23 -17.47
N LEU B 270 5.88 -15.19 -17.74
CA LEU B 270 5.21 -15.07 -19.03
C LEU B 270 6.22 -14.94 -20.14
N THR B 271 7.29 -14.22 -19.85
CA THR B 271 8.38 -13.98 -20.79
C THR B 271 9.68 -14.18 -20.06
N THR B 272 10.69 -14.53 -20.84
CA THR B 272 12.04 -14.75 -20.36
C THR B 272 13.01 -14.07 -21.31
N ILE B 273 13.97 -13.37 -20.74
CA ILE B 273 15.04 -12.77 -21.52
C ILE B 273 16.26 -13.68 -21.40
N MET B 274 16.62 -14.28 -22.52
CA MET B 274 17.82 -15.12 -22.63
C MET B 274 18.96 -14.16 -22.86
N ASP B 275 19.79 -14.01 -21.84
CA ASP B 275 20.77 -12.94 -21.80
C ASP B 275 22.11 -13.30 -22.39
N CYS B 276 22.57 -12.47 -23.33
CA CYS B 276 23.92 -12.57 -23.90
C CYS B 276 24.77 -11.44 -23.35
N GLU B 277 24.22 -10.63 -22.46
CA GLU B 277 24.92 -9.42 -22.00
C GLU B 277 25.43 -9.53 -20.55
N ASP B 278 24.84 -8.78 -19.62
CA ASP B 278 25.46 -8.63 -18.31
C ASP B 278 25.63 -9.83 -17.42
N SER B 279 24.89 -10.90 -17.68
CA SER B 279 25.03 -12.10 -16.85
C SER B 279 25.93 -13.17 -17.45
N VAL B 280 26.56 -12.91 -18.61
CA VAL B 280 27.44 -13.92 -19.21
C VAL B 280 28.81 -13.33 -19.46
N ALA B 281 29.80 -14.22 -19.55
CA ALA B 281 31.17 -13.84 -19.82
C ALA B 281 31.53 -14.47 -21.17
N ALA B 282 31.72 -13.65 -22.19
CA ALA B 282 32.02 -14.18 -23.52
C ALA B 282 32.94 -13.18 -24.21
N VAL B 283 34.20 -13.58 -24.38
CA VAL B 283 35.24 -12.65 -24.83
C VAL B 283 35.90 -12.99 -26.14
N ASP B 284 35.48 -14.09 -26.76
CA ASP B 284 36.10 -14.55 -28.01
C ASP B 284 35.09 -15.42 -28.74
N ALA B 285 35.44 -15.88 -29.92
CA ALA B 285 34.54 -16.68 -30.74
C ALA B 285 34.13 -17.96 -30.07
N ASP B 286 35.05 -18.61 -29.35
CA ASP B 286 34.73 -19.86 -28.65
C ASP B 286 33.56 -19.63 -27.70
N ASP B 287 33.63 -18.57 -26.92
CA ASP B 287 32.57 -18.27 -25.96
C ASP B 287 31.28 -17.88 -26.67
N LYS B 288 31.38 -17.03 -27.70
CA LYS B 288 30.17 -16.60 -28.41
C LYS B 288 29.44 -17.77 -29.06
N VAL B 289 30.19 -18.74 -29.58
CA VAL B 289 29.54 -19.91 -30.16
C VAL B 289 28.71 -20.68 -29.13
N VAL B 290 29.20 -20.78 -27.90
CA VAL B 290 28.42 -21.45 -26.84
C VAL B 290 27.07 -20.74 -26.65
N ILE B 291 27.14 -19.40 -26.59
N ILE B 291 27.12 -19.41 -26.59
CA ILE B 291 25.96 -18.52 -26.49
CA ILE B 291 25.90 -18.62 -26.46
C ILE B 291 24.98 -18.78 -27.65
C ILE B 291 24.95 -18.80 -27.65
N TYR B 292 25.49 -18.67 -28.86
CA TYR B 292 24.66 -18.83 -30.05
C TYR B 292 24.10 -20.25 -30.17
N ARG B 293 24.89 -21.25 -29.81
CA ARG B 293 24.42 -22.64 -29.88
C ARG B 293 23.24 -22.92 -28.93
N ASN B 294 23.26 -22.30 -27.75
CA ASN B 294 22.13 -22.48 -26.83
C ASN B 294 20.89 -21.74 -27.35
N TRP B 295 21.09 -20.56 -27.93
CA TRP B 295 19.97 -19.86 -28.53
C TRP B 295 19.38 -20.71 -29.68
N LEU B 296 20.25 -21.33 -30.45
CA LEU B 296 19.84 -22.24 -31.54
C LEU B 296 18.99 -23.40 -31.00
N GLY B 297 19.41 -24.02 -29.91
CA GLY B 297 18.65 -25.11 -29.30
C GLY B 297 17.27 -24.64 -28.87
N LEU B 298 17.18 -23.42 -28.34
CA LEU B 298 15.89 -22.87 -27.95
C LEU B 298 15.01 -22.61 -29.16
N MET B 299 15.61 -22.06 -30.21
CA MET B 299 14.87 -21.73 -31.41
C MET B 299 14.44 -22.94 -32.22
N LYS B 300 15.13 -24.06 -32.05
CA LYS B 300 14.73 -25.29 -32.75
C LYS B 300 13.87 -26.16 -31.85
N GLY B 301 13.72 -25.77 -30.58
CA GLY B 301 12.94 -26.54 -29.63
C GLY B 301 13.61 -27.79 -29.09
N ASP B 302 14.88 -28.00 -29.42
CA ASP B 302 15.56 -29.23 -29.01
C ASP B 302 16.60 -29.09 -27.92
N LEU B 303 16.66 -27.93 -27.27
CA LEU B 303 17.56 -27.79 -26.15
C LEU B 303 17.14 -28.85 -25.12
N ALA B 304 18.09 -29.64 -24.66
CA ALA B 304 17.74 -30.71 -23.76
C ALA B 304 18.91 -31.14 -22.93
N GLU B 305 18.59 -31.92 -21.91
CA GLU B 305 19.61 -32.53 -21.06
C GLU B 305 19.22 -34.00 -20.85
N GLU B 306 20.18 -34.89 -21.12
CA GLU B 306 19.98 -36.32 -20.91
C GLU B 306 20.54 -36.65 -19.54
N VAL B 307 20.21 -37.86 -19.10
CA VAL B 307 20.67 -38.38 -17.83
C VAL B 307 22.20 -38.35 -17.68
N SER B 308 22.65 -37.98 -16.48
CA SER B 308 24.08 -37.97 -16.14
C SER B 308 24.19 -37.97 -14.63
N LYS B 309 25.17 -38.71 -14.12
CA LYS B 309 25.35 -38.84 -12.68
C LYS B 309 25.86 -37.50 -12.15
N GLY B 310 25.12 -36.92 -11.20
CA GLY B 310 25.46 -35.60 -10.64
C GLY B 310 24.55 -34.55 -11.27
N GLY B 311 24.21 -34.75 -12.55
CA GLY B 311 23.31 -33.85 -13.29
C GLY B 311 21.87 -34.36 -13.21
N SER B 312 21.19 -34.37 -14.34
CA SER B 312 19.79 -34.79 -14.36
C SER B 312 19.65 -36.32 -14.23
N THR B 313 18.57 -36.76 -13.59
CA THR B 313 18.27 -38.19 -13.43
C THR B 313 17.23 -38.60 -14.49
N PHE B 314 16.81 -37.66 -15.33
CA PHE B 314 15.82 -37.93 -16.39
C PHE B 314 16.04 -36.99 -17.57
N THR B 315 15.36 -37.29 -18.68
CA THR B 315 15.45 -36.49 -19.90
C THR B 315 14.68 -35.19 -19.67
N ARG B 316 15.42 -34.08 -19.73
CA ARG B 316 14.91 -32.73 -19.51
C ARG B 316 14.74 -32.02 -20.86
N THR B 317 13.51 -31.64 -21.20
CA THR B 317 13.24 -30.99 -22.49
C THR B 317 12.39 -29.74 -22.28
N MET B 318 12.23 -28.97 -23.36
CA MET B 318 11.34 -27.81 -23.36
C MET B 318 9.93 -28.36 -23.33
N ASN B 319 9.12 -27.88 -22.40
CA ASN B 319 7.79 -28.46 -22.22
C ASN B 319 6.84 -28.17 -23.35
N PRO B 320 5.94 -29.11 -23.66
CA PRO B 320 4.93 -28.85 -24.68
C PRO B 320 3.81 -27.97 -24.14
N ASP B 321 2.94 -27.52 -25.03
CA ASP B 321 1.76 -26.76 -24.64
C ASP B 321 0.82 -27.64 -23.80
N ARG B 322 0.02 -27.00 -22.95
CA ARG B 322 -0.88 -27.67 -22.02
C ARG B 322 -2.27 -27.72 -22.61
N VAL B 323 -2.89 -28.91 -22.58
CA VAL B 323 -4.21 -29.13 -23.17
C VAL B 323 -5.24 -29.44 -22.08
N TYR B 324 -6.42 -28.84 -22.22
CA TYR B 324 -7.51 -28.98 -21.27
C TYR B 324 -8.82 -29.20 -22.00
N THR B 325 -9.81 -29.65 -21.23
CA THR B 325 -11.16 -29.83 -21.71
C THR B 325 -12.03 -28.73 -21.10
N ARG B 326 -12.76 -28.01 -21.95
CA ARG B 326 -13.76 -27.05 -21.44
C ARG B 326 -15.00 -27.85 -21.01
N ALA B 327 -15.93 -27.21 -20.31
CA ALA B 327 -17.15 -27.90 -19.84
C ALA B 327 -18.09 -28.33 -20.97
N ASP B 328 -18.03 -27.60 -22.10
CA ASP B 328 -18.84 -27.92 -23.30
C ASP B 328 -18.19 -29.03 -24.11
N GLY B 329 -17.06 -29.55 -23.60
CA GLY B 329 -16.36 -30.65 -24.23
C GLY B 329 -15.28 -30.24 -25.20
N SER B 330 -15.18 -28.95 -25.56
CA SER B 330 -14.16 -28.52 -26.52
C SER B 330 -12.77 -28.50 -25.87
N GLU B 331 -11.74 -28.31 -26.69
CA GLU B 331 -10.36 -28.34 -26.20
C GLU B 331 -9.76 -26.96 -26.14
N LEU B 332 -9.07 -26.67 -25.02
CA LEU B 332 -8.38 -25.41 -24.79
C LEU B 332 -6.92 -25.74 -24.66
N THR B 333 -6.07 -25.03 -25.40
CA THR B 333 -4.64 -25.23 -25.33
C THR B 333 -3.95 -23.95 -24.86
N LEU B 334 -3.08 -24.07 -23.86
CA LEU B 334 -2.33 -22.93 -23.33
C LEU B 334 -0.84 -23.11 -23.62
N HIS B 335 -0.15 -22.01 -23.85
N HIS B 335 -0.13 -22.01 -23.88
CA HIS B 335 1.27 -22.08 -24.08
CA HIS B 335 1.31 -22.06 -24.18
C HIS B 335 1.98 -22.66 -22.87
C HIS B 335 2.03 -22.58 -22.92
N GLY B 336 2.86 -23.62 -23.10
CA GLY B 336 3.58 -24.26 -22.02
C GLY B 336 4.91 -23.65 -21.63
N ARG B 337 5.35 -22.68 -22.40
CA ARG B 337 6.68 -22.12 -22.21
C ARG B 337 6.65 -20.63 -22.15
N SER B 338 7.73 -20.08 -21.62
N SER B 338 7.71 -20.06 -21.57
N SER B 338 7.70 -20.06 -21.58
CA SER B 338 7.89 -18.64 -21.49
CA SER B 338 7.84 -18.62 -21.50
CA SER B 338 7.81 -18.62 -21.53
C SER B 338 8.24 -18.07 -22.87
C SER B 338 8.18 -18.10 -22.88
C SER B 338 8.10 -18.14 -22.93
N LEU B 339 7.59 -16.97 -23.26
CA LEU B 339 7.88 -16.33 -24.55
C LEU B 339 9.29 -15.79 -24.45
N LEU B 340 10.13 -16.11 -25.43
CA LEU B 340 11.53 -15.77 -25.35
C LEU B 340 11.98 -14.52 -26.09
N PHE B 341 12.71 -13.69 -25.36
CA PHE B 341 13.48 -12.57 -25.90
C PHE B 341 14.94 -13.02 -25.82
N VAL B 342 15.77 -12.34 -26.58
CA VAL B 342 17.23 -12.49 -26.45
C VAL B 342 17.81 -11.10 -26.19
N ARG B 343 18.63 -10.95 -25.16
CA ARG B 343 19.30 -9.67 -24.91
C ARG B 343 20.65 -9.70 -25.57
N ASN B 344 20.73 -8.99 -26.68
CA ASN B 344 21.99 -8.79 -27.39
C ASN B 344 22.87 -7.83 -26.58
N VAL B 345 24.18 -7.81 -26.86
CA VAL B 345 25.00 -6.77 -26.26
C VAL B 345 24.69 -5.41 -26.92
N GLY B 346 25.08 -4.35 -26.25
CA GLY B 346 24.90 -2.96 -26.71
C GLY B 346 25.99 -2.52 -27.65
N HIS B 347 26.07 -1.20 -27.85
CA HIS B 347 26.94 -0.63 -28.87
C HIS B 347 28.42 -0.53 -28.51
N LEU B 348 28.83 -0.77 -27.29
CA LEU B 348 30.22 -0.52 -26.91
C LEU B 348 31.29 -1.43 -27.47
N MET B 349 31.17 -2.71 -27.21
CA MET B 349 32.30 -3.59 -27.44
C MET B 349 32.46 -4.12 -28.83
N THR B 350 33.72 -4.35 -29.19
CA THR B 350 34.03 -5.08 -30.40
C THR B 350 34.62 -6.40 -29.94
N ASN B 351 34.74 -7.36 -30.84
CA ASN B 351 35.51 -8.57 -30.51
C ASN B 351 36.25 -9.02 -31.74
N ASP B 352 37.13 -9.99 -31.57
CA ASP B 352 37.90 -10.48 -32.68
C ASP B 352 37.36 -11.79 -33.25
N ALA B 353 36.09 -12.10 -33.01
CA ALA B 353 35.48 -13.29 -33.61
C ALA B 353 35.44 -13.08 -35.14
N ILE B 354 35.35 -11.82 -35.55
CA ILE B 354 35.45 -11.43 -36.95
C ILE B 354 36.35 -10.22 -37.02
N LEU B 355 37.28 -10.23 -37.97
CA LEU B 355 38.06 -9.04 -38.33
C LEU B 355 37.57 -8.61 -39.69
N ASP B 356 37.50 -7.30 -39.93
CA ASP B 356 37.03 -6.79 -41.21
C ASP B 356 38.18 -6.69 -42.20
N LYS B 357 37.89 -6.10 -43.36
CA LYS B 357 38.90 -6.02 -44.43
C LYS B 357 40.12 -5.20 -44.08
N ASP B 358 40.03 -4.36 -43.08
CA ASP B 358 41.20 -3.60 -42.59
C ASP B 358 41.90 -4.32 -41.44
N GLY B 359 41.38 -5.47 -41.03
CA GLY B 359 41.95 -6.20 -39.90
C GLY B 359 41.47 -5.70 -38.56
N ASN B 360 40.39 -4.92 -38.54
CA ASN B 360 39.84 -4.41 -37.28
C ASN B 360 38.76 -5.30 -36.71
N GLU B 361 38.65 -5.28 -35.39
CA GLU B 361 37.59 -6.00 -34.72
C GLU B 361 36.23 -5.46 -35.09
N VAL B 362 35.25 -6.34 -35.12
CA VAL B 362 33.90 -5.98 -35.50
C VAL B 362 33.02 -5.77 -34.26
N PRO B 363 32.18 -4.73 -34.26
CA PRO B 363 31.28 -4.50 -33.14
C PRO B 363 30.46 -5.73 -32.78
N GLU B 364 30.44 -6.04 -31.51
CA GLU B 364 29.76 -7.22 -31.03
C GLU B 364 28.24 -7.13 -31.16
N GLY B 365 27.68 -5.94 -31.00
CA GLY B 365 26.24 -5.76 -31.12
C GLY B 365 25.76 -6.01 -32.54
N ILE B 366 26.56 -5.59 -33.52
CA ILE B 366 26.24 -5.85 -34.93
C ILE B 366 26.25 -7.38 -35.15
N GLN B 367 27.30 -8.04 -34.65
CA GLN B 367 27.36 -9.50 -34.78
C GLN B 367 26.17 -10.19 -34.11
N ASP B 368 25.86 -9.82 -32.87
CA ASP B 368 24.71 -10.45 -32.17
C ASP B 368 23.43 -10.24 -32.96
N GLY B 369 23.25 -9.05 -33.51
CA GLY B 369 22.04 -8.76 -34.30
C GLY B 369 21.92 -9.70 -35.47
N LEU B 370 23.01 -9.87 -36.18
CA LEU B 370 23.03 -10.79 -37.32
C LEU B 370 22.80 -12.24 -36.92
N PHE B 371 23.59 -12.74 -35.98
CA PHE B 371 23.54 -14.15 -35.64
C PHE B 371 22.31 -14.56 -34.87
N THR B 372 21.88 -13.76 -33.89
CA THR B 372 20.69 -14.17 -33.13
C THR B 372 19.43 -14.10 -33.99
N SER B 373 19.40 -13.16 -34.94
CA SER B 373 18.26 -13.06 -35.86
C SER B 373 18.24 -14.23 -36.87
N LEU B 374 19.41 -14.55 -37.40
CA LEU B 374 19.54 -15.69 -38.31
C LEU B 374 19.00 -16.96 -37.64
N ILE B 375 19.44 -17.19 -36.42
CA ILE B 375 19.02 -18.37 -35.66
C ILE B 375 17.52 -18.38 -35.38
N ALA B 376 16.96 -17.19 -35.13
CA ALA B 376 15.52 -17.09 -34.89
C ALA B 376 14.66 -17.47 -36.11
N ILE B 377 15.24 -17.52 -37.30
CA ILE B 377 14.45 -17.93 -38.48
C ILE B 377 13.91 -19.34 -38.28
N HIS B 378 14.63 -20.18 -37.51
CA HIS B 378 14.12 -21.54 -37.25
C HIS B 378 12.75 -21.48 -36.60
N ASP B 379 12.50 -20.50 -35.76
CA ASP B 379 11.19 -20.31 -35.17
C ASP B 379 10.23 -19.74 -36.19
N LEU B 380 10.64 -18.70 -36.91
CA LEU B 380 9.74 -18.02 -37.86
C LEU B 380 9.23 -18.92 -38.97
N ASN B 381 10.07 -19.84 -39.45
CA ASN B 381 9.67 -20.68 -40.59
C ASN B 381 9.16 -22.05 -40.19
N GLY B 382 8.94 -22.28 -38.90
CA GLY B 382 8.40 -23.55 -38.42
C GLY B 382 9.38 -24.70 -38.33
N ASN B 383 10.67 -24.44 -38.52
CA ASN B 383 11.71 -25.47 -38.41
C ASN B 383 12.09 -25.64 -36.95
N THR B 384 11.07 -25.94 -36.15
CA THR B 384 11.20 -26.08 -34.70
C THR B 384 10.14 -27.05 -34.14
N SER B 385 10.49 -27.70 -33.04
CA SER B 385 9.54 -28.58 -32.36
C SER B 385 8.81 -27.81 -31.27
N ARG B 386 9.21 -26.56 -30.99
CA ARG B 386 8.59 -25.75 -29.94
C ARG B 386 8.49 -24.31 -30.42
N LYS B 387 7.29 -23.89 -30.80
CA LYS B 387 7.10 -22.56 -31.33
C LYS B 387 7.30 -21.50 -30.25
N ASN B 388 7.97 -20.41 -30.62
CA ASN B 388 8.16 -19.29 -29.69
C ASN B 388 7.11 -18.23 -30.00
N SER B 389 7.35 -17.40 -31.00
CA SER B 389 6.35 -16.41 -31.39
C SER B 389 5.20 -17.04 -32.21
N ARG B 390 3.99 -16.57 -31.99
N ARG B 390 3.99 -16.56 -31.96
CA ARG B 390 2.83 -17.00 -32.79
CA ARG B 390 2.83 -16.99 -32.74
C ARG B 390 2.40 -15.90 -33.76
C ARG B 390 2.31 -15.80 -33.56
N THR B 391 3.22 -14.85 -33.87
CA THR B 391 2.88 -13.66 -34.65
C THR B 391 3.94 -13.25 -35.66
N GLY B 392 5.00 -14.04 -35.82
CA GLY B 392 6.04 -13.68 -36.78
C GLY B 392 7.03 -12.63 -36.30
N SER B 393 7.25 -12.56 -35.00
CA SER B 393 8.21 -11.61 -34.46
C SER B 393 9.39 -12.28 -33.78
N VAL B 394 10.49 -11.53 -33.70
CA VAL B 394 11.69 -11.89 -32.94
C VAL B 394 11.85 -10.73 -31.97
N TYR B 395 12.18 -11.05 -30.72
CA TYR B 395 12.23 -10.04 -29.65
C TYR B 395 13.63 -9.88 -29.12
N ILE B 396 14.24 -8.76 -29.43
CA ILE B 396 15.62 -8.49 -29.04
C ILE B 396 15.66 -7.35 -28.03
N VAL B 397 16.27 -7.59 -26.89
CA VAL B 397 16.50 -6.52 -25.91
C VAL B 397 17.81 -5.85 -26.28
N LYS B 398 17.78 -4.51 -26.38
CA LYS B 398 18.97 -3.75 -26.71
C LYS B 398 19.33 -2.90 -25.49
N PRO B 399 20.43 -3.23 -24.83
CA PRO B 399 20.84 -2.53 -23.62
C PRO B 399 21.78 -1.38 -23.83
N LYS B 400 21.91 -0.59 -22.77
CA LYS B 400 22.95 0.43 -22.65
C LYS B 400 23.02 1.48 -23.75
N MET B 401 21.89 1.84 -24.33
CA MET B 401 21.90 2.92 -25.33
C MET B 401 21.90 4.29 -24.65
N HIS B 402 22.56 5.24 -25.29
CA HIS B 402 22.66 6.61 -24.81
C HIS B 402 22.02 7.59 -25.79
N GLY B 403 20.76 7.92 -25.61
CA GLY B 403 20.12 8.91 -26.43
C GLY B 403 19.49 8.44 -27.72
N PRO B 404 18.79 9.35 -28.40
CA PRO B 404 17.98 8.96 -29.55
C PRO B 404 18.74 8.61 -30.80
N GLU B 405 19.91 9.19 -31.02
CA GLU B 405 20.70 8.78 -32.19
C GLU B 405 21.13 7.33 -32.05
N GLU B 406 21.39 6.87 -30.83
CA GLU B 406 21.77 5.48 -30.62
C GLU B 406 20.58 4.55 -30.81
N ALA B 407 19.40 5.02 -30.43
CA ALA B 407 18.16 4.26 -30.67
C ALA B 407 17.92 4.18 -32.20
N ALA B 408 18.17 5.27 -32.92
CA ALA B 408 18.02 5.28 -34.37
C ALA B 408 19.02 4.30 -34.99
N PHE B 409 20.24 4.21 -34.43
CA PHE B 409 21.24 3.28 -34.95
C PHE B 409 20.73 1.83 -34.79
N THR B 410 20.15 1.53 -33.64
CA THR B 410 19.56 0.20 -33.45
C THR B 410 18.46 -0.09 -34.47
N ASN B 411 17.59 0.89 -34.69
CA ASN B 411 16.53 0.72 -35.68
C ASN B 411 17.11 0.48 -37.08
N GLU B 412 18.16 1.23 -37.41
CA GLU B 412 18.83 1.06 -38.70
C GLU B 412 19.50 -0.30 -38.83
N LEU B 413 20.23 -0.70 -37.79
CA LEU B 413 20.84 -2.05 -37.76
C LEU B 413 19.81 -3.16 -37.97
N PHE B 414 18.72 -3.11 -37.21
CA PHE B 414 17.69 -4.14 -37.31
C PHE B 414 17.10 -4.21 -38.73
N GLY B 415 16.86 -3.05 -39.34
CA GLY B 415 16.39 -3.05 -40.71
C GLY B 415 17.41 -3.69 -41.67
N ARG B 416 18.69 -3.37 -41.48
CA ARG B 416 19.73 -3.96 -42.33
C ARG B 416 19.83 -5.47 -42.14
N VAL B 417 19.68 -5.94 -40.91
CA VAL B 417 19.69 -7.38 -40.63
C VAL B 417 18.51 -8.05 -41.34
N GLU B 418 17.33 -7.44 -41.26
CA GLU B 418 16.15 -7.98 -41.96
C GLU B 418 16.41 -8.13 -43.44
N ASP B 419 17.07 -7.13 -44.00
CA ASP B 419 17.36 -7.14 -45.44
C ASP B 419 18.32 -8.27 -45.82
N VAL B 420 19.34 -8.50 -44.99
CA VAL B 420 20.27 -9.59 -45.25
C VAL B 420 19.55 -10.92 -45.26
N LEU B 421 18.62 -11.09 -44.30
CA LEU B 421 17.94 -12.37 -44.07
C LEU B 421 16.63 -12.56 -44.83
N GLY B 422 16.19 -11.54 -45.59
CA GLY B 422 14.93 -11.64 -46.32
C GLY B 422 13.71 -11.63 -45.41
N LEU B 423 13.83 -10.99 -44.25
CA LEU B 423 12.72 -10.92 -43.32
C LEU B 423 11.83 -9.74 -43.57
N PRO B 424 10.52 -9.87 -43.32
CA PRO B 424 9.67 -8.71 -43.48
C PRO B 424 10.12 -7.54 -42.58
N ARG B 425 9.94 -6.33 -43.05
CA ARG B 425 10.28 -5.16 -42.27
C ARG B 425 9.59 -5.21 -40.91
N ASN B 426 10.34 -4.90 -39.86
CA ASN B 426 9.86 -4.86 -38.47
C ASN B 426 9.64 -6.21 -37.81
N THR B 427 10.08 -7.29 -38.46
CA THR B 427 10.07 -8.59 -37.82
C THR B 427 10.86 -8.51 -36.50
N LEU B 428 11.99 -7.81 -36.52
CA LEU B 428 12.85 -7.71 -35.33
C LEU B 428 12.35 -6.59 -34.42
N LYS B 429 11.78 -7.00 -33.30
CA LYS B 429 11.23 -6.09 -32.29
C LYS B 429 12.29 -5.77 -31.26
N VAL B 430 12.14 -4.62 -30.61
CA VAL B 430 13.15 -4.20 -29.64
C VAL B 430 12.59 -3.88 -28.26
N GLY B 431 13.23 -4.48 -27.26
CA GLY B 431 12.99 -4.15 -25.86
C GLY B 431 14.04 -3.11 -25.53
N ILE B 432 13.60 -1.88 -25.27
CA ILE B 432 14.50 -0.79 -24.98
C ILE B 432 14.81 -0.66 -23.49
N MET B 433 16.08 -0.87 -23.12
CA MET B 433 16.47 -0.60 -21.76
C MET B 433 16.63 0.91 -21.58
N ASP B 434 16.01 1.45 -20.55
CA ASP B 434 16.18 2.85 -20.13
C ASP B 434 17.10 2.72 -18.92
N GLU B 435 18.40 2.75 -19.16
CA GLU B 435 19.38 2.47 -18.15
C GLU B 435 20.65 3.33 -18.25
N GLU B 436 20.53 4.44 -18.99
CA GLU B 436 21.60 5.43 -19.17
C GLU B 436 20.94 6.79 -19.10
N ARG B 437 21.60 7.73 -18.46
CA ARG B 437 21.02 9.04 -18.24
C ARG B 437 20.62 9.80 -19.51
N ARG B 438 21.42 9.70 -20.56
N ARG B 438 21.44 9.74 -20.57
CA ARG B 438 21.13 10.42 -21.79
CA ARG B 438 21.08 10.44 -21.83
C ARG B 438 19.93 9.80 -22.54
C ARG B 438 19.82 9.86 -22.42
N THR B 439 19.56 8.57 -22.17
CA THR B 439 18.30 7.98 -22.67
C THR B 439 17.16 8.45 -21.75
N THR B 440 17.32 8.36 -20.45
CA THR B 440 16.27 8.79 -19.54
C THR B 440 15.77 10.18 -19.84
N VAL B 441 16.68 11.13 -19.98
CA VAL B 441 16.26 12.54 -20.16
C VAL B 441 15.74 12.86 -21.55
N ASN B 442 15.90 11.93 -22.50
CA ASN B 442 15.39 12.11 -23.89
C ASN B 442 14.54 10.88 -24.25
N LEU B 443 13.87 10.29 -23.27
CA LEU B 443 13.23 9.00 -23.46
C LEU B 443 12.19 8.95 -24.57
N LYS B 444 11.34 9.98 -24.63
CA LYS B 444 10.31 10.03 -25.65
C LYS B 444 10.91 9.92 -27.06
N ALA B 445 11.99 10.65 -27.30
CA ALA B 445 12.68 10.61 -28.59
C ALA B 445 13.32 9.27 -28.87
N CYS B 446 13.81 8.61 -27.82
CA CYS B 446 14.43 7.30 -28.01
C CYS B 446 13.41 6.26 -28.45
N ILE B 447 12.23 6.27 -27.83
CA ILE B 447 11.16 5.37 -28.23
C ILE B 447 10.71 5.70 -29.66
N LYS B 448 10.59 6.99 -29.98
N LYS B 448 10.60 6.99 -29.97
CA LYS B 448 10.12 7.40 -31.30
CA LYS B 448 10.15 7.48 -31.28
C LYS B 448 11.02 6.87 -32.40
C LYS B 448 11.03 6.96 -32.41
N ALA B 449 12.34 6.86 -32.14
CA ALA B 449 13.31 6.37 -33.11
C ALA B 449 13.10 4.91 -33.48
N ALA B 450 12.35 4.15 -32.66
CA ALA B 450 12.06 2.74 -32.94
C ALA B 450 10.57 2.49 -32.76
N LYS B 451 9.76 3.46 -33.15
CA LYS B 451 8.34 3.45 -32.82
C LYS B 451 7.53 2.28 -33.36
N ASP B 452 7.99 1.63 -34.41
CA ASP B 452 7.26 0.49 -34.99
C ASP B 452 7.91 -0.84 -34.64
N ARG B 453 8.97 -0.79 -33.83
CA ARG B 453 9.61 -2.02 -33.34
C ARG B 453 9.50 -2.21 -31.81
N VAL B 454 9.20 -1.14 -31.09
CA VAL B 454 9.25 -1.20 -29.64
C VAL B 454 8.23 -2.17 -29.02
N VAL B 455 8.74 -3.08 -28.19
CA VAL B 455 7.89 -4.01 -27.44
C VAL B 455 8.05 -3.86 -25.94
N PHE B 456 9.06 -3.12 -25.49
CA PHE B 456 9.10 -2.74 -24.09
C PHE B 456 10.03 -1.57 -23.86
N ILE B 457 9.78 -0.87 -22.76
CA ILE B 457 10.76 0.02 -22.15
C ILE B 457 10.93 -0.54 -20.75
N ASN B 458 12.15 -0.48 -20.20
CA ASN B 458 12.39 -1.06 -18.87
C ASN B 458 13.43 -0.27 -18.14
N THR B 459 13.15 0.06 -16.89
CA THR B 459 14.13 0.75 -16.07
C THR B 459 15.20 -0.18 -15.49
N GLY B 460 16.35 -0.24 -16.18
CA GLY B 460 17.50 -1.02 -15.69
C GLY B 460 18.22 -0.15 -14.67
N PHE B 461 17.67 -0.14 -13.46
CA PHE B 461 18.11 0.80 -12.43
C PHE B 461 19.53 0.62 -11.96
N LEU B 462 20.09 -0.55 -12.14
CA LEU B 462 21.47 -0.83 -11.67
C LEU B 462 22.44 -0.12 -12.61
N ASP B 463 22.36 -0.46 -13.90
CA ASP B 463 23.17 0.28 -14.87
C ASP B 463 22.93 1.77 -14.75
N ARG B 464 21.66 2.16 -14.56
CA ARG B 464 21.34 3.57 -14.51
C ARG B 464 22.05 4.28 -13.37
N THR B 465 22.20 3.58 -12.25
CA THR B 465 22.91 4.10 -11.09
C THR B 465 24.41 4.23 -11.39
N GLY B 466 24.96 3.23 -12.08
CA GLY B 466 26.35 3.30 -12.51
C GLY B 466 26.58 4.50 -13.41
N ASP B 467 25.66 4.73 -14.34
CA ASP B 467 25.80 5.88 -15.24
C ASP B 467 25.65 7.19 -14.49
N GLU B 468 24.76 7.22 -13.50
CA GLU B 468 24.57 8.39 -12.68
C GLU B 468 25.90 8.78 -12.00
N ILE B 469 26.57 7.80 -11.40
CA ILE B 469 27.82 8.08 -10.70
C ILE B 469 28.92 8.50 -11.66
N HIS B 470 29.08 7.77 -12.77
CA HIS B 470 30.14 8.15 -13.70
C HIS B 470 29.91 9.53 -14.30
N THR B 471 28.67 9.82 -14.64
CA THR B 471 28.38 11.09 -15.29
C THR B 471 28.78 12.26 -14.44
N SER B 472 28.45 12.18 -13.15
CA SER B 472 28.76 13.24 -12.22
C SER B 472 30.00 12.98 -11.38
N MET B 473 30.87 12.12 -11.91
CA MET B 473 32.10 11.77 -11.21
C MET B 473 32.88 12.95 -10.67
N GLU B 474 33.01 14.02 -11.45
CA GLU B 474 33.80 15.19 -11.06
C GLU B 474 33.08 16.20 -10.16
N ALA B 475 31.78 16.00 -9.95
CA ALA B 475 31.00 16.96 -9.17
C ALA B 475 31.30 16.95 -7.69
N GLY B 476 31.66 15.79 -7.18
CA GLY B 476 31.94 15.61 -5.75
C GLY B 476 31.62 14.19 -5.35
N ALA B 477 31.75 13.91 -4.05
CA ALA B 477 31.47 12.58 -3.55
C ALA B 477 29.99 12.30 -3.54
N VAL B 478 29.62 11.13 -4.04
CA VAL B 478 28.24 10.73 -4.03
C VAL B 478 27.87 10.03 -2.73
N VAL B 479 26.58 9.91 -2.52
CA VAL B 479 26.06 9.22 -1.34
C VAL B 479 26.47 7.73 -1.37
N ARG B 480 26.38 7.10 -0.20
CA ARG B 480 26.65 5.67 -0.06
C ARG B 480 25.70 4.89 -0.94
N LYS B 481 26.12 3.69 -1.33
CA LYS B 481 25.33 2.88 -2.26
C LYS B 481 23.92 2.60 -1.81
N GLY B 482 23.79 2.26 -0.54
CA GLY B 482 22.50 1.97 0.05
C GLY B 482 21.57 3.15 0.23
N ALA B 483 22.11 4.36 0.10
CA ALA B 483 21.34 5.60 0.22
C ALA B 483 20.77 6.03 -1.12
N MET B 484 21.29 5.47 -2.21
CA MET B 484 20.82 5.87 -3.54
C MET B 484 19.33 5.69 -3.74
N LYS B 485 18.79 4.62 -3.16
CA LYS B 485 17.38 4.32 -3.33
C LYS B 485 16.44 5.43 -2.86
N SER B 486 16.90 6.31 -1.97
N SER B 486 16.94 6.28 -1.96
CA SER B 486 16.03 7.40 -1.49
CA SER B 486 16.17 7.38 -1.40
C SER B 486 16.39 8.76 -2.10
C SER B 486 16.56 8.75 -1.94
N GLU B 487 17.35 8.78 -3.02
CA GLU B 487 17.75 10.04 -3.65
C GLU B 487 16.64 10.48 -4.59
N LYS B 488 16.53 11.78 -4.80
CA LYS B 488 15.48 12.34 -5.63
C LYS B 488 15.49 11.85 -7.08
N TRP B 489 16.67 11.68 -7.65
CA TRP B 489 16.75 11.33 -9.06
C TRP B 489 16.10 9.99 -9.39
N ILE B 490 16.24 9.01 -8.50
CA ILE B 490 15.84 7.66 -8.86
C ILE B 490 14.34 7.47 -8.94
N GLY B 491 13.59 8.04 -8.00
CA GLY B 491 12.14 7.95 -8.05
C GLY B 491 11.61 8.70 -9.26
N ALA B 492 12.23 9.83 -9.60
CA ALA B 492 11.84 10.61 -10.77
C ALA B 492 12.13 9.82 -12.06
N TYR B 493 13.27 9.15 -12.12
CA TYR B 493 13.60 8.25 -13.24
C TYR B 493 12.55 7.14 -13.42
N GLU B 494 12.17 6.50 -12.32
CA GLU B 494 11.20 5.43 -12.38
C GLU B 494 9.86 5.95 -12.85
N ASN B 495 9.41 7.06 -12.29
CA ASN B 495 8.11 7.60 -12.67
C ASN B 495 8.11 8.12 -14.10
N ASN B 496 9.23 8.72 -14.52
CA ASN B 496 9.35 9.23 -15.87
C ASN B 496 9.16 8.12 -16.88
N ASN B 497 9.72 6.96 -16.61
CA ASN B 497 9.64 5.87 -17.56
C ASN B 497 8.18 5.47 -17.77
N VAL B 498 7.43 5.34 -16.67
CA VAL B 498 6.03 4.99 -16.77
C VAL B 498 5.26 6.11 -17.47
N ASP B 499 5.52 7.36 -17.08
CA ASP B 499 4.82 8.49 -17.69
C ASP B 499 5.02 8.56 -19.20
N VAL B 500 6.24 8.40 -19.65
CA VAL B 500 6.51 8.43 -21.08
C VAL B 500 5.86 7.22 -21.79
N GLY B 501 5.97 6.04 -21.21
CA GLY B 501 5.34 4.86 -21.80
C GLY B 501 3.84 5.03 -21.97
N LEU B 502 3.19 5.59 -20.96
CA LEU B 502 1.73 5.81 -21.03
C LEU B 502 1.35 6.93 -21.96
N ALA B 503 2.28 7.82 -22.30
CA ALA B 503 2.00 8.93 -23.23
C ALA B 503 2.35 8.62 -24.68
N THR B 504 3.07 7.53 -24.92
CA THR B 504 3.55 7.19 -26.26
C THR B 504 2.88 5.96 -26.87
N GLY B 505 1.75 5.53 -26.32
CA GLY B 505 1.00 4.48 -26.94
C GLY B 505 1.53 3.09 -26.79
N LEU B 506 2.35 2.85 -25.78
CA LEU B 506 2.80 1.50 -25.51
C LEU B 506 1.66 0.59 -25.04
N GLN B 507 0.63 1.17 -24.44
CA GLN B 507 -0.48 0.35 -23.94
C GLN B 507 -1.13 -0.43 -25.08
N GLY B 508 -1.17 -1.75 -24.91
CA GLY B 508 -1.76 -2.64 -25.90
C GLY B 508 -0.77 -3.21 -26.90
N LYS B 509 0.48 -2.72 -26.86
CA LYS B 509 1.53 -3.14 -27.80
C LYS B 509 2.85 -3.55 -27.17
N ALA B 510 3.06 -3.12 -25.93
CA ALA B 510 4.39 -3.24 -25.33
C ALA B 510 4.30 -3.24 -23.83
N GLN B 511 5.36 -3.71 -23.21
CA GLN B 511 5.45 -3.66 -21.76
C GLN B 511 6.13 -2.41 -21.27
N ILE B 512 5.66 -1.91 -20.11
CA ILE B 512 6.38 -0.89 -19.34
C ILE B 512 6.92 -1.75 -18.20
N GLY B 513 8.25 -1.87 -18.10
CA GLY B 513 8.84 -2.80 -17.13
C GLY B 513 9.76 -2.19 -16.11
N LYS B 514 9.91 -2.88 -14.98
CA LYS B 514 10.81 -2.45 -13.93
C LYS B 514 11.84 -3.53 -13.64
N GLY B 515 12.77 -3.18 -12.74
CA GLY B 515 13.99 -3.93 -12.57
C GLY B 515 14.04 -5.15 -11.72
N MET B 516 15.27 -5.63 -11.55
CA MET B 516 15.55 -6.90 -10.92
C MET B 516 15.56 -6.91 -9.41
N TRP B 517 14.96 -7.96 -8.85
CA TRP B 517 15.08 -8.25 -7.44
C TRP B 517 16.42 -8.98 -7.31
N ALA B 518 17.33 -8.39 -6.54
CA ALA B 518 18.73 -8.86 -6.52
C ALA B 518 19.17 -9.68 -5.30
N MET B 519 18.22 -10.13 -4.49
N MET B 519 18.21 -10.14 -4.50
CA MET B 519 18.51 -10.96 -3.30
CA MET B 519 18.48 -10.96 -3.29
C MET B 519 17.76 -12.28 -3.48
C MET B 519 17.75 -12.28 -3.48
N PRO B 520 18.37 -13.23 -4.20
CA PRO B 520 17.67 -14.46 -4.55
C PRO B 520 17.07 -15.32 -3.47
N ASP B 521 17.60 -15.22 -2.25
CA ASP B 521 17.10 -16.03 -1.14
C ASP B 521 16.22 -15.25 -0.19
N LEU B 522 16.02 -13.96 -0.41
CA LEU B 522 15.13 -13.17 0.44
C LEU B 522 13.78 -13.06 -0.25
N MET B 523 13.06 -14.17 -0.26
CA MET B 523 11.75 -14.24 -0.93
C MET B 523 10.61 -13.65 -0.11
N ALA B 524 10.69 -13.76 1.22
CA ALA B 524 9.70 -13.07 2.07
C ALA B 524 9.79 -11.56 1.82
N ALA B 525 11.01 -11.05 1.77
CA ALA B 525 11.23 -9.63 1.49
C ALA B 525 10.75 -9.27 0.09
N MET B 526 11.00 -10.13 -0.88
CA MET B 526 10.51 -9.85 -2.24
C MET B 526 8.99 -9.75 -2.25
N LEU B 527 8.36 -10.66 -1.51
N LEU B 527 8.31 -10.72 -1.63
CA LEU B 527 6.90 -10.67 -1.42
CA LEU B 527 6.82 -10.69 -1.63
C LEU B 527 6.35 -9.40 -0.71
C LEU B 527 6.29 -9.41 -1.00
N GLU B 528 7.07 -8.89 0.29
N GLU B 528 6.96 -9.00 0.08
CA GLU B 528 6.63 -7.68 0.96
CA GLU B 528 6.59 -7.78 0.79
C GLU B 528 6.87 -6.44 0.11
C GLU B 528 6.78 -6.54 -0.07
N GLN B 529 7.98 -6.41 -0.63
CA GLN B 529 8.40 -5.21 -1.34
C GLN B 529 8.08 -5.05 -2.79
N LYS B 530 8.17 -6.14 -3.55
CA LYS B 530 8.07 -6.04 -5.02
C LYS B 530 6.66 -5.76 -5.52
N ILE B 531 5.68 -5.75 -4.62
CA ILE B 531 4.34 -5.29 -4.96
C ILE B 531 4.42 -3.83 -5.48
N GLY B 532 5.46 -3.10 -5.11
CA GLY B 532 5.61 -1.72 -5.59
C GLY B 532 5.69 -1.61 -7.10
N HIS B 533 6.24 -2.62 -7.76
CA HIS B 533 6.37 -2.58 -9.22
C HIS B 533 5.00 -2.58 -9.94
N PRO B 534 4.11 -3.55 -9.66
CA PRO B 534 2.79 -3.46 -10.32
C PRO B 534 2.01 -2.25 -9.84
N LEU B 535 2.16 -1.86 -8.56
CA LEU B 535 1.47 -0.65 -8.09
C LEU B 535 1.87 0.58 -8.89
N ALA B 536 3.12 0.62 -9.31
CA ALA B 536 3.64 1.74 -10.10
C ALA B 536 3.25 1.69 -11.58
N GLY B 537 2.44 0.71 -11.96
CA GLY B 537 1.96 0.62 -13.33
C GLY B 537 2.82 -0.15 -14.29
N ALA B 538 3.75 -0.96 -13.78
CA ALA B 538 4.58 -1.76 -14.65
C ALA B 538 3.89 -3.07 -15.03
N ASN B 539 3.79 -3.30 -16.34
CA ASN B 539 3.27 -4.54 -16.90
C ASN B 539 4.08 -5.75 -16.47
N THR B 540 5.37 -5.51 -16.19
CA THR B 540 6.25 -6.59 -15.82
C THR B 540 7.41 -6.04 -15.01
N ALA B 541 8.10 -6.94 -14.31
CA ALA B 541 9.30 -6.56 -13.59
C ALA B 541 10.16 -7.81 -13.51
N TRP B 542 11.45 -7.60 -13.31
CA TRP B 542 12.43 -8.68 -13.42
C TRP B 542 12.65 -9.49 -12.16
N VAL B 543 12.77 -10.79 -12.37
CA VAL B 543 13.02 -11.75 -11.31
C VAL B 543 14.22 -12.60 -11.68
N PRO B 544 14.93 -13.12 -10.65
CA PRO B 544 16.17 -13.84 -10.85
C PRO B 544 16.08 -15.35 -11.01
N SER B 545 14.91 -15.94 -10.84
CA SER B 545 14.78 -17.41 -10.92
C SER B 545 13.34 -17.80 -11.19
N PRO B 546 13.13 -19.04 -11.66
CA PRO B 546 11.76 -19.55 -11.81
C PRO B 546 10.98 -19.48 -10.49
N THR B 547 11.61 -19.80 -9.38
CA THR B 547 10.94 -19.72 -8.09
C THR B 547 10.47 -18.29 -7.79
N ALA B 548 11.33 -17.32 -8.01
CA ALA B 548 10.95 -15.92 -7.79
C ALA B 548 9.84 -15.51 -8.74
N ALA B 549 9.82 -16.06 -9.95
CA ALA B 549 8.71 -15.75 -10.88
C ALA B 549 7.37 -16.26 -10.35
N THR B 550 7.38 -17.48 -9.83
CA THR B 550 6.16 -18.05 -9.26
C THR B 550 5.65 -17.18 -8.11
N LEU B 551 6.55 -16.70 -7.25
CA LEU B 551 6.12 -15.90 -6.11
C LEU B 551 5.73 -14.49 -6.55
N HIS B 552 6.50 -13.86 -7.43
CA HIS B 552 6.16 -12.51 -7.91
C HIS B 552 4.82 -12.53 -8.66
N ALA B 553 4.45 -13.66 -9.26
CA ALA B 553 3.14 -13.74 -9.92
C ALA B 553 2.00 -13.41 -8.95
N LEU B 554 2.19 -13.70 -7.67
CA LEU B 554 1.18 -13.39 -6.66
C LEU B 554 0.85 -11.90 -6.63
N HIS B 555 1.84 -11.07 -6.93
CA HIS B 555 1.62 -9.64 -6.90
C HIS B 555 0.64 -9.16 -7.96
N TYR B 556 0.61 -9.86 -9.10
CA TYR B 556 -0.26 -9.49 -10.22
C TYR B 556 -1.68 -9.97 -9.98
N HIS B 557 -1.86 -10.89 -9.05
CA HIS B 557 -3.21 -11.23 -8.58
C HIS B 557 -3.65 -10.18 -7.53
N LYS B 558 -2.72 -9.69 -6.72
CA LYS B 558 -3.05 -8.69 -5.72
C LYS B 558 -3.37 -7.33 -6.34
N VAL B 559 -2.62 -6.97 -7.38
CA VAL B 559 -2.73 -5.65 -8.00
C VAL B 559 -3.13 -5.77 -9.46
N ASP B 560 -4.15 -5.02 -9.85
CA ASP B 560 -4.63 -4.98 -11.24
C ASP B 560 -3.80 -3.93 -11.96
N VAL B 561 -2.73 -4.35 -12.61
CA VAL B 561 -1.83 -3.40 -13.28
C VAL B 561 -2.50 -2.55 -14.33
N PHE B 562 -3.38 -3.13 -15.15
CA PHE B 562 -4.04 -2.34 -16.18
C PHE B 562 -4.89 -1.24 -15.61
N ALA B 563 -5.56 -1.52 -14.50
CA ALA B 563 -6.36 -0.49 -13.82
C ALA B 563 -5.43 0.57 -13.21
N ARG B 564 -4.30 0.16 -12.64
CA ARG B 564 -3.35 1.15 -12.12
C ARG B 564 -2.88 2.08 -13.26
N GLN B 565 -2.59 1.49 -14.44
CA GLN B 565 -2.15 2.31 -15.57
C GLN B 565 -3.16 3.32 -16.05
N ALA B 566 -4.43 2.93 -16.08
CA ALA B 566 -5.48 3.84 -16.50
C ALA B 566 -5.50 5.11 -15.65
N GLU B 567 -5.28 4.98 -14.34
CA GLU B 567 -5.26 6.14 -13.45
C GLU B 567 -3.94 6.90 -13.58
N LEU B 568 -2.82 6.16 -13.64
CA LEU B 568 -1.50 6.80 -13.75
C LEU B 568 -1.37 7.61 -15.01
N ALA B 569 -2.09 7.26 -16.06
CA ALA B 569 -2.04 7.99 -17.33
C ALA B 569 -2.46 9.45 -17.18
N LYS B 570 -3.15 9.78 -16.09
CA LYS B 570 -3.63 11.14 -15.83
C LYS B 570 -2.68 12.03 -15.08
N ARG B 571 -1.63 11.48 -14.47
CA ARG B 571 -0.85 12.37 -13.62
C ARG B 571 0.12 13.28 -14.37
N THR B 572 0.53 14.33 -13.66
CA THR B 572 1.50 15.28 -14.13
C THR B 572 2.81 14.53 -14.24
N PRO B 573 3.47 14.61 -15.40
CA PRO B 573 4.69 13.84 -15.61
C PRO B 573 5.84 14.22 -14.70
N ALA B 574 6.71 13.25 -14.44
CA ALA B 574 7.92 13.46 -13.63
C ALA B 574 8.70 14.61 -14.23
N SER B 575 9.32 15.42 -13.36
N SER B 575 9.34 15.39 -13.35
CA SER B 575 10.07 16.59 -13.84
CA SER B 575 10.11 16.55 -13.76
C SER B 575 11.54 16.24 -14.09
C SER B 575 11.56 16.22 -14.08
N VAL B 576 12.05 16.76 -15.20
CA VAL B 576 13.43 16.53 -15.56
C VAL B 576 14.34 17.18 -14.50
N ASP B 577 13.88 18.25 -13.85
CA ASP B 577 14.69 18.89 -12.81
C ASP B 577 14.98 17.94 -11.64
N ASP B 578 14.01 17.07 -11.30
CA ASP B 578 14.23 16.08 -10.27
C ASP B 578 15.23 15.02 -10.76
N ILE B 579 15.08 14.59 -12.02
CA ILE B 579 16.02 13.62 -12.61
C ILE B 579 17.45 14.19 -12.65
N LEU B 580 17.59 15.49 -12.90
CA LEU B 580 18.91 16.15 -12.96
C LEU B 580 19.48 16.49 -11.59
N THR B 581 18.84 16.07 -10.51
CA THR B 581 19.37 16.33 -9.17
C THR B 581 20.46 15.31 -8.89
N ILE B 582 21.70 15.75 -8.91
CA ILE B 582 22.85 14.86 -8.70
C ILE B 582 22.92 14.35 -7.26
N PRO B 583 23.14 13.04 -7.06
CA PRO B 583 23.13 12.46 -5.71
C PRO B 583 24.42 12.71 -4.93
N LEU B 584 24.78 13.97 -4.80
CA LEU B 584 25.97 14.34 -4.02
C LEU B 584 25.69 14.19 -2.53
N ALA B 585 26.66 13.66 -1.80
CA ALA B 585 26.52 13.60 -0.35
C ALA B 585 26.48 15.04 0.19
N PRO B 586 25.51 15.36 1.07
CA PRO B 586 25.44 16.72 1.65
C PRO B 586 26.75 17.13 2.31
N ASN B 587 27.43 16.14 2.89
CA ASN B 587 28.75 16.33 3.49
C ASN B 587 29.48 15.00 3.45
N THR B 588 30.81 15.06 3.56
CA THR B 588 31.65 13.87 3.54
C THR B 588 32.09 13.51 4.95
N ASN B 589 31.31 13.93 5.96
CA ASN B 589 31.64 13.70 7.37
C ASN B 589 31.14 12.36 7.90
N TRP B 590 31.23 11.31 7.07
CA TRP B 590 30.87 9.97 7.53
C TRP B 590 31.91 9.58 8.56
N THR B 591 31.55 8.70 9.49
CA THR B 591 32.50 8.22 10.48
C THR B 591 33.45 7.23 9.82
N ALA B 592 34.61 7.01 10.42
CA ALA B 592 35.60 6.05 9.92
C ALA B 592 34.96 4.67 9.76
N GLU B 593 34.07 4.35 10.71
CA GLU B 593 33.36 3.08 10.71
C GLU B 593 32.42 2.97 9.49
N GLU B 594 31.67 4.04 9.23
CA GLU B 594 30.75 4.09 8.10
C GLU B 594 31.50 3.98 6.78
N ILE B 595 32.62 4.69 6.67
CA ILE B 595 33.44 4.62 5.47
C ILE B 595 34.02 3.22 5.27
N LYS B 596 34.51 2.62 6.35
CA LYS B 596 35.08 1.28 6.25
C LYS B 596 34.03 0.25 5.83
N ASN B 597 32.82 0.41 6.35
CA ASN B 597 31.72 -0.51 5.99
C ASN B 597 31.40 -0.39 4.48
N GLU B 598 31.36 0.84 3.99
CA GLU B 598 31.07 1.07 2.57
C GLU B 598 32.18 0.49 1.69
N VAL B 599 33.45 0.76 2.04
CA VAL B 599 34.55 0.25 1.25
C VAL B 599 34.62 -1.27 1.24
N ASP B 600 34.55 -1.87 2.43
CA ASP B 600 34.64 -3.32 2.55
C ASP B 600 33.48 -4.02 1.87
N ASN B 601 32.28 -3.48 1.98
CA ASN B 601 31.12 -4.11 1.35
C ASN B 601 31.25 -4.08 -0.17
N ASN B 602 31.62 -2.93 -0.70
CA ASN B 602 31.83 -2.82 -2.15
C ASN B 602 32.99 -3.72 -2.61
N ALA B 603 34.08 -3.75 -1.85
CA ALA B 603 35.23 -4.58 -2.20
C ALA B 603 34.85 -6.06 -2.24
N GLN B 604 34.09 -6.50 -1.25
N GLN B 604 34.08 -6.50 -1.24
CA GLN B 604 33.60 -7.87 -1.19
CA GLN B 604 33.57 -7.88 -1.16
C GLN B 604 32.79 -8.24 -2.43
C GLN B 604 32.77 -8.25 -2.41
N GLY B 605 31.84 -7.39 -2.80
CA GLY B 605 31.00 -7.65 -3.96
C GLY B 605 31.81 -7.66 -5.23
N ILE B 606 32.73 -6.71 -5.36
CA ILE B 606 33.58 -6.64 -6.55
C ILE B 606 34.42 -7.90 -6.68
N LEU B 607 35.13 -8.25 -5.62
CA LEU B 607 36.03 -9.40 -5.69
C LEU B 607 35.32 -10.71 -5.87
N GLY B 608 34.21 -10.89 -5.16
CA GLY B 608 33.47 -12.16 -5.27
C GLY B 608 32.98 -12.41 -6.67
N TYR B 609 32.59 -11.33 -7.33
CA TYR B 609 32.12 -11.41 -8.71
C TYR B 609 33.26 -11.55 -9.72
N VAL B 610 34.24 -10.66 -9.63
CA VAL B 610 35.34 -10.63 -10.59
C VAL B 610 36.18 -11.91 -10.59
N VAL B 611 36.41 -12.50 -9.43
CA VAL B 611 37.28 -13.68 -9.43
C VAL B 611 36.67 -14.82 -10.23
N ARG B 612 35.35 -14.98 -10.15
N ARG B 612 35.35 -14.97 -10.16
CA ARG B 612 34.69 -16.04 -10.90
CA ARG B 612 34.67 -16.03 -10.90
C ARG B 612 34.60 -15.67 -12.38
C ARG B 612 34.47 -15.67 -12.37
N TRP B 613 34.47 -14.38 -12.68
CA TRP B 613 34.36 -13.92 -14.08
C TRP B 613 35.69 -14.22 -14.76
N ILE B 614 36.78 -13.75 -14.17
CA ILE B 614 38.08 -13.89 -14.79
C ILE B 614 38.62 -15.29 -14.82
N ASP B 615 38.56 -16.01 -13.70
CA ASP B 615 39.17 -17.34 -13.67
C ASP B 615 38.30 -18.44 -14.23
N GLN B 616 36.99 -18.27 -14.15
CA GLN B 616 36.04 -19.34 -14.53
C GLN B 616 35.08 -18.97 -15.62
N GLY B 617 35.09 -17.71 -16.07
CA GLY B 617 34.18 -17.28 -17.14
C GLY B 617 32.72 -17.32 -16.73
N VAL B 618 32.44 -17.05 -15.46
CA VAL B 618 31.05 -17.03 -14.96
C VAL B 618 30.62 -15.58 -14.83
N GLY B 619 29.56 -15.21 -15.56
CA GLY B 619 29.09 -13.83 -15.61
C GLY B 619 28.04 -13.40 -14.62
N CYS B 620 27.57 -14.33 -13.79
CA CYS B 620 26.59 -14.01 -12.79
C CYS B 620 26.84 -14.90 -11.59
N SER B 621 27.05 -14.28 -10.43
CA SER B 621 27.33 -15.02 -9.20
C SER B 621 26.57 -14.47 -8.03
N LYS B 622 26.25 -15.35 -7.08
CA LYS B 622 25.65 -14.93 -5.83
C LYS B 622 26.82 -14.73 -4.85
N VAL B 623 26.96 -13.52 -4.34
CA VAL B 623 28.07 -13.17 -3.47
C VAL B 623 27.55 -12.62 -2.16
N PRO B 624 27.90 -13.24 -1.03
CA PRO B 624 27.44 -12.70 0.23
C PRO B 624 28.00 -11.32 0.48
N ASP B 625 27.16 -10.41 0.97
CA ASP B 625 27.64 -9.07 1.30
C ASP B 625 28.25 -9.07 2.71
N ILE B 626 28.61 -7.88 3.17
CA ILE B 626 29.25 -7.67 4.46
C ILE B 626 28.38 -8.17 5.62
N ASN B 627 27.06 -8.25 5.39
CA ASN B 627 26.11 -8.77 6.40
C ASN B 627 25.63 -10.20 6.09
N ASP B 628 26.35 -10.91 5.24
CA ASP B 628 26.02 -12.29 4.86
C ASP B 628 24.73 -12.49 4.05
N VAL B 629 24.21 -11.41 3.45
CA VAL B 629 23.05 -11.52 2.56
C VAL B 629 23.59 -11.88 1.17
N GLY B 630 23.02 -12.92 0.57
CA GLY B 630 23.43 -13.37 -0.76
C GLY B 630 22.92 -12.43 -1.82
N LEU B 631 23.82 -11.71 -2.47
CA LEU B 631 23.40 -10.77 -3.48
C LEU B 631 23.74 -11.25 -4.87
N MET B 632 22.80 -11.16 -5.80
N MET B 632 22.81 -11.04 -5.78
CA MET B 632 23.09 -11.55 -7.19
CA MET B 632 23.05 -11.27 -7.18
C MET B 632 23.95 -10.42 -7.81
C MET B 632 24.12 -10.30 -7.62
N GLU B 633 25.11 -10.80 -8.34
CA GLU B 633 26.10 -9.87 -8.91
C GLU B 633 26.21 -10.14 -10.40
N ASP B 634 26.16 -9.06 -11.16
CA ASP B 634 26.36 -9.08 -12.62
C ASP B 634 27.16 -7.85 -12.98
N ARG B 635 27.34 -7.56 -14.26
CA ARG B 635 28.18 -6.42 -14.59
C ARG B 635 27.62 -5.10 -14.11
N ALA B 636 26.30 -4.98 -14.05
CA ALA B 636 25.70 -3.71 -13.60
C ALA B 636 25.94 -3.46 -12.12
N THR B 637 25.82 -4.49 -11.30
CA THR B 637 26.11 -4.30 -9.87
C THR B 637 27.60 -3.97 -9.68
N LEU B 638 28.45 -4.57 -10.49
CA LEU B 638 29.88 -4.28 -10.47
C LEU B 638 30.14 -2.82 -10.90
N ARG B 639 29.43 -2.37 -11.92
CA ARG B 639 29.55 -1.01 -12.41
C ARG B 639 29.27 -0.02 -11.26
N ILE B 640 28.21 -0.25 -10.49
CA ILE B 640 27.92 0.64 -9.37
C ILE B 640 29.03 0.61 -8.32
N SER B 641 29.43 -0.59 -7.91
CA SER B 641 30.38 -0.70 -6.80
C SER B 641 31.72 -0.10 -7.15
N SER B 642 32.20 -0.41 -8.36
CA SER B 642 33.50 0.10 -8.79
C SER B 642 33.46 1.59 -8.98
N GLN B 643 32.38 2.11 -9.58
CA GLN B 643 32.28 3.56 -9.80
C GLN B 643 32.15 4.32 -8.49
N LEU B 644 31.44 3.74 -7.51
CA LEU B 644 31.29 4.40 -6.22
C LEU B 644 32.65 4.54 -5.55
N LEU B 645 33.41 3.45 -5.50
CA LEU B 645 34.74 3.52 -4.90
C LEU B 645 35.65 4.44 -5.67
N ALA B 646 35.55 4.42 -7.00
CA ALA B 646 36.39 5.31 -7.80
C ALA B 646 36.07 6.77 -7.48
N ASN B 647 34.80 7.07 -7.28
CA ASN B 647 34.33 8.42 -6.93
C ASN B 647 34.82 8.85 -5.54
N TRP B 648 34.72 7.95 -4.57
CA TRP B 648 35.22 8.24 -3.22
C TRP B 648 36.73 8.46 -3.24
N LEU B 649 37.44 7.65 -4.03
N LEU B 649 37.45 7.67 -4.02
CA LEU B 649 38.89 7.79 -4.17
CA LEU B 649 38.88 7.90 -4.15
C LEU B 649 39.24 9.12 -4.88
C LEU B 649 39.13 9.24 -4.77
N ARG B 650 38.45 9.48 -5.89
CA ARG B 650 38.64 10.70 -6.63
C ARG B 650 38.53 11.95 -5.77
N HIS B 651 37.58 11.95 -4.83
CA HIS B 651 37.33 13.11 -3.98
C HIS B 651 37.91 13.03 -2.58
N GLY B 652 38.82 12.08 -2.37
CA GLY B 652 39.54 12.02 -1.11
C GLY B 652 38.80 11.48 0.08
N VAL B 653 37.64 10.89 -0.11
CA VAL B 653 36.92 10.29 1.01
C VAL B 653 37.75 9.10 1.53
N ILE B 654 38.40 8.41 0.60
CA ILE B 654 39.25 7.26 0.88
C ILE B 654 40.53 7.47 0.07
N SER B 655 41.60 6.85 0.54
CA SER B 655 42.87 6.94 -0.13
C SER B 655 43.10 5.69 -0.89
N GLN B 656 44.05 5.72 -1.81
CA GLN B 656 44.40 4.52 -2.56
C GLN B 656 44.96 3.44 -1.63
N GLU B 657 45.73 3.86 -0.63
CA GLU B 657 46.26 2.92 0.35
C GLU B 657 45.10 2.15 1.02
N GLN B 658 44.01 2.84 1.36
N GLN B 658 44.01 2.85 1.34
CA GLN B 658 42.85 2.19 1.98
CA GLN B 658 42.85 2.23 1.98
C GLN B 658 42.20 1.22 1.00
C GLN B 658 42.11 1.28 1.04
N VAL B 659 42.05 1.65 -0.24
CA VAL B 659 41.41 0.79 -1.27
C VAL B 659 42.18 -0.53 -1.40
N VAL B 660 43.49 -0.45 -1.58
CA VAL B 660 44.33 -1.63 -1.75
C VAL B 660 44.29 -2.51 -0.51
N GLU B 661 44.41 -1.91 0.67
CA GLU B 661 44.37 -2.69 1.91
C GLU B 661 43.04 -3.42 2.06
N SER B 662 41.93 -2.73 1.73
N SER B 662 41.96 -2.74 1.73
CA SER B 662 40.60 -3.32 1.85
CA SER B 662 40.63 -3.31 1.86
C SER B 662 40.41 -4.45 0.84
C SER B 662 40.39 -4.43 0.84
N LEU B 663 40.86 -4.24 -0.39
CA LEU B 663 40.73 -5.26 -1.43
C LEU B 663 41.53 -6.52 -1.03
N LYS B 664 42.72 -6.33 -0.50
CA LYS B 664 43.52 -7.49 -0.07
C LYS B 664 42.88 -8.22 1.08
N ARG B 665 42.31 -7.49 2.03
CA ARG B 665 41.65 -8.08 3.17
C ARG B 665 40.38 -8.82 2.72
N MET B 666 39.57 -8.20 1.87
CA MET B 666 38.36 -8.85 1.42
C MET B 666 38.64 -10.03 0.48
N ALA B 667 39.77 -10.01 -0.24
CA ALA B 667 40.13 -11.14 -1.11
C ALA B 667 40.32 -12.41 -0.27
N VAL B 668 40.87 -12.25 0.93
CA VAL B 668 41.06 -13.40 1.83
C VAL B 668 39.69 -13.98 2.21
N VAL B 669 38.71 -13.11 2.45
CA VAL B 669 37.35 -13.55 2.77
C VAL B 669 36.75 -14.29 1.55
N VAL B 670 36.85 -13.70 0.37
CA VAL B 670 36.35 -14.36 -0.83
C VAL B 670 37.04 -15.71 -1.08
N ASP B 671 38.34 -15.78 -0.83
CA ASP B 671 39.05 -17.05 -0.97
C ASP B 671 38.45 -18.12 -0.05
N ARG B 672 38.12 -17.72 1.17
N ARG B 672 38.14 -17.73 1.19
CA ARG B 672 37.54 -18.63 2.15
CA ARG B 672 37.55 -18.65 2.16
C ARG B 672 36.15 -19.09 1.72
C ARG B 672 36.14 -19.09 1.73
N GLN B 673 35.35 -18.16 1.21
CA GLN B 673 34.01 -18.49 0.75
C GLN B 673 33.99 -19.49 -0.40
N ASN B 674 35.04 -19.47 -1.20
CA ASN B 674 35.14 -20.35 -2.38
C ASN B 674 36.07 -21.52 -2.19
N ALA B 675 36.62 -21.70 -0.99
CA ALA B 675 37.69 -22.71 -0.80
C ALA B 675 37.32 -24.16 -1.08
N SER B 676 36.07 -24.52 -0.85
N SER B 676 36.06 -24.51 -0.85
CA SER B 676 35.61 -25.90 -1.07
CA SER B 676 35.58 -25.90 -1.06
C SER B 676 35.38 -26.21 -2.54
C SER B 676 35.14 -26.17 -2.51
N ASP B 677 35.31 -25.18 -3.37
CA ASP B 677 35.00 -25.33 -4.81
C ASP B 677 36.27 -25.80 -5.53
N PRO B 678 36.28 -27.01 -6.11
CA PRO B 678 37.52 -27.48 -6.73
C PRO B 678 37.98 -26.70 -7.96
N SER B 679 37.08 -25.89 -8.52
CA SER B 679 37.42 -25.08 -9.69
C SER B 679 38.00 -23.72 -9.31
N TYR B 680 38.04 -23.42 -8.02
CA TYR B 680 38.55 -22.14 -7.54
C TYR B 680 40.00 -22.21 -7.13
N ARG B 681 40.72 -21.12 -7.37
CA ARG B 681 42.10 -20.96 -6.92
C ARG B 681 42.18 -19.60 -6.24
N PRO B 682 42.84 -19.55 -5.08
CA PRO B 682 42.87 -18.30 -4.31
C PRO B 682 43.66 -17.14 -4.89
N MET B 683 43.22 -15.94 -4.53
CA MET B 683 43.90 -14.70 -4.94
C MET B 683 45.06 -14.38 -3.99
N ALA B 684 44.88 -14.60 -2.70
CA ALA B 684 45.94 -14.33 -1.73
C ALA B 684 46.85 -15.55 -1.67
N PRO B 685 48.13 -15.38 -1.37
CA PRO B 685 48.78 -14.10 -1.05
C PRO B 685 49.50 -13.43 -2.23
N ASN B 686 49.51 -14.09 -3.38
N ASN B 686 49.62 -14.09 -3.39
CA ASN B 686 50.19 -13.63 -4.57
CA ASN B 686 50.35 -13.47 -4.52
C ASN B 686 49.31 -12.68 -5.37
C ASN B 686 49.42 -12.63 -5.37
N PHE B 687 49.02 -11.51 -4.80
CA PHE B 687 48.14 -10.53 -5.47
C PHE B 687 48.71 -9.94 -6.75
N ASP B 688 50.00 -9.64 -6.74
CA ASP B 688 50.60 -9.00 -7.94
C ASP B 688 50.51 -9.84 -9.22
N ASP B 689 50.61 -11.15 -9.09
CA ASP B 689 50.54 -12.04 -10.24
C ASP B 689 49.14 -12.61 -10.48
N ASN B 690 48.15 -12.17 -9.72
CA ASN B 690 46.82 -12.70 -9.88
C ASN B 690 46.01 -11.83 -10.83
N VAL B 691 45.70 -12.37 -12.00
CA VAL B 691 45.00 -11.61 -13.02
C VAL B 691 43.64 -11.11 -12.53
N ALA B 692 42.87 -11.94 -11.82
CA ALA B 692 41.58 -11.52 -11.31
C ALA B 692 41.70 -10.39 -10.31
N PHE B 693 42.63 -10.52 -9.37
CA PHE B 693 42.82 -9.45 -8.42
C PHE B 693 43.19 -8.15 -9.14
N GLN B 694 44.10 -8.24 -10.11
CA GLN B 694 44.49 -7.07 -10.89
C GLN B 694 43.33 -6.42 -11.63
N ALA B 695 42.38 -7.24 -12.11
CA ALA B 695 41.19 -6.75 -12.77
C ALA B 695 40.33 -5.96 -11.79
N ALA B 696 40.13 -6.53 -10.60
CA ALA B 696 39.33 -5.86 -9.56
C ALA B 696 39.97 -4.54 -9.17
N LEU B 697 41.27 -4.57 -8.95
CA LEU B 697 41.99 -3.37 -8.58
C LEU B 697 41.86 -2.28 -9.67
N GLU B 698 42.07 -2.69 -10.91
CA GLU B 698 41.96 -1.79 -12.04
C GLU B 698 40.57 -1.13 -12.17
N LEU B 699 39.51 -1.92 -11.97
CA LEU B 699 38.15 -1.37 -12.04
C LEU B 699 37.89 -0.25 -11.04
N VAL B 700 38.54 -0.34 -9.88
CA VAL B 700 38.40 0.69 -8.87
C VAL B 700 39.35 1.84 -9.08
N VAL B 701 40.65 1.56 -9.07
N VAL B 701 40.65 1.57 -9.07
CA VAL B 701 41.66 2.60 -9.21
CA VAL B 701 41.62 2.66 -9.19
C VAL B 701 41.58 3.35 -10.53
C VAL B 701 41.58 3.37 -10.54
N GLU B 702 41.20 2.67 -11.60
CA GLU B 702 41.05 3.29 -12.91
C GLU B 702 39.60 3.41 -13.34
N GLY B 703 38.69 3.40 -12.35
CA GLY B 703 37.28 3.55 -12.66
C GLY B 703 36.94 4.84 -13.39
N THR B 704 37.67 5.91 -13.07
CA THR B 704 37.44 7.20 -13.73
C THR B 704 37.75 7.16 -15.24
N ARG B 705 38.57 6.18 -15.66
CA ARG B 705 38.98 6.10 -17.08
C ARG B 705 38.15 5.15 -17.91
N GLN B 706 37.19 4.47 -17.30
CA GLN B 706 36.36 3.54 -18.05
C GLN B 706 35.23 4.31 -18.71
N PRO B 707 34.96 4.07 -20.01
CA PRO B 707 33.94 4.86 -20.73
C PRO B 707 32.59 4.64 -20.08
N ASN B 708 31.96 5.72 -19.62
CA ASN B 708 30.70 5.67 -18.91
C ASN B 708 30.70 4.69 -17.74
N GLY B 709 31.89 4.40 -17.24
CA GLY B 709 32.05 3.48 -16.14
C GLY B 709 31.84 2.03 -16.48
N TYR B 710 31.79 1.71 -17.77
CA TYR B 710 31.58 0.33 -18.17
C TYR B 710 32.70 -0.58 -17.74
N THR B 711 32.31 -1.79 -17.34
CA THR B 711 33.26 -2.77 -16.83
C THR B 711 33.80 -3.75 -17.89
N GLU B 712 33.14 -3.82 -19.05
CA GLU B 712 33.56 -4.76 -20.07
C GLU B 712 34.97 -4.57 -20.59
N PRO B 713 35.40 -3.33 -20.82
CA PRO B 713 36.76 -3.24 -21.37
C PRO B 713 37.80 -3.95 -20.50
N VAL B 714 37.76 -3.73 -19.19
CA VAL B 714 38.68 -4.39 -18.27
C VAL B 714 38.38 -5.88 -18.17
N LEU B 715 37.13 -6.24 -17.99
CA LEU B 715 36.82 -7.67 -17.84
C LEU B 715 37.21 -8.48 -19.06
N HIS B 716 36.87 -7.97 -20.23
CA HIS B 716 37.21 -8.69 -21.46
C HIS B 716 38.71 -8.84 -21.64
N ARG B 717 39.46 -7.75 -21.46
CA ARG B 717 40.91 -7.85 -21.61
C ARG B 717 41.51 -8.79 -20.57
N ARG B 718 41.05 -8.68 -19.33
CA ARG B 718 41.65 -9.50 -18.28
C ARG B 718 41.28 -10.99 -18.41
N ARG B 719 40.06 -11.29 -18.86
CA ARG B 719 39.67 -12.67 -19.08
C ARG B 719 40.50 -13.25 -20.22
N ARG B 720 40.72 -12.45 -21.26
CA ARG B 720 41.56 -12.92 -22.39
C ARG B 720 43.00 -13.17 -21.92
N GLU B 721 43.50 -12.29 -21.05
CA GLU B 721 44.83 -12.47 -20.47
C GLU B 721 44.89 -13.77 -19.65
N PHE B 722 43.88 -14.00 -18.82
CA PHE B 722 43.81 -15.23 -18.05
C PHE B 722 43.80 -16.44 -18.98
N LYS B 723 42.96 -16.43 -20.03
CA LYS B 723 42.97 -17.56 -20.95
C LYS B 723 44.33 -17.78 -21.60
N ALA B 724 44.99 -16.70 -22.01
CA ALA B 724 46.30 -16.82 -22.64
C ALA B 724 47.33 -17.44 -21.69
N LYS B 725 47.28 -17.09 -20.41
CA LYS B 725 48.24 -17.59 -19.41
C LYS B 725 47.86 -18.93 -18.80
N ASN B 726 46.71 -19.48 -19.15
CA ASN B 726 46.24 -20.76 -18.59
C ASN B 726 45.85 -21.81 -19.64
N GLY B 727 46.39 -21.64 -20.84
CA GLY B 727 46.17 -22.56 -21.96
C GLY B 727 44.73 -22.75 -22.39
N LEU B 728 43.92 -21.71 -22.25
CA LEU B 728 42.49 -21.76 -22.60
C LEU B 728 42.20 -21.02 -23.90
#